data_4U12
# 
_entry.id   4U12 
# 
_audit_conform.dict_name       mmcif_pdbx.dic 
_audit_conform.dict_version    5.398 
_audit_conform.dict_location   http://mmcif.pdb.org/dictionaries/ascii/mmcif_pdbx.dic 
# 
loop_
_database_2.database_id 
_database_2.database_code 
_database_2.pdbx_database_accession 
_database_2.pdbx_DOI 
PDB   4U12         pdb_00004u12 10.2210/pdb4u12/pdb 
WWPDB D_1000202521 ?            ?                   
# 
loop_
_pdbx_audit_revision_history.ordinal 
_pdbx_audit_revision_history.data_content_type 
_pdbx_audit_revision_history.major_revision 
_pdbx_audit_revision_history.minor_revision 
_pdbx_audit_revision_history.revision_date 
1 'Structure model' 1 0 2014-07-23 
2 'Structure model' 1 1 2014-08-06 
3 'Structure model' 1 2 2017-09-20 
4 'Structure model' 1 3 2019-12-25 
5 'Structure model' 1 4 2022-04-13 
6 'Structure model' 1 5 2023-12-27 
7 'Structure model' 1 6 2024-11-13 
# 
_pdbx_audit_revision_details.ordinal             1 
_pdbx_audit_revision_details.revision_ordinal    1 
_pdbx_audit_revision_details.data_content_type   'Structure model' 
_pdbx_audit_revision_details.provider            repository 
_pdbx_audit_revision_details.type                'Initial release' 
_pdbx_audit_revision_details.description         ? 
_pdbx_audit_revision_details.details             ? 
# 
loop_
_pdbx_audit_revision_group.ordinal 
_pdbx_audit_revision_group.revision_ordinal 
_pdbx_audit_revision_group.data_content_type 
_pdbx_audit_revision_group.group 
1  2 'Structure model' 'Structure summary'          
2  3 'Structure model' 'Author supporting evidence' 
3  3 'Structure model' 'Database references'        
4  3 'Structure model' 'Derived calculations'       
5  3 'Structure model' Other                        
6  3 'Structure model' 'Source and taxonomy'        
7  4 'Structure model' 'Author supporting evidence' 
8  5 'Structure model' 'Database references'        
9  5 'Structure model' 'Refinement description'     
10 5 'Structure model' 'Structure summary'          
11 6 'Structure model' 'Data collection'            
12 7 'Structure model' 'Structure summary'          
# 
loop_
_pdbx_audit_revision_category.ordinal 
_pdbx_audit_revision_category.revision_ordinal 
_pdbx_audit_revision_category.data_content_type 
_pdbx_audit_revision_category.category 
1  3 'Structure model' citation                  
2  3 'Structure model' entity_src_gen            
3  3 'Structure model' pdbx_audit_support        
4  3 'Structure model' pdbx_database_status      
5  3 'Structure model' pdbx_struct_oper_list     
6  4 'Structure model' pdbx_audit_support        
7  5 'Structure model' audit_author              
8  5 'Structure model' citation_author           
9  5 'Structure model' database_2                
10 5 'Structure model' refine_hist               
11 6 'Structure model' chem_comp_atom            
12 6 'Structure model' chem_comp_bond            
13 7 'Structure model' pdbx_entry_details        
14 7 'Structure model' pdbx_modification_feature 
# 
loop_
_pdbx_audit_revision_item.ordinal 
_pdbx_audit_revision_item.revision_ordinal 
_pdbx_audit_revision_item.data_content_type 
_pdbx_audit_revision_item.item 
1  3 'Structure model' '_citation.journal_id_CSD'                    
2  3 'Structure model' '_entity_src_gen.pdbx_alt_source_flag'        
3  3 'Structure model' '_pdbx_audit_support.funding_organization'    
4  3 'Structure model' '_pdbx_database_status.pdb_format_compatible' 
5  3 'Structure model' '_pdbx_struct_oper_list.symmetry_operation'   
6  4 'Structure model' '_pdbx_audit_support.funding_organization'    
7  5 'Structure model' '_audit_author.identifier_ORCID'              
8  5 'Structure model' '_citation_author.identifier_ORCID'           
9  5 'Structure model' '_database_2.pdbx_DOI'                        
10 5 'Structure model' '_database_2.pdbx_database_accession'         
11 5 'Structure model' '_refine_hist.number_atoms_total'             
12 5 'Structure model' '_refine_hist.pdbx_number_atoms_nucleic_acid' 
13 5 'Structure model' '_refine_hist.pdbx_number_atoms_protein'      
# 
_pdbx_database_PDB_obs_spr.id               SPRSDE 
_pdbx_database_PDB_obs_spr.date             2014-07-23 
_pdbx_database_PDB_obs_spr.pdb_id           4U12 
_pdbx_database_PDB_obs_spr.replace_pdb_id   2OUF 
_pdbx_database_PDB_obs_spr.details          ? 
# 
_pdbx_database_status.status_code                     REL 
_pdbx_database_status.status_code_sf                  REL 
_pdbx_database_status.status_code_mr                  ? 
_pdbx_database_status.entry_id                        4U12 
_pdbx_database_status.recvd_initial_deposition_date   2014-07-14 
_pdbx_database_status.SG_entry                        Y 
_pdbx_database_status.deposit_site                    RCSB 
_pdbx_database_status.process_site                    RCSB 
_pdbx_database_status.status_code_cs                  ? 
_pdbx_database_status.methods_development_category    ? 
_pdbx_database_status.pdb_format_compatible           Y 
_pdbx_database_status.status_code_nmr_data            ? 
# 
_pdbx_database_related.db_name        TargetTrack 
_pdbx_database_related.details        . 
_pdbx_database_related.db_id          MCSG-APC5925 
_pdbx_database_related.content_type   unspecified 
# 
loop_
_audit_author.name 
_audit_author.pdbx_ordinal 
_audit_author.identifier_ORCID 
'Grabowski, M.'                                 1  ?                   
'Shabalin, I.G.'                                2  ?                   
'Chruszcz, M.'                                  3  ?                   
'Skarina, T.'                                   4  ?                   
'Onopriyenko, O.'                               5  ?                   
'Guthrie, J.'                                   6  ?                   
'Savchenko, A.'                                 7  ?                   
'Edwards, A.'                                   8  ?                   
'Joachimiak, A.'                                9  ?                   
'Minor, W.'                                     10 0000-0001-7075-7090 
'Midwest Center for Structural Genomics (MCSG)' 11 ?                   
# 
_citation.abstract                  ? 
_citation.abstract_id_CAS           ? 
_citation.book_id_ISBN              ? 
_citation.book_publisher            ? 
_citation.book_publisher_city       ? 
_citation.book_title                ? 
_citation.coordinate_linkage        ? 
_citation.country                   ? 
_citation.database_id_Medline       ? 
_citation.details                   ? 
_citation.id                        primary 
_citation.journal_abbrev            'to be published' 
_citation.journal_id_ASTM           ? 
_citation.journal_id_CSD            0353 
_citation.journal_id_ISSN           ? 
_citation.journal_full              ? 
_citation.journal_issue             ? 
_citation.journal_volume            ? 
_citation.language                  ? 
_citation.page_first                ? 
_citation.page_last                 ? 
_citation.title                     
'Crystal structure of protein HP0242 from Helicobacter pylori at 1.94 A resolution: a knotted homodimer' 
_citation.year                      ? 
_citation.database_id_CSD           ? 
_citation.pdbx_database_id_DOI      ? 
_citation.pdbx_database_id_PubMed   ? 
_citation.unpublished_flag          ? 
# 
loop_
_citation_author.citation_id 
_citation_author.name 
_citation_author.ordinal 
_citation_author.identifier_ORCID 
primary 'Grabowski, M.'   1  ?                   
primary 'Shabalin, I.G.'  2  ?                   
primary 'Chruszcz, M.'    3  ?                   
primary 'Skarina, T.'     4  ?                   
primary 'Onopriyenko, O.' 5  ?                   
primary 'Guthrie, J.'     6  ?                   
primary 'Savchenko, A.'   7  ?                   
primary 'Edwards, A.'     8  ?                   
primary 'Joachimiak, A.'  9  ?                   
primary 'Minor, W.'       10 0000-0001-7075-7090 
# 
loop_
_entity.id 
_entity.type 
_entity.src_method 
_entity.pdbx_description 
_entity.formula_weight 
_entity.pdbx_number_of_molecules 
_entity.pdbx_ec 
_entity.pdbx_mutation 
_entity.pdbx_fragment 
_entity.details 
1 polymer man 'Uncharacterized protein HP0242' 11195.431 1  ? ? ? 'forms a knotted homodimer' 
2 water   nat water                            18.015    69 ? ? ? ?                           
# 
_entity_poly.entity_id                      1 
_entity_poly.type                           'polypeptide(L)' 
_entity_poly.nstd_linkage                   no 
_entity_poly.nstd_monomer                   yes 
_entity_poly.pdbx_seq_one_letter_code       
;(MSE)RDYSELEIFEGNPLDKWNDIIFHASKKLSKKELERLLELLALLETFIEKEDLEEKFESFAKALRIDEELQQKIES
RKTDIVIQS(MSE)ANILSGNE
;
_entity_poly.pdbx_seq_one_letter_code_can   
;MRDYSELEIFEGNPLDKWNDIIFHASKKLSKKELERLLELLALLETFIEKEDLEEKFESFAKALRIDEELQQKIESRKTD
IVIQSMANILSGNE
;
_entity_poly.pdbx_strand_id                 A 
_entity_poly.pdbx_target_identifier         MCSG-APC5925 
# 
_pdbx_entity_nonpoly.entity_id   2 
_pdbx_entity_nonpoly.name        water 
_pdbx_entity_nonpoly.comp_id     HOH 
# 
loop_
_entity_poly_seq.entity_id 
_entity_poly_seq.num 
_entity_poly_seq.mon_id 
_entity_poly_seq.hetero 
1 1  MSE n 
1 2  ARG n 
1 3  ASP n 
1 4  TYR n 
1 5  SER n 
1 6  GLU n 
1 7  LEU n 
1 8  GLU n 
1 9  ILE n 
1 10 PHE n 
1 11 GLU n 
1 12 GLY n 
1 13 ASN n 
1 14 PRO n 
1 15 LEU n 
1 16 ASP n 
1 17 LYS n 
1 18 TRP n 
1 19 ASN n 
1 20 ASP n 
1 21 ILE n 
1 22 ILE n 
1 23 PHE n 
1 24 HIS n 
1 25 ALA n 
1 26 SER n 
1 27 LYS n 
1 28 LYS n 
1 29 LEU n 
1 30 SER n 
1 31 LYS n 
1 32 LYS n 
1 33 GLU n 
1 34 LEU n 
1 35 GLU n 
1 36 ARG n 
1 37 LEU n 
1 38 LEU n 
1 39 GLU n 
1 40 LEU n 
1 41 LEU n 
1 42 ALA n 
1 43 LEU n 
1 44 LEU n 
1 45 GLU n 
1 46 THR n 
1 47 PHE n 
1 48 ILE n 
1 49 GLU n 
1 50 LYS n 
1 51 GLU n 
1 52 ASP n 
1 53 LEU n 
1 54 GLU n 
1 55 GLU n 
1 56 LYS n 
1 57 PHE n 
1 58 GLU n 
1 59 SER n 
1 60 PHE n 
1 61 ALA n 
1 62 LYS n 
1 63 ALA n 
1 64 LEU n 
1 65 ARG n 
1 66 ILE n 
1 67 ASP n 
1 68 GLU n 
1 69 GLU n 
1 70 LEU n 
1 71 GLN n 
1 72 GLN n 
1 73 LYS n 
1 74 ILE n 
1 75 GLU n 
1 76 SER n 
1 77 ARG n 
1 78 LYS n 
1 79 THR n 
1 80 ASP n 
1 81 ILE n 
1 82 VAL n 
1 83 ILE n 
1 84 GLN n 
1 85 SER n 
1 86 MSE n 
1 87 ALA n 
1 88 ASN n 
1 89 ILE n 
1 90 LEU n 
1 91 SER n 
1 92 GLY n 
1 93 ASN n 
1 94 GLU n 
# 
_entity_src_gen.entity_id                          1 
_entity_src_gen.pdbx_src_id                        1 
_entity_src_gen.pdbx_alt_source_flag               sample 
_entity_src_gen.pdbx_seq_type                      'Biological sequence' 
_entity_src_gen.pdbx_beg_seq_num                   1 
_entity_src_gen.pdbx_end_seq_num                   94 
_entity_src_gen.gene_src_common_name               ? 
_entity_src_gen.gene_src_genus                     ? 
_entity_src_gen.pdbx_gene_src_gene                 'C694_01225, HP_0242' 
_entity_src_gen.gene_src_species                   ? 
_entity_src_gen.gene_src_strain                    ? 
_entity_src_gen.gene_src_tissue                    ? 
_entity_src_gen.gene_src_tissue_fraction           ? 
_entity_src_gen.gene_src_details                   ? 
_entity_src_gen.pdbx_gene_src_fragment             ? 
_entity_src_gen.pdbx_gene_src_scientific_name      'Helicobacter pylori 26695' 
_entity_src_gen.pdbx_gene_src_ncbi_taxonomy_id     85962 
_entity_src_gen.pdbx_gene_src_variant              ? 
_entity_src_gen.pdbx_gene_src_cell_line            ? 
_entity_src_gen.pdbx_gene_src_atcc                 700392 
_entity_src_gen.pdbx_gene_src_organ                ? 
_entity_src_gen.pdbx_gene_src_organelle            ? 
_entity_src_gen.pdbx_gene_src_cell                 ? 
_entity_src_gen.pdbx_gene_src_cellular_location    ? 
_entity_src_gen.host_org_common_name               ? 
_entity_src_gen.pdbx_host_org_scientific_name      'Escherichia coli BL21' 
_entity_src_gen.pdbx_host_org_ncbi_taxonomy_id     511693 
_entity_src_gen.host_org_genus                     ? 
_entity_src_gen.pdbx_host_org_gene                 ? 
_entity_src_gen.pdbx_host_org_organ                ? 
_entity_src_gen.host_org_species                   ? 
_entity_src_gen.pdbx_host_org_tissue               ? 
_entity_src_gen.pdbx_host_org_tissue_fraction      ? 
_entity_src_gen.pdbx_host_org_strain               'Codonplus(de3) Rp' 
_entity_src_gen.pdbx_host_org_variant              ? 
_entity_src_gen.pdbx_host_org_cell_line            ? 
_entity_src_gen.pdbx_host_org_atcc                 ? 
_entity_src_gen.pdbx_host_org_culture_collection   ? 
_entity_src_gen.pdbx_host_org_cell                 ? 
_entity_src_gen.pdbx_host_org_organelle            ? 
_entity_src_gen.pdbx_host_org_cellular_location    ? 
_entity_src_gen.pdbx_host_org_vector_type          plasmid 
_entity_src_gen.pdbx_host_org_vector               ? 
_entity_src_gen.host_org_details                   ? 
_entity_src_gen.expression_system_id               ? 
_entity_src_gen.plasmid_name                       p11 
_entity_src_gen.plasmid_details                    ? 
_entity_src_gen.pdbx_description                   ? 
# 
loop_
_chem_comp.id 
_chem_comp.type 
_chem_comp.mon_nstd_flag 
_chem_comp.name 
_chem_comp.pdbx_synonyms 
_chem_comp.formula 
_chem_comp.formula_weight 
ALA 'L-peptide linking' y ALANINE          ? 'C3 H7 N O2'     89.093  
ARG 'L-peptide linking' y ARGININE         ? 'C6 H15 N4 O2 1' 175.209 
ASN 'L-peptide linking' y ASPARAGINE       ? 'C4 H8 N2 O3'    132.118 
ASP 'L-peptide linking' y 'ASPARTIC ACID'  ? 'C4 H7 N O4'     133.103 
GLN 'L-peptide linking' y GLUTAMINE        ? 'C5 H10 N2 O3'   146.144 
GLU 'L-peptide linking' y 'GLUTAMIC ACID'  ? 'C5 H9 N O4'     147.129 
GLY 'peptide linking'   y GLYCINE          ? 'C2 H5 N O2'     75.067  
HIS 'L-peptide linking' y HISTIDINE        ? 'C6 H10 N3 O2 1' 156.162 
HOH non-polymer         . WATER            ? 'H2 O'           18.015  
ILE 'L-peptide linking' y ISOLEUCINE       ? 'C6 H13 N O2'    131.173 
LEU 'L-peptide linking' y LEUCINE          ? 'C6 H13 N O2'    131.173 
LYS 'L-peptide linking' y LYSINE           ? 'C6 H15 N2 O2 1' 147.195 
MSE 'L-peptide linking' n SELENOMETHIONINE ? 'C5 H11 N O2 Se' 196.106 
PHE 'L-peptide linking' y PHENYLALANINE    ? 'C9 H11 N O2'    165.189 
PRO 'L-peptide linking' y PROLINE          ? 'C5 H9 N O2'     115.130 
SER 'L-peptide linking' y SERINE           ? 'C3 H7 N O3'     105.093 
THR 'L-peptide linking' y THREONINE        ? 'C4 H9 N O3'     119.119 
TRP 'L-peptide linking' y TRYPTOPHAN       ? 'C11 H12 N2 O2'  204.225 
TYR 'L-peptide linking' y TYROSINE         ? 'C9 H11 N O3'    181.189 
VAL 'L-peptide linking' y VALINE           ? 'C5 H11 N O2'    117.146 
# 
loop_
_pdbx_poly_seq_scheme.asym_id 
_pdbx_poly_seq_scheme.entity_id 
_pdbx_poly_seq_scheme.seq_id 
_pdbx_poly_seq_scheme.mon_id 
_pdbx_poly_seq_scheme.ndb_seq_num 
_pdbx_poly_seq_scheme.pdb_seq_num 
_pdbx_poly_seq_scheme.auth_seq_num 
_pdbx_poly_seq_scheme.pdb_mon_id 
_pdbx_poly_seq_scheme.auth_mon_id 
_pdbx_poly_seq_scheme.pdb_strand_id 
_pdbx_poly_seq_scheme.pdb_ins_code 
_pdbx_poly_seq_scheme.hetero 
A 1 1  MSE 1  1  ?  ?   ?   A . n 
A 1 2  ARG 2  2  ?  ?   ?   A . n 
A 1 3  ASP 3  3  ?  ?   ?   A . n 
A 1 4  TYR 4  4  ?  ?   ?   A . n 
A 1 5  SER 5  5  ?  ?   ?   A . n 
A 1 6  GLU 6  6  ?  ?   ?   A . n 
A 1 7  LEU 7  7  ?  ?   ?   A . n 
A 1 8  GLU 8  8  ?  ?   ?   A . n 
A 1 9  ILE 9  9  ?  ?   ?   A . n 
A 1 10 PHE 10 10 ?  ?   ?   A . n 
A 1 11 GLU 11 11 ?  ?   ?   A . n 
A 1 12 GLY 12 12 ?  ?   ?   A . n 
A 1 13 ASN 13 13 13 ASN ASN A . n 
A 1 14 PRO 14 14 14 PRO PRO A . n 
A 1 15 LEU 15 15 15 LEU LEU A . n 
A 1 16 ASP 16 16 16 ASP ASP A . n 
A 1 17 LYS 17 17 17 LYS LYS A . n 
A 1 18 TRP 18 18 18 TRP TRP A . n 
A 1 19 ASN 19 19 19 ASN ASN A . n 
A 1 20 ASP 20 20 20 ASP ASP A . n 
A 1 21 ILE 21 21 21 ILE ILE A . n 
A 1 22 ILE 22 22 22 ILE ILE A . n 
A 1 23 PHE 23 23 23 PHE PHE A . n 
A 1 24 HIS 24 24 24 HIS HIS A . n 
A 1 25 ALA 25 25 25 ALA ALA A . n 
A 1 26 SER 26 26 26 SER SER A . n 
A 1 27 LYS 27 27 27 LYS LYS A . n 
A 1 28 LYS 28 28 28 LYS LYS A . n 
A 1 29 LEU 29 29 29 LEU LEU A . n 
A 1 30 SER 30 30 30 SER SER A . n 
A 1 31 LYS 31 31 31 LYS LYS A . n 
A 1 32 LYS 32 32 32 LYS LYS A . n 
A 1 33 GLU 33 33 33 GLU GLU A . n 
A 1 34 LEU 34 34 34 LEU LEU A . n 
A 1 35 GLU 35 35 35 GLU GLU A . n 
A 1 36 ARG 36 36 36 ARG ARG A . n 
A 1 37 LEU 37 37 37 LEU LEU A . n 
A 1 38 LEU 38 38 38 LEU LEU A . n 
A 1 39 GLU 39 39 39 GLU GLU A . n 
A 1 40 LEU 40 40 40 LEU LEU A . n 
A 1 41 LEU 41 41 41 LEU LEU A . n 
A 1 42 ALA 42 42 42 ALA ALA A . n 
A 1 43 LEU 43 43 43 LEU LEU A . n 
A 1 44 LEU 44 44 44 LEU LEU A . n 
A 1 45 GLU 45 45 45 GLU GLU A . n 
A 1 46 THR 46 46 46 THR THR A . n 
A 1 47 PHE 47 47 47 PHE PHE A . n 
A 1 48 ILE 48 48 48 ILE ILE A . n 
A 1 49 GLU 49 49 49 GLU GLU A . n 
A 1 50 LYS 50 50 50 LYS LYS A . n 
A 1 51 GLU 51 51 51 GLU GLU A . n 
A 1 52 ASP 52 52 52 ASP ASP A . n 
A 1 53 LEU 53 53 53 LEU LEU A . n 
A 1 54 GLU 54 54 54 GLU GLU A . n 
A 1 55 GLU 55 55 55 GLU GLU A . n 
A 1 56 LYS 56 56 56 LYS LYS A . n 
A 1 57 PHE 57 57 57 PHE PHE A . n 
A 1 58 GLU 58 58 58 GLU GLU A . n 
A 1 59 SER 59 59 59 SER SER A . n 
A 1 60 PHE 60 60 60 PHE PHE A . n 
A 1 61 ALA 61 61 61 ALA ALA A . n 
A 1 62 LYS 62 62 62 LYS LYS A . n 
A 1 63 ALA 63 63 63 ALA ALA A . n 
A 1 64 LEU 64 64 64 LEU LEU A . n 
A 1 65 ARG 65 65 65 ARG ARG A . n 
A 1 66 ILE 66 66 66 ILE ILE A . n 
A 1 67 ASP 67 67 67 ASP ASP A . n 
A 1 68 GLU 68 68 68 GLU GLU A . n 
A 1 69 GLU 69 69 69 GLU GLU A . n 
A 1 70 LEU 70 70 70 LEU LEU A . n 
A 1 71 GLN 71 71 71 GLN GLN A . n 
A 1 72 GLN 72 72 72 GLN GLN A . n 
A 1 73 LYS 73 73 73 LYS LYS A . n 
A 1 74 ILE 74 74 74 ILE ILE A . n 
A 1 75 GLU 75 75 75 GLU GLU A . n 
A 1 76 SER 76 76 76 SER SER A . n 
A 1 77 ARG 77 77 77 ARG ARG A . n 
A 1 78 LYS 78 78 78 LYS LYS A . n 
A 1 79 THR 79 79 79 THR THR A . n 
A 1 80 ASP 80 80 80 ASP ASP A . n 
A 1 81 ILE 81 81 81 ILE ILE A . n 
A 1 82 VAL 82 82 82 VAL VAL A . n 
A 1 83 ILE 83 83 83 ILE ILE A . n 
A 1 84 GLN 84 84 84 GLN GLN A . n 
A 1 85 SER 85 85 85 SER SER A . n 
A 1 86 MSE 86 86 86 MSE MSE A . n 
A 1 87 ALA 87 87 87 ALA ALA A . n 
A 1 88 ASN 88 88 88 ASN ASN A . n 
A 1 89 ILE 89 89 89 ILE ILE A . n 
A 1 90 LEU 90 90 90 LEU LEU A . n 
A 1 91 SER 91 91 91 SER SER A . n 
A 1 92 GLY 92 92 92 GLY GLY A . n 
A 1 93 ASN 93 93 ?  ?   ?   A . n 
A 1 94 GLU 94 94 ?  ?   ?   A . n 
# 
loop_
_pdbx_nonpoly_scheme.asym_id 
_pdbx_nonpoly_scheme.entity_id 
_pdbx_nonpoly_scheme.mon_id 
_pdbx_nonpoly_scheme.ndb_seq_num 
_pdbx_nonpoly_scheme.pdb_seq_num 
_pdbx_nonpoly_scheme.auth_seq_num 
_pdbx_nonpoly_scheme.pdb_mon_id 
_pdbx_nonpoly_scheme.auth_mon_id 
_pdbx_nonpoly_scheme.pdb_strand_id 
_pdbx_nonpoly_scheme.pdb_ins_code 
B 2 HOH 1  101 34  HOH HOH A . 
B 2 HOH 2  102 97  HOH HOH A . 
B 2 HOH 3  103 29  HOH HOH A . 
B 2 HOH 4  104 96  HOH HOH A . 
B 2 HOH 5  105 125 HOH HOH A . 
B 2 HOH 6  106 108 HOH HOH A . 
B 2 HOH 7  107 13  HOH HOH A . 
B 2 HOH 8  108 112 HOH HOH A . 
B 2 HOH 9  109 41  HOH HOH A . 
B 2 HOH 10 110 46  HOH HOH A . 
B 2 HOH 11 111 20  HOH HOH A . 
B 2 HOH 12 112 32  HOH HOH A . 
B 2 HOH 13 113 140 HOH HOH A . 
B 2 HOH 14 114 21  HOH HOH A . 
B 2 HOH 15 115 128 HOH HOH A . 
B 2 HOH 16 116 138 HOH HOH A . 
B 2 HOH 17 117 48  HOH HOH A . 
B 2 HOH 18 118 99  HOH HOH A . 
B 2 HOH 19 119 60  HOH HOH A . 
B 2 HOH 20 120 12  HOH HOH A . 
B 2 HOH 21 121 121 HOH HOH A . 
B 2 HOH 22 122 40  HOH HOH A . 
B 2 HOH 23 123 50  HOH HOH A . 
B 2 HOH 24 124 36  HOH HOH A . 
B 2 HOH 25 125 114 HOH HOH A . 
B 2 HOH 26 126 22  HOH HOH A . 
B 2 HOH 27 127 53  HOH HOH A . 
B 2 HOH 28 128 33  HOH HOH A . 
B 2 HOH 29 129 71  HOH HOH A . 
B 2 HOH 30 130 142 HOH HOH A . 
B 2 HOH 31 131 44  HOH HOH A . 
B 2 HOH 32 132 124 HOH HOH A . 
B 2 HOH 33 133 42  HOH HOH A . 
B 2 HOH 34 134 56  HOH HOH A . 
B 2 HOH 35 135 59  HOH HOH A . 
B 2 HOH 36 136 24  HOH HOH A . 
B 2 HOH 37 137 37  HOH HOH A . 
B 2 HOH 38 138 47  HOH HOH A . 
B 2 HOH 39 139 98  HOH HOH A . 
B 2 HOH 40 140 104 HOH HOH A . 
B 2 HOH 41 141 105 HOH HOH A . 
B 2 HOH 42 142 109 HOH HOH A . 
B 2 HOH 43 143 110 HOH HOH A . 
B 2 HOH 44 144 111 HOH HOH A . 
B 2 HOH 45 145 115 HOH HOH A . 
B 2 HOH 46 146 117 HOH HOH A . 
B 2 HOH 47 147 118 HOH HOH A . 
B 2 HOH 48 148 126 HOH HOH A . 
B 2 HOH 49 149 1   HOH HOH A . 
B 2 HOH 50 150 3   HOH HOH A . 
B 2 HOH 51 151 8   HOH HOH A . 
B 2 HOH 52 152 10  HOH HOH A . 
B 2 HOH 53 153 15  HOH HOH A . 
B 2 HOH 54 154 16  HOH HOH A . 
B 2 HOH 55 155 23  HOH HOH A . 
B 2 HOH 56 156 27  HOH HOH A . 
B 2 HOH 57 157 30  HOH HOH A . 
B 2 HOH 58 158 38  HOH HOH A . 
B 2 HOH 59 159 51  HOH HOH A . 
B 2 HOH 60 160 58  HOH HOH A . 
B 2 HOH 61 161 61  HOH HOH A . 
B 2 HOH 62 162 62  HOH HOH A . 
B 2 HOH 63 163 63  HOH HOH A . 
B 2 HOH 64 164 64  HOH HOH A . 
B 2 HOH 65 165 65  HOH HOH A . 
B 2 HOH 66 166 66  HOH HOH A . 
B 2 HOH 67 167 67  HOH HOH A . 
B 2 HOH 68 168 70  HOH HOH A . 
B 2 HOH 69 169 72  HOH HOH A . 
# 
loop_
_pdbx_unobs_or_zero_occ_atoms.id 
_pdbx_unobs_or_zero_occ_atoms.PDB_model_num 
_pdbx_unobs_or_zero_occ_atoms.polymer_flag 
_pdbx_unobs_or_zero_occ_atoms.occupancy_flag 
_pdbx_unobs_or_zero_occ_atoms.auth_asym_id 
_pdbx_unobs_or_zero_occ_atoms.auth_comp_id 
_pdbx_unobs_or_zero_occ_atoms.auth_seq_id 
_pdbx_unobs_or_zero_occ_atoms.PDB_ins_code 
_pdbx_unobs_or_zero_occ_atoms.auth_atom_id 
_pdbx_unobs_or_zero_occ_atoms.label_alt_id 
_pdbx_unobs_or_zero_occ_atoms.label_asym_id 
_pdbx_unobs_or_zero_occ_atoms.label_comp_id 
_pdbx_unobs_or_zero_occ_atoms.label_seq_id 
_pdbx_unobs_or_zero_occ_atoms.label_atom_id 
1  1 Y 1 A LYS 27 ? CG  ? A LYS 27 CG  
2  1 Y 1 A LYS 27 ? CD  ? A LYS 27 CD  
3  1 Y 1 A LYS 27 ? CE  ? A LYS 27 CE  
4  1 Y 1 A LYS 27 ? NZ  ? A LYS 27 NZ  
5  1 Y 1 A GLU 55 ? CG  ? A GLU 55 CG  
6  1 Y 1 A GLU 55 ? CD  ? A GLU 55 CD  
7  1 Y 1 A GLU 55 ? OE1 ? A GLU 55 OE1 
8  1 Y 1 A GLU 55 ? OE2 ? A GLU 55 OE2 
9  1 Y 1 A LYS 56 ? CD  ? A LYS 56 CD  
10 1 Y 1 A LYS 56 ? CE  ? A LYS 56 CE  
11 1 Y 1 A LYS 56 ? NZ  ? A LYS 56 NZ  
12 1 Y 1 A GLU 58 ? CG  ? A GLU 58 CG  
13 1 Y 1 A GLU 58 ? CD  ? A GLU 58 CD  
14 1 Y 1 A GLU 58 ? OE1 ? A GLU 58 OE1 
15 1 Y 1 A GLU 58 ? OE2 ? A GLU 58 OE2 
16 1 Y 1 A SER 59 ? OG  ? A SER 59 OG  
17 1 Y 1 A LYS 62 ? CG  ? A LYS 62 CG  
18 1 Y 1 A LYS 62 ? CD  ? A LYS 62 CD  
19 1 Y 1 A LYS 62 ? CE  ? A LYS 62 CE  
20 1 Y 1 A LYS 62 ? NZ  ? A LYS 62 NZ  
21 1 Y 1 A ARG 65 ? CG  ? A ARG 65 CG  
22 1 Y 1 A ARG 65 ? CD  ? A ARG 65 CD  
23 1 Y 1 A ARG 65 ? NE  ? A ARG 65 NE  
24 1 Y 1 A ARG 65 ? CZ  ? A ARG 65 CZ  
25 1 Y 1 A ARG 65 ? NH1 ? A ARG 65 NH1 
26 1 Y 1 A ARG 65 ? NH2 ? A ARG 65 NH2 
27 1 Y 1 A ILE 66 ? CG1 ? A ILE 66 CG1 
28 1 Y 1 A ILE 66 ? CG2 ? A ILE 66 CG2 
29 1 Y 1 A ILE 66 ? CD1 ? A ILE 66 CD1 
30 1 Y 1 A LEU 90 ? CG  ? A LEU 90 CG  
31 1 Y 1 A LEU 90 ? CD1 ? A LEU 90 CD1 
32 1 Y 1 A LEU 90 ? CD2 ? A LEU 90 CD2 
33 1 Y 1 A SER 91 ? OG  ? A SER 91 OG  
# 
loop_
_software.citation_id 
_software.classification 
_software.compiler_name 
_software.compiler_version 
_software.contact_author 
_software.contact_author_email 
_software.date 
_software.description 
_software.dependencies 
_software.hardware 
_software.language 
_software.location 
_software.mods 
_software.name 
_software.os 
_software.os_version 
_software.type 
_software.version 
_software.pdbx_ordinal 
? 'data collection' ? ? ? ? ? ? ? ? ? ? ? HKL-3000    ? ? ? .        1  
? 'data reduction'  ? ? ? ? ? ? ? ? ? ? ? HKL-3000    ? ? ? .        2  
? 'data scaling'    ? ? ? ? ? ? ? ? ? ? ? HKL-3000    ? ? ? .        3  
? 'data scaling'    ? ? ? ? ? ? ? ? ? ? ? SCALEPACK   ? ? ? .        4  
? phasing           ? ? ? ? ? ? ? ? ? ? ? HKL-3000    ? ? ? .        5  
? phasing           ? ? ? ? ? ? ? ? ? ? ? SHELXDE     ? ? ? .        6  
? phasing           ? ? ? ? ? ? ? ? ? ? ? DM          ? ? ? .        7  
? phasing           ? ? ? ? ? ? ? ? ? ? ? RESOLVE     ? ? ? .        8  
? 'model building'  ? ? ? ? ? ? ? ? ? ? ? ARP         ? ? ? .        9  
? 'model building'  ? ? ? ? ? ? ? ? ? ? ? Coot        ? ? ? .        10 
? 'data extraction' ? ? ? ? ? ? ? ? ? ? ? PDB_EXTRACT ? ? ? 3.14     11 
? refinement        ? ? ? ? ? ? ? ? ? ? ? REFMAC      ? ? ? 5.8.0049 12 
# 
_cell.length_a           44.944 
_cell.length_b           44.944 
_cell.length_c           117.883 
_cell.angle_alpha        90.000 
_cell.angle_beta         90.000 
_cell.angle_gamma        90.000 
_cell.entry_id           4U12 
_cell.Z_PDB              8 
_cell.pdbx_unique_axis   ? 
# 
_symmetry.entry_id                         4U12 
_symmetry.cell_setting                     ? 
_symmetry.Int_Tables_number                95 
_symmetry.space_group_name_Hall            ? 
_symmetry.space_group_name_H-M             'P 43 2 2' 
_symmetry.pdbx_full_space_group_name_H-M   ? 
# 
_exptl.absorpt_coefficient_mu     ? 
_exptl.absorpt_correction_T_max   ? 
_exptl.absorpt_correction_T_min   ? 
_exptl.absorpt_correction_type    ? 
_exptl.absorpt_process_details    ? 
_exptl.entry_id                   4U12 
_exptl.crystals_number            1 
_exptl.details                    ? 
_exptl.method                     'X-RAY DIFFRACTION' 
_exptl.method_details             ? 
# 
_exptl_crystal.colour                      ? 
_exptl_crystal.density_diffrn              ? 
_exptl_crystal.density_Matthews            2.68 
_exptl_crystal.density_method              ? 
_exptl_crystal.density_percent_sol         54.12 
_exptl_crystal.description                 ? 
_exptl_crystal.F_000                       ? 
_exptl_crystal.id                          1 
_exptl_crystal.preparation                 ? 
_exptl_crystal.size_max                    ? 
_exptl_crystal.size_mid                    ? 
_exptl_crystal.size_min                    ? 
_exptl_crystal.size_rad                    ? 
_exptl_crystal.colour_lustre               ? 
_exptl_crystal.colour_modifier             ? 
_exptl_crystal.colour_primary              ? 
_exptl_crystal.density_meas                ? 
_exptl_crystal.density_meas_esd            ? 
_exptl_crystal.density_meas_gt             ? 
_exptl_crystal.density_meas_lt             ? 
_exptl_crystal.density_meas_temp           ? 
_exptl_crystal.density_meas_temp_esd       ? 
_exptl_crystal.density_meas_temp_gt        ? 
_exptl_crystal.density_meas_temp_lt        ? 
_exptl_crystal.pdbx_crystal_image_url      ? 
_exptl_crystal.pdbx_crystal_image_format   ? 
_exptl_crystal.pdbx_mosaicity              ? 
_exptl_crystal.pdbx_mosaicity_esd          ? 
# 
_exptl_crystal_grow.apparatus       ? 
_exptl_crystal_grow.atmosphere      ? 
_exptl_crystal_grow.crystal_id      1 
_exptl_crystal_grow.details         ? 
_exptl_crystal_grow.method          'VAPOR DIFFUSION' 
_exptl_crystal_grow.method_ref      ? 
_exptl_crystal_grow.pH              6.5 
_exptl_crystal_grow.pressure        ? 
_exptl_crystal_grow.pressure_esd    ? 
_exptl_crystal_grow.seeding         ? 
_exptl_crystal_grow.seeding_ref     ? 
_exptl_crystal_grow.temp            293 
_exptl_crystal_grow.temp_details    ? 
_exptl_crystal_grow.temp_esd        ? 
_exptl_crystal_grow.time            ? 
_exptl_crystal_grow.pdbx_details    
'30% v/v Pentaerythritol Ethoxylate (15/4 EO/OH), 0.05M Ammonium Sulfate, 0.05M Bis-Tris, pH 6.5,' 
_exptl_crystal_grow.pdbx_pH_range   ? 
# 
_diffrn.ambient_environment    ? 
_diffrn.ambient_temp           100 
_diffrn.ambient_temp_details   ? 
_diffrn.ambient_temp_esd       ? 
_diffrn.crystal_id             1 
_diffrn.crystal_support        ? 
_diffrn.crystal_treatment      ? 
_diffrn.details                ? 
_diffrn.id                     1 
_diffrn.ambient_pressure       ? 
_diffrn.ambient_pressure_esd   ? 
_diffrn.ambient_pressure_gt    ? 
_diffrn.ambient_pressure_lt    ? 
_diffrn.ambient_temp_gt        ? 
_diffrn.ambient_temp_lt        ? 
# 
_diffrn_detector.details                      Mirrors 
_diffrn_detector.detector                     CCD 
_diffrn_detector.diffrn_id                    1 
_diffrn_detector.type                         SBC-3 
_diffrn_detector.area_resol_mean              ? 
_diffrn_detector.dtime                        ? 
_diffrn_detector.pdbx_frames_total            ? 
_diffrn_detector.pdbx_collection_time_total   ? 
_diffrn_detector.pdbx_collection_date         2006-06-09 
# 
_diffrn_radiation.collimation                      ? 
_diffrn_radiation.diffrn_id                        1 
_diffrn_radiation.filter_edge                      ? 
_diffrn_radiation.inhomogeneity                    ? 
_diffrn_radiation.monochromator                    'Si 111 CHANNEL' 
_diffrn_radiation.polarisn_norm                    ? 
_diffrn_radiation.polarisn_ratio                   ? 
_diffrn_radiation.probe                            ? 
_diffrn_radiation.type                             ? 
_diffrn_radiation.xray_symbol                      ? 
_diffrn_radiation.wavelength_id                    1 
_diffrn_radiation.pdbx_monochromatic_or_laue_m_l   M 
_diffrn_radiation.pdbx_wavelength_list             ? 
_diffrn_radiation.pdbx_wavelength                  ? 
_diffrn_radiation.pdbx_diffrn_protocol             'SINGLE WAVELENGTH' 
_diffrn_radiation.pdbx_analyzer                    ? 
_diffrn_radiation.pdbx_scattering_type             x-ray 
# 
_diffrn_radiation_wavelength.id           1 
_diffrn_radiation_wavelength.wavelength   0.97904 
_diffrn_radiation_wavelength.wt           1.0 
# 
_diffrn_source.current                     ? 
_diffrn_source.details                     ? 
_diffrn_source.diffrn_id                   1 
_diffrn_source.power                       ? 
_diffrn_source.size                        ? 
_diffrn_source.source                      SYNCHROTRON 
_diffrn_source.target                      ? 
_diffrn_source.type                        'APS BEAMLINE 19-BM' 
_diffrn_source.voltage                     ? 
_diffrn_source.take-off_angle              ? 
_diffrn_source.pdbx_wavelength_list        0.97904 
_diffrn_source.pdbx_wavelength             ? 
_diffrn_source.pdbx_synchrotron_beamline   19-BM 
_diffrn_source.pdbx_synchrotron_site       APS 
# 
_reflns.B_iso_Wilson_estimate            36.3 
_reflns.entry_id                         4U12 
_reflns.data_reduction_details           ? 
_reflns.data_reduction_method            ? 
_reflns.d_resolution_high                1.940 
_reflns.d_resolution_low                 50.000 
_reflns.details                          ? 
_reflns.limit_h_max                      ? 
_reflns.limit_h_min                      ? 
_reflns.limit_k_max                      ? 
_reflns.limit_k_min                      ? 
_reflns.limit_l_max                      ? 
_reflns.limit_l_min                      ? 
_reflns.number_all                       ? 
_reflns.number_obs                       9566 
_reflns.observed_criterion               ? 
_reflns.observed_criterion_F_max         ? 
_reflns.observed_criterion_F_min         ? 
_reflns.observed_criterion_I_max         ? 
_reflns.observed_criterion_I_min         ? 
_reflns.observed_criterion_sigma_F       0 
_reflns.observed_criterion_sigma_I       ? 
_reflns.percent_possible_obs             99.800 
_reflns.R_free_details                   ? 
_reflns.Rmerge_F_all                     ? 
_reflns.Rmerge_F_obs                     ? 
_reflns.Friedel_coverage                 ? 
_reflns.number_gt                        ? 
_reflns.threshold_expression             ? 
_reflns.pdbx_redundancy                  16.000 
_reflns.pdbx_Rmerge_I_obs                0.060 
_reflns.pdbx_Rmerge_I_all                ? 
_reflns.pdbx_Rsym_value                  0.060 
_reflns.pdbx_netI_over_av_sigmaI         46.120 
_reflns.pdbx_netI_over_sigmaI            8.700 
_reflns.pdbx_res_netI_over_av_sigmaI_2   ? 
_reflns.pdbx_res_netI_over_sigmaI_2      ? 
_reflns.pdbx_chi_squared                 0.824 
_reflns.pdbx_scaling_rejects             ? 
_reflns.pdbx_d_res_high_opt              ? 
_reflns.pdbx_d_res_low_opt               ? 
_reflns.pdbx_d_res_opt_method            ? 
_reflns.phase_calculation_details        ? 
_reflns.pdbx_Rrim_I_all                  ? 
_reflns.pdbx_Rpim_I_all                  ? 
_reflns.pdbx_d_opt                       ? 
_reflns.pdbx_number_measured_all         153490 
_reflns.pdbx_diffrn_id                   1 
_reflns.pdbx_ordinal                     1 
_reflns.pdbx_CC_half                     ? 
_reflns.pdbx_R_split                     ? 
# 
loop_
_reflns_shell.d_res_high 
_reflns_shell.d_res_low 
_reflns_shell.meanI_over_sigI_all 
_reflns_shell.meanI_over_sigI_obs 
_reflns_shell.number_measured_all 
_reflns_shell.number_measured_obs 
_reflns_shell.number_possible 
_reflns_shell.number_unique_all 
_reflns_shell.number_unique_obs 
_reflns_shell.percent_possible_all 
_reflns_shell.percent_possible_obs 
_reflns_shell.Rmerge_F_all 
_reflns_shell.Rmerge_F_obs 
_reflns_shell.Rmerge_I_all 
_reflns_shell.Rmerge_I_obs 
_reflns_shell.meanI_over_sigI_gt 
_reflns_shell.meanI_over_uI_all 
_reflns_shell.meanI_over_uI_gt 
_reflns_shell.number_measured_gt 
_reflns_shell.number_unique_gt 
_reflns_shell.percent_possible_gt 
_reflns_shell.Rmerge_F_gt 
_reflns_shell.Rmerge_I_gt 
_reflns_shell.pdbx_redundancy 
_reflns_shell.pdbx_Rsym_value 
_reflns_shell.pdbx_chi_squared 
_reflns_shell.pdbx_netI_over_sigmaI_all 
_reflns_shell.pdbx_netI_over_sigmaI_obs 
_reflns_shell.pdbx_Rrim_I_all 
_reflns_shell.pdbx_Rpim_I_all 
_reflns_shell.pdbx_rejects 
_reflns_shell.pdbx_ordinal 
_reflns_shell.pdbx_diffrn_id 
_reflns_shell.pdbx_CC_half 
_reflns_shell.pdbx_R_split 
1.940 1.970  ? ? ? ? ? 465 ? 100.000 ? ? ? ? 0.937 ? ? ? ? ? ? ? ? 16.700 ? 0.512 ? ? ? ? 0 1  1 ? ? 
1.970 2.010  ? ? ? ? ? 459 ? 100.000 ? ? ? ? 0.728 ? ? ? ? ? ? ? ? 17.000 ? 0.481 ? ? ? ? 0 2  1 ? ? 
2.010 2.050  ? ? ? ? ? 472 ? 100.000 ? ? ? ? 0.570 ? ? ? ? ? ? ? ? 16.700 ? 0.483 ? ? ? ? 0 3  1 ? ? 
2.050 2.090  ? ? ? ? ? 449 ? 100.000 ? ? ? ? 0.491 ? ? ? ? ? ? ? ? 16.800 ? 0.469 ? ? ? ? 0 4  1 ? ? 
2.090 2.140  ? ? ? ? ? 482 ? 100.000 ? ? ? ? 0.342 ? ? ? ? ? ? ? ? 16.700 ? 0.461 ? ? ? ? 0 5  1 ? ? 
2.140 2.180  ? ? ? ? ? 451 ? 100.000 ? ? ? ? 0.322 ? ? ? ? ? ? ? ? 16.600 ? 0.474 ? ? ? ? 0 6  1 ? ? 
2.180 2.240  ? ? ? ? ? 473 ? 100.000 ? ? ? ? 0.259 ? ? ? ? ? ? ? ? 16.800 ? 0.496 ? ? ? ? 0 7  1 ? ? 
2.240 2.300  ? ? ? ? ? 453 ? 100.000 ? ? ? ? 0.223 ? ? ? ? ? ? ? ? 16.400 ? 0.504 ? ? ? ? 0 8  1 ? ? 
2.300 2.370  ? ? ? ? ? 476 ? 100.000 ? ? ? ? 0.192 ? ? ? ? ? ? ? ? 16.600 ? 0.514 ? ? ? ? 0 9  1 ? ? 
2.370 2.440  ? ? ? ? ? 471 ? 100.000 ? ? ? ? 0.161 ? ? ? ? ? ? ? ? 16.400 ? 0.564 ? ? ? ? 0 10 1 ? ? 
2.440 2.530  ? ? ? ? ? 465 ? 100.000 ? ? ? ? 0.120 ? ? ? ? ? ? ? ? 16.500 ? 0.614 ? ? ? ? 0 11 1 ? ? 
2.530 2.630  ? ? ? ? ? 486 ? 100.000 ? ? ? ? 0.108 ? ? ? ? ? ? ? ? 16.300 ? 0.659 ? ? ? ? 0 12 1 ? ? 
2.630 2.750  ? ? ? ? ? 466 ? 100.000 ? ? ? ? 0.085 ? ? ? ? ? ? ? ? 16.300 ? 0.768 ? ? ? ? 0 13 1 ? ? 
2.750 2.900  ? ? ? ? ? 472 ? 100.000 ? ? ? ? 0.079 ? ? ? ? ? ? ? ? 16.100 ? 0.852 ? ? ? ? 0 14 1 ? ? 
2.900 3.080  ? ? ? ? ? 479 ? 100.000 ? ? ? ? 0.063 ? ? ? ? ? ? ? ? 16.000 ? 0.986 ? ? ? ? 0 15 1 ? ? 
3.080 3.320  ? ? ? ? ? 489 ? 100.000 ? ? ? ? 0.052 ? ? ? ? ? ? ? ? 15.700 ? 1.105 ? ? ? ? 0 16 1 ? ? 
3.320 3.650  ? ? ? ? ? 480 ? 99.800  ? ? ? ? 0.045 ? ? ? ? ? ? ? ? 15.600 ? 1.133 ? ? ? ? 0 17 1 ? ? 
3.650 4.180  ? ? ? ? ? 507 ? 100.000 ? ? ? ? 0.042 ? ? ? ? ? ? ? ? 14.900 ? 1.202 ? ? ? ? 0 18 1 ? ? 
4.180 5.260  ? ? ? ? ? 512 ? 100.000 ? ? ? ? 0.040 ? ? ? ? ? ? ? ? 13.400 ? 1.485 ? ? ? ? 0 19 1 ? ? 
5.260 50.000 ? ? ? ? ? 559 ? 97.000  ? ? ? ? 0.042 ? ? ? ? ? ? ? ? 14.100 ? 2.834 ? ? ? ? 0 20 1 ? ? 
# 
_refine.aniso_B[1][1]                            0.1700 
_refine.aniso_B[1][2]                            0.0000 
_refine.aniso_B[1][3]                            -0.0000 
_refine.aniso_B[2][2]                            0.1700 
_refine.aniso_B[2][3]                            0.0000 
_refine.aniso_B[3][3]                            -0.3500 
_refine.B_iso_max                                158.090 
_refine.B_iso_mean                               65.1030 
_refine.B_iso_min                                26.860 
_refine.correlation_coeff_Fo_to_Fc               0.9500 
_refine.correlation_coeff_Fo_to_Fc_free          0.9420 
_refine.details                                  'U VALUES      : WITH TLS ADDED HYDROGENS HAVE BEEN ADDED IN THE RIDING POSITIONS' 
_refine.diff_density_max                         ? 
_refine.diff_density_max_esd                     ? 
_refine.diff_density_min                         ? 
_refine.diff_density_min_esd                     ? 
_refine.diff_density_rms                         ? 
_refine.diff_density_rms_esd                     ? 
_refine.entry_id                                 4U12 
_refine.pdbx_refine_id                           'X-RAY DIFFRACTION' 
_refine.ls_abs_structure_details                 ? 
_refine.ls_abs_structure_Flack                   ? 
_refine.ls_abs_structure_Flack_esd               ? 
_refine.ls_abs_structure_Rogers                  ? 
_refine.ls_abs_structure_Rogers_esd              ? 
_refine.ls_d_res_high                            1.9400 
_refine.ls_d_res_low                             44.9400 
_refine.ls_extinction_coef                       ? 
_refine.ls_extinction_coef_esd                   ? 
_refine.ls_extinction_expression                 ? 
_refine.ls_extinction_method                     ? 
_refine.ls_goodness_of_fit_all                   ? 
_refine.ls_goodness_of_fit_all_esd               ? 
_refine.ls_goodness_of_fit_obs                   ? 
_refine.ls_goodness_of_fit_obs_esd               ? 
_refine.ls_hydrogen_treatment                    ? 
_refine.ls_matrix_type                           ? 
_refine.ls_number_constraints                    ? 
_refine.ls_number_parameters                     ? 
_refine.ls_number_reflns_all                     ? 
_refine.ls_number_reflns_obs                     9526 
_refine.ls_number_reflns_R_free                  457 
_refine.ls_number_reflns_R_work                  9069 
_refine.ls_number_restraints                     ? 
_refine.ls_percent_reflns_obs                    99.7900 
_refine.ls_percent_reflns_R_free                 4.8000 
_refine.ls_R_factor_all                          ? 
_refine.ls_R_factor_obs                          0.2224 
_refine.ls_R_factor_R_free                       0.2533 
_refine.ls_R_factor_R_free_error                 ? 
_refine.ls_R_factor_R_free_error_details         ? 
_refine.ls_R_factor_R_work                       0.2208 
_refine.ls_R_Fsqd_factor_obs                     ? 
_refine.ls_R_I_factor_obs                        ? 
_refine.ls_redundancy_reflns_all                 ? 
_refine.ls_redundancy_reflns_obs                 ? 
_refine.ls_restrained_S_all                      ? 
_refine.ls_restrained_S_obs                      ? 
_refine.ls_shift_over_esd_max                    ? 
_refine.ls_shift_over_esd_mean                   ? 
_refine.ls_structure_factor_coef                 ? 
_refine.ls_weighting_details                     ? 
_refine.ls_weighting_scheme                      ? 
_refine.ls_wR_factor_all                         ? 
_refine.ls_wR_factor_obs                         ? 
_refine.ls_wR_factor_R_free                      0.2502 
_refine.ls_wR_factor_R_work                      0.2234 
_refine.occupancy_max                            ? 
_refine.occupancy_min                            ? 
_refine.solvent_model_details                    MASK 
_refine.solvent_model_param_bsol                 ? 
_refine.solvent_model_param_ksol                 ? 
_refine.ls_R_factor_gt                           ? 
_refine.ls_goodness_of_fit_gt                    ? 
_refine.ls_goodness_of_fit_ref                   ? 
_refine.ls_shift_over_su_max                     ? 
_refine.ls_shift_over_su_max_lt                  ? 
_refine.ls_shift_over_su_mean                    ? 
_refine.ls_shift_over_su_mean_lt                 ? 
_refine.pdbx_ls_sigma_I                          ? 
_refine.pdbx_ls_sigma_F                          0.000 
_refine.pdbx_ls_sigma_Fsqd                       ? 
_refine.pdbx_data_cutoff_high_absF               ? 
_refine.pdbx_data_cutoff_high_rms_absF           ? 
_refine.pdbx_data_cutoff_low_absF                ? 
_refine.pdbx_isotropic_thermal_model             ? 
_refine.pdbx_ls_cross_valid_method               THROUGHOUT 
_refine.pdbx_method_to_determine_struct          SAD 
_refine.pdbx_starting_model                      ? 
_refine.pdbx_stereochemistry_target_values       'MAXIMUM LIKELIHOOD' 
_refine.pdbx_R_Free_selection_details            RANDOM 
_refine.pdbx_stereochem_target_val_spec_case     ? 
_refine.pdbx_overall_ESU_R                       0.1450 
_refine.pdbx_overall_ESU_R_Free                  0.1390 
_refine.pdbx_solvent_vdw_probe_radii             1.2000 
_refine.pdbx_solvent_ion_probe_radii             0.8000 
_refine.pdbx_solvent_shrinkage_radii             0.8000 
_refine.pdbx_real_space_R                        ? 
_refine.pdbx_density_correlation                 ? 
_refine.pdbx_pd_number_of_powder_patterns        ? 
_refine.pdbx_pd_number_of_points                 ? 
_refine.pdbx_pd_meas_number_of_points            ? 
_refine.pdbx_pd_proc_ls_prof_R_factor            ? 
_refine.pdbx_pd_proc_ls_prof_wR_factor           ? 
_refine.pdbx_pd_Marquardt_correlation_coeff      ? 
_refine.pdbx_pd_Fsqrd_R_factor                   ? 
_refine.pdbx_pd_ls_matrix_band_width             ? 
_refine.pdbx_overall_phase_error                 ? 
_refine.pdbx_overall_SU_R_free_Cruickshank_DPI   ? 
_refine.pdbx_overall_SU_R_free_Blow_DPI          ? 
_refine.pdbx_overall_SU_R_Blow_DPI               ? 
_refine.pdbx_TLS_residual_ADP_flag               ? 
_refine.pdbx_diffrn_id                           1 
_refine.overall_SU_B                             7.9950 
_refine.overall_SU_ML                            0.1130 
_refine.overall_SU_R_Cruickshank_DPI             0.1455 
_refine.overall_SU_R_free                        0.1388 
_refine.overall_FOM_free_R_set                   ? 
_refine.overall_FOM_work_R_set                   0.8101 
# 
_refine_hist.cycle_id                         final 
_refine_hist.pdbx_refine_id                   'X-RAY DIFFRACTION' 
_refine_hist.d_res_high                       1.9400 
_refine_hist.d_res_low                        44.9400 
_refine_hist.pdbx_number_atoms_ligand         0 
_refine_hist.number_atoms_solvent             69 
_refine_hist.number_atoms_total               695 
_refine_hist.pdbx_number_residues_total       80 
_refine_hist.pdbx_B_iso_mean_solvent          61.72 
_refine_hist.pdbx_number_atoms_protein        626 
_refine_hist.pdbx_number_atoms_nucleic_acid   0 
# 
loop_
_refine_ls_restr.pdbx_refine_id 
_refine_ls_restr.criterion 
_refine_ls_restr.dev_ideal 
_refine_ls_restr.dev_ideal_target 
_refine_ls_restr.number 
_refine_ls_restr.rejects 
_refine_ls_restr.type 
_refine_ls_restr.weight 
_refine_ls_restr.pdbx_restraint_function 
'X-RAY DIFFRACTION' ? 0.015  0.019  637  ? r_bond_refined_d       ? ? 
'X-RAY DIFFRACTION' ? 0.003  0.020  619  ? r_bond_other_d         ? ? 
'X-RAY DIFFRACTION' ? 1.411  1.991  859  ? r_angle_refined_deg    ? ? 
'X-RAY DIFFRACTION' ? 0.804  3.000  1427 ? r_angle_other_deg      ? ? 
'X-RAY DIFFRACTION' ? 4.217  5.000  81   ? r_dihedral_angle_1_deg ? ? 
'X-RAY DIFFRACTION' ? 39.838 26.552 29   ? r_dihedral_angle_2_deg ? ? 
'X-RAY DIFFRACTION' ? 16.750 15.000 121  ? r_dihedral_angle_3_deg ? ? 
'X-RAY DIFFRACTION' ? 5.492  15.000 2    ? r_dihedral_angle_4_deg ? ? 
'X-RAY DIFFRACTION' ? 0.082  0.200  102  ? r_chiral_restr         ? ? 
'X-RAY DIFFRACTION' ? 0.005  0.020  711  ? r_gen_planes_refined   ? ? 
'X-RAY DIFFRACTION' ? 0.001  0.020  129  ? r_gen_planes_other     ? ? 
'X-RAY DIFFRACTION' ? 1.601  2.422  321  ? r_mcbond_it            ? ? 
'X-RAY DIFFRACTION' ? 1.585  2.414  320  ? r_mcbond_other         ? ? 
'X-RAY DIFFRACTION' ? 2.261  3.607  400  ? r_mcangle_it           ? ? 
# 
_refine_ls_shell.pdbx_refine_id                   'X-RAY DIFFRACTION' 
_refine_ls_shell.d_res_high                       1.9420 
_refine_ls_shell.d_res_low                        1.9930 
_refine_ls_shell.number_reflns_all                679 
_refine_ls_shell.number_reflns_obs                ? 
_refine_ls_shell.number_reflns_R_free             31 
_refine_ls_shell.number_reflns_R_work             648 
_refine_ls_shell.percent_reflns_obs               99.4100 
_refine_ls_shell.percent_reflns_R_free            ? 
_refine_ls_shell.R_factor_all                     ? 
_refine_ls_shell.R_factor_obs                     ? 
_refine_ls_shell.R_factor_R_free                  0.3430 
_refine_ls_shell.R_factor_R_free_error            ? 
_refine_ls_shell.R_factor_R_work                  0.2730 
_refine_ls_shell.redundancy_reflns_all            ? 
_refine_ls_shell.redundancy_reflns_obs            ? 
_refine_ls_shell.wR_factor_all                    ? 
_refine_ls_shell.wR_factor_obs                    ? 
_refine_ls_shell.wR_factor_R_free                 ? 
_refine_ls_shell.wR_factor_R_work                 ? 
_refine_ls_shell.pdbx_total_number_of_bins_used   20 
_refine_ls_shell.pdbx_phase_error                 ? 
# 
_struct.entry_id                     4U12 
_struct.title                        
'Crystal structure of protein HP0242 from Helicobacter pylori at 1.94 A resolution: a knotted homodimer' 
_struct.pdbx_model_details           ? 
_struct.pdbx_formula_weight          ? 
_struct.pdbx_formula_weight_method   ? 
_struct.pdbx_model_type_details      ? 
_struct.pdbx_CASP_flag               ? 
# 
_struct_keywords.entry_id        4U12 
_struct_keywords.text            
;Structural Genomics, PSI-2, Midwest Center for Structural Genomics, MCSG, Knotted homodimer, HELICOBACTER PYLORI, UNKNOWN FUNCTION, Protein Structure Initiative
;
_struct_keywords.pdbx_keywords   'Structural Genomics, Unknown Function' 
# 
loop_
_struct_asym.id 
_struct_asym.pdbx_blank_PDB_chainid_flag 
_struct_asym.pdbx_modified 
_struct_asym.entity_id 
_struct_asym.details 
A N N 1 ? 
B N N 2 ? 
# 
_struct_ref.id                         1 
_struct_ref.db_name                    UNP 
_struct_ref.db_code                    O25025_HELPY 
_struct_ref.pdbx_db_accession          O25025 
_struct_ref.entity_id                  1 
_struct_ref.pdbx_seq_one_letter_code   
;MRDYSELEIFEGNPLDKWNDIIFHASKKLSKKELERLLELLALLETFIEKEDLEEKFESFAKALRIDEELQQKIESRKTD
IVIQSMANILSGNE
;
_struct_ref.pdbx_align_begin           1 
_struct_ref.pdbx_db_isoform            ? 
# 
_struct_ref_seq.align_id                      1 
_struct_ref_seq.ref_id                        1 
_struct_ref_seq.pdbx_PDB_id_code              4U12 
_struct_ref_seq.pdbx_strand_id                A 
_struct_ref_seq.seq_align_beg                 1 
_struct_ref_seq.pdbx_seq_align_beg_ins_code   ? 
_struct_ref_seq.seq_align_end                 94 
_struct_ref_seq.pdbx_seq_align_end_ins_code   ? 
_struct_ref_seq.pdbx_db_accession             O25025 
_struct_ref_seq.db_align_beg                  1 
_struct_ref_seq.pdbx_db_align_beg_ins_code    ? 
_struct_ref_seq.db_align_end                  94 
_struct_ref_seq.pdbx_db_align_end_ins_code    ? 
_struct_ref_seq.pdbx_auth_seq_align_beg       1 
_struct_ref_seq.pdbx_auth_seq_align_end       94 
# 
_pdbx_struct_assembly.id                   1 
_pdbx_struct_assembly.details              author_and_software_defined_assembly 
_pdbx_struct_assembly.method_details       PISA 
_pdbx_struct_assembly.oligomeric_details   dimeric 
_pdbx_struct_assembly.oligomeric_count     2 
# 
loop_
_pdbx_struct_assembly_prop.biol_id 
_pdbx_struct_assembly_prop.type 
_pdbx_struct_assembly_prop.value 
_pdbx_struct_assembly_prop.details 
1 'ABSA (A^2)' 4070 ? 
1 MORE         -37  ? 
1 'SSA (A^2)'  8850 ? 
# 
_pdbx_struct_assembly_gen.assembly_id       1 
_pdbx_struct_assembly_gen.oper_expression   1,2 
_pdbx_struct_assembly_gen.asym_id_list      A,B 
# 
loop_
_pdbx_struct_oper_list.id 
_pdbx_struct_oper_list.type 
_pdbx_struct_oper_list.name 
_pdbx_struct_oper_list.symmetry_operation 
_pdbx_struct_oper_list.matrix[1][1] 
_pdbx_struct_oper_list.matrix[1][2] 
_pdbx_struct_oper_list.matrix[1][3] 
_pdbx_struct_oper_list.vector[1] 
_pdbx_struct_oper_list.matrix[2][1] 
_pdbx_struct_oper_list.matrix[2][2] 
_pdbx_struct_oper_list.matrix[2][3] 
_pdbx_struct_oper_list.vector[2] 
_pdbx_struct_oper_list.matrix[3][1] 
_pdbx_struct_oper_list.matrix[3][2] 
_pdbx_struct_oper_list.matrix[3][3] 
_pdbx_struct_oper_list.vector[3] 
1 'identity operation'         1_555 x,y,z      1.0000000000  0.0000000000 0.0000000000 0.0000000000  0.0000000000 1.0000000000  0.0000000000 0.0000000000 0.0000000000 0.0000000000 1.0000000000 0.0000000000 
2 'crystal symmetry operation' 7_555 y,x,-z+1/4 -0.5338918313 0.1315744114 0.8352530675 -3.8227268119 0.1315744114 -0.9628587806 0.2357777402 8.3328247334 0.8352530675 0.2357777402 0.4967506119 0.8206107955 
# 
_struct_biol.details                      'biological unit is the same as asym.' 
_struct_biol.id                           1 
_struct_biol.pdbx_parent_biol_id          ? 
_struct_biol.pdbx_formula_weight          ? 
_struct_biol.pdbx_formula_weight_method   ? 
_struct_biol.pdbx_aggregation_state       ? 
_struct_biol.pdbx_assembly_method         ? 
# 
loop_
_struct_conf.conf_type_id 
_struct_conf.id 
_struct_conf.pdbx_PDB_helix_id 
_struct_conf.beg_label_comp_id 
_struct_conf.beg_label_asym_id 
_struct_conf.beg_label_seq_id 
_struct_conf.pdbx_beg_PDB_ins_code 
_struct_conf.end_label_comp_id 
_struct_conf.end_label_asym_id 
_struct_conf.end_label_seq_id 
_struct_conf.pdbx_end_PDB_ins_code 
_struct_conf.beg_auth_comp_id 
_struct_conf.beg_auth_asym_id 
_struct_conf.beg_auth_seq_id 
_struct_conf.end_auth_comp_id 
_struct_conf.end_auth_asym_id 
_struct_conf.end_auth_seq_id 
_struct_conf.pdbx_PDB_helix_class 
_struct_conf.details 
_struct_conf.pdbx_PDB_helix_length 
HELX_P HELX_P1 AA1 ASN A 13 ? ALA A 25 ? ASN A 13 ALA A 25 1 ? 13 
HELX_P HELX_P2 AA2 SER A 26 ? GLU A 51 ? SER A 26 GLU A 51 1 ? 26 
HELX_P HELX_P3 AA3 LEU A 53 ? ALA A 63 ? LEU A 53 ALA A 63 1 ? 11 
HELX_P HELX_P4 AA4 LEU A 64 ? ILE A 66 ? LEU A 64 ILE A 66 5 ? 3  
HELX_P HELX_P5 AA5 ASP A 67 ? GLY A 92 ? ASP A 67 GLY A 92 1 ? 26 
# 
_struct_conf_type.id          HELX_P 
_struct_conf_type.criteria    ? 
_struct_conf_type.reference   ? 
# 
loop_
_struct_conn.id 
_struct_conn.conn_type_id 
_struct_conn.pdbx_leaving_atom_flag 
_struct_conn.pdbx_PDB_id 
_struct_conn.ptnr1_label_asym_id 
_struct_conn.ptnr1_label_comp_id 
_struct_conn.ptnr1_label_seq_id 
_struct_conn.ptnr1_label_atom_id 
_struct_conn.pdbx_ptnr1_label_alt_id 
_struct_conn.pdbx_ptnr1_PDB_ins_code 
_struct_conn.pdbx_ptnr1_standard_comp_id 
_struct_conn.ptnr1_symmetry 
_struct_conn.ptnr2_label_asym_id 
_struct_conn.ptnr2_label_comp_id 
_struct_conn.ptnr2_label_seq_id 
_struct_conn.ptnr2_label_atom_id 
_struct_conn.pdbx_ptnr2_label_alt_id 
_struct_conn.pdbx_ptnr2_PDB_ins_code 
_struct_conn.ptnr1_auth_asym_id 
_struct_conn.ptnr1_auth_comp_id 
_struct_conn.ptnr1_auth_seq_id 
_struct_conn.ptnr2_auth_asym_id 
_struct_conn.ptnr2_auth_comp_id 
_struct_conn.ptnr2_auth_seq_id 
_struct_conn.ptnr2_symmetry 
_struct_conn.pdbx_ptnr3_label_atom_id 
_struct_conn.pdbx_ptnr3_label_seq_id 
_struct_conn.pdbx_ptnr3_label_comp_id 
_struct_conn.pdbx_ptnr3_label_asym_id 
_struct_conn.pdbx_ptnr3_label_alt_id 
_struct_conn.pdbx_ptnr3_PDB_ins_code 
_struct_conn.details 
_struct_conn.pdbx_dist_value 
_struct_conn.pdbx_value_order 
_struct_conn.pdbx_role 
covale1 covale both ? A SER 85 C ? ? ? 1_555 A MSE 86 N ? ? A SER 85 A MSE 86 1_555 ? ? ? ? ? ? ? 1.315 ? ? 
covale2 covale both ? A MSE 86 C ? ? ? 1_555 A ALA 87 N ? ? A MSE 86 A ALA 87 1_555 ? ? ? ? ? ? ? 1.308 ? ? 
# 
_struct_conn_type.id          covale 
_struct_conn_type.criteria    ? 
_struct_conn_type.reference   ? 
# 
_pdbx_modification_feature.ordinal                            1 
_pdbx_modification_feature.label_comp_id                      MSE 
_pdbx_modification_feature.label_asym_id                      A 
_pdbx_modification_feature.label_seq_id                       86 
_pdbx_modification_feature.label_alt_id                       ? 
_pdbx_modification_feature.modified_residue_label_comp_id     . 
_pdbx_modification_feature.modified_residue_label_asym_id     . 
_pdbx_modification_feature.modified_residue_label_seq_id      . 
_pdbx_modification_feature.modified_residue_label_alt_id      . 
_pdbx_modification_feature.auth_comp_id                       MSE 
_pdbx_modification_feature.auth_asym_id                       A 
_pdbx_modification_feature.auth_seq_id                        86 
_pdbx_modification_feature.PDB_ins_code                       ? 
_pdbx_modification_feature.symmetry                           1_555 
_pdbx_modification_feature.modified_residue_auth_comp_id      . 
_pdbx_modification_feature.modified_residue_auth_asym_id      . 
_pdbx_modification_feature.modified_residue_auth_seq_id       . 
_pdbx_modification_feature.modified_residue_PDB_ins_code      . 
_pdbx_modification_feature.modified_residue_symmetry          . 
_pdbx_modification_feature.comp_id_linking_atom               . 
_pdbx_modification_feature.modified_residue_id_linking_atom   . 
_pdbx_modification_feature.modified_residue_id                MET 
_pdbx_modification_feature.ref_pcm_id                         1 
_pdbx_modification_feature.ref_comp_id                        MSE 
_pdbx_modification_feature.type                               Selenomethionine 
_pdbx_modification_feature.category                           'Named protein modification' 
# 
_pdbx_entry_details.entry_id                   4U12 
_pdbx_entry_details.compound_details           ? 
_pdbx_entry_details.source_details             ? 
_pdbx_entry_details.nonpolymer_details         ? 
_pdbx_entry_details.sequence_details           ? 
_pdbx_entry_details.has_ligand_of_interest     ? 
_pdbx_entry_details.has_protein_modification   Y 
# 
_pdbx_SG_project.id                    1 
_pdbx_SG_project.project_name          'PSI, Protein Structure Initiative' 
_pdbx_SG_project.full_name_of_center   'Midwest Center for Structural Genomics' 
_pdbx_SG_project.initial_of_center     MCSG 
# 
_pdbx_struct_mod_residue.id               1 
_pdbx_struct_mod_residue.label_asym_id    A 
_pdbx_struct_mod_residue.label_comp_id    MSE 
_pdbx_struct_mod_residue.label_seq_id     86 
_pdbx_struct_mod_residue.auth_asym_id     A 
_pdbx_struct_mod_residue.auth_comp_id     MSE 
_pdbx_struct_mod_residue.auth_seq_id      86 
_pdbx_struct_mod_residue.PDB_ins_code     ? 
_pdbx_struct_mod_residue.parent_comp_id   MET 
_pdbx_struct_mod_residue.details          'modified residue' 
# 
loop_
_pdbx_refine_tls.id 
_pdbx_refine_tls.pdbx_refine_id 
_pdbx_refine_tls.details 
_pdbx_refine_tls.method 
_pdbx_refine_tls.origin_x 
_pdbx_refine_tls.origin_y 
_pdbx_refine_tls.origin_z 
_pdbx_refine_tls.T[1][1] 
_pdbx_refine_tls.T[1][1]_esd 
_pdbx_refine_tls.T[1][2] 
_pdbx_refine_tls.T[1][2]_esd 
_pdbx_refine_tls.T[1][3] 
_pdbx_refine_tls.T[1][3]_esd 
_pdbx_refine_tls.T[2][2] 
_pdbx_refine_tls.T[2][2]_esd 
_pdbx_refine_tls.T[2][3] 
_pdbx_refine_tls.T[2][3]_esd 
_pdbx_refine_tls.T[3][3] 
_pdbx_refine_tls.T[3][3]_esd 
_pdbx_refine_tls.L[1][1] 
_pdbx_refine_tls.L[1][1]_esd 
_pdbx_refine_tls.L[1][2] 
_pdbx_refine_tls.L[1][2]_esd 
_pdbx_refine_tls.L[1][3] 
_pdbx_refine_tls.L[1][3]_esd 
_pdbx_refine_tls.L[2][2] 
_pdbx_refine_tls.L[2][2]_esd 
_pdbx_refine_tls.L[2][3] 
_pdbx_refine_tls.L[2][3]_esd 
_pdbx_refine_tls.L[3][3] 
_pdbx_refine_tls.L[3][3]_esd 
_pdbx_refine_tls.S[1][1] 
_pdbx_refine_tls.S[1][1]_esd 
_pdbx_refine_tls.S[1][2] 
_pdbx_refine_tls.S[1][2]_esd 
_pdbx_refine_tls.S[1][3] 
_pdbx_refine_tls.S[1][3]_esd 
_pdbx_refine_tls.S[2][1] 
_pdbx_refine_tls.S[2][1]_esd 
_pdbx_refine_tls.S[2][2] 
_pdbx_refine_tls.S[2][2]_esd 
_pdbx_refine_tls.S[2][3] 
_pdbx_refine_tls.S[2][3]_esd 
_pdbx_refine_tls.S[3][1] 
_pdbx_refine_tls.S[3][1]_esd 
_pdbx_refine_tls.S[3][2] 
_pdbx_refine_tls.S[3][2]_esd 
_pdbx_refine_tls.S[3][3] 
_pdbx_refine_tls.S[3][3]_esd 
1 'X-RAY DIFFRACTION' ? refined -3.1616 -5.7482 -10.5871 0.1578 ? 0.0664  ? -0.0562 ? 0.0496 ? -0.0472 ? 0.1145 ? 14.2843 ? -2.2488  ? -0.0233  ? 14.9500 ? -4.2571 ? 6.2658  ? 0.6441 ? 0.0912  ? -0.4946 ? -1.1205 ? -0.5500 ? 0.1442  ? 0.0087  ? 0.2672  ? -0.0940 ? 
2 'X-RAY DIFFRACTION' ? refined -9.0318 3.1644  0.0471   0.1053 ? -0.0060 ? 0.0336  ? 0.1002 ? -0.0032 ? 0.1402 ? 6.4141  ? 1.8313   ? 5.2759   ? 8.8172  ? 4.5961  ? 9.7814  ? 0.2902 ? -0.0647 ? -0.2552 ? 0.5532  ? -0.2254 ? 0.6227  ? -0.0006 ? -0.4254 ? -0.0650 ? 
3 'X-RAY DIFFRACTION' ? refined 7.9633  10.0719 10.5749  1.2616 ? -0.1152 ? -1.4114 ? 0.1302 ? 0.1443  ? 1.8847 ? 26.1148 ? -10.7058 ? -18.2444 ? 26.9340 ? 19.4160 ? 19.2362 ? 1.0709 ? -0.8290 ? -0.6796 ? 2.7651  ? 0.0554  ? -3.5948 ? 0.6281  ? 0.4416  ? -1.1263 ? 
4 'X-RAY DIFFRACTION' ? refined 14.2371 -3.2253 0.9211   0.4375 ? 0.1699  ? -0.2869 ? 0.2799 ? -0.0116 ? 0.7346 ? 44.8557 ? 6.6838   ? 0.7160   ? 19.1152 ? 4.9958  ? 2.4351  ? 0.1553 ? 0.9898  ? 0.2856  ? 0.7077  ? 0.5146  ? -1.1631 ? 0.8072  ? 0.5204  ? -0.6699 ? 
5 'X-RAY DIFFRACTION' ? refined -3.6462 -7.0198 -0.8996  0.2176 ? -0.0508 ? -0.0359 ? 0.1547 ? -0.0076 ? 0.3444 ? 25.4518 ? -6.3166  ? 6.5737   ? 11.1218 ? 0.4420  ? 2.2757  ? 1.1936 ? -0.2259 ? -0.9950 ? 0.2557  ? -0.7515 ? 0.1352  ? 0.4175  ? -0.1743 ? -0.4422 ? 
# 
loop_
_pdbx_refine_tls_group.id 
_pdbx_refine_tls_group.pdbx_refine_id 
_pdbx_refine_tls_group.refine_tls_id 
_pdbx_refine_tls_group.beg_label_asym_id 
_pdbx_refine_tls_group.beg_label_seq_id 
_pdbx_refine_tls_group.beg_auth_asym_id 
_pdbx_refine_tls_group.beg_auth_seq_id 
_pdbx_refine_tls_group.end_label_asym_id 
_pdbx_refine_tls_group.end_label_seq_id 
_pdbx_refine_tls_group.end_auth_asym_id 
_pdbx_refine_tls_group.end_auth_seq_id 
_pdbx_refine_tls_group.selection 
_pdbx_refine_tls_group.selection_details 
1 'X-RAY DIFFRACTION' 1 ? ? A 13 ? ? A 23 ? ? 
2 'X-RAY DIFFRACTION' 2 ? ? A 24 ? ? A 47 ? ? 
3 'X-RAY DIFFRACTION' 3 ? ? A 48 ? ? A 62 ? ? 
4 'X-RAY DIFFRACTION' 4 ? ? A 63 ? ? A 75 ? ? 
5 'X-RAY DIFFRACTION' 5 ? ? A 76 ? ? A 92 ? ? 
# 
loop_
_pdbx_distant_solvent_atoms.id 
_pdbx_distant_solvent_atoms.PDB_model_num 
_pdbx_distant_solvent_atoms.auth_atom_id 
_pdbx_distant_solvent_atoms.label_alt_id 
_pdbx_distant_solvent_atoms.auth_asym_id 
_pdbx_distant_solvent_atoms.auth_comp_id 
_pdbx_distant_solvent_atoms.auth_seq_id 
_pdbx_distant_solvent_atoms.PDB_ins_code 
_pdbx_distant_solvent_atoms.neighbor_macromolecule_distance 
_pdbx_distant_solvent_atoms.neighbor_ligand_distance 
1 1 O ? A HOH 167 ? 6.59 . 
2 1 O ? A HOH 168 ? 8.25 . 
3 1 O ? A HOH 169 ? 6.42 . 
# 
loop_
_pdbx_unobs_or_zero_occ_residues.id 
_pdbx_unobs_or_zero_occ_residues.PDB_model_num 
_pdbx_unobs_or_zero_occ_residues.polymer_flag 
_pdbx_unobs_or_zero_occ_residues.occupancy_flag 
_pdbx_unobs_or_zero_occ_residues.auth_asym_id 
_pdbx_unobs_or_zero_occ_residues.auth_comp_id 
_pdbx_unobs_or_zero_occ_residues.auth_seq_id 
_pdbx_unobs_or_zero_occ_residues.PDB_ins_code 
_pdbx_unobs_or_zero_occ_residues.label_asym_id 
_pdbx_unobs_or_zero_occ_residues.label_comp_id 
_pdbx_unobs_or_zero_occ_residues.label_seq_id 
1  1 Y 1 A MSE 1  ? A MSE 1  
2  1 Y 1 A ARG 2  ? A ARG 2  
3  1 Y 1 A ASP 3  ? A ASP 3  
4  1 Y 1 A TYR 4  ? A TYR 4  
5  1 Y 1 A SER 5  ? A SER 5  
6  1 Y 1 A GLU 6  ? A GLU 6  
7  1 Y 1 A LEU 7  ? A LEU 7  
8  1 Y 1 A GLU 8  ? A GLU 8  
9  1 Y 1 A ILE 9  ? A ILE 9  
10 1 Y 1 A PHE 10 ? A PHE 10 
11 1 Y 1 A GLU 11 ? A GLU 11 
12 1 Y 1 A GLY 12 ? A GLY 12 
13 1 Y 1 A ASN 93 ? A ASN 93 
14 1 Y 1 A GLU 94 ? A GLU 94 
# 
loop_
_chem_comp_atom.comp_id 
_chem_comp_atom.atom_id 
_chem_comp_atom.type_symbol 
_chem_comp_atom.pdbx_aromatic_flag 
_chem_comp_atom.pdbx_stereo_config 
_chem_comp_atom.pdbx_ordinal 
ALA N    N  N N 1   
ALA CA   C  N S 2   
ALA C    C  N N 3   
ALA O    O  N N 4   
ALA CB   C  N N 5   
ALA OXT  O  N N 6   
ALA H    H  N N 7   
ALA H2   H  N N 8   
ALA HA   H  N N 9   
ALA HB1  H  N N 10  
ALA HB2  H  N N 11  
ALA HB3  H  N N 12  
ALA HXT  H  N N 13  
ARG N    N  N N 14  
ARG CA   C  N S 15  
ARG C    C  N N 16  
ARG O    O  N N 17  
ARG CB   C  N N 18  
ARG CG   C  N N 19  
ARG CD   C  N N 20  
ARG NE   N  N N 21  
ARG CZ   C  N N 22  
ARG NH1  N  N N 23  
ARG NH2  N  N N 24  
ARG OXT  O  N N 25  
ARG H    H  N N 26  
ARG H2   H  N N 27  
ARG HA   H  N N 28  
ARG HB2  H  N N 29  
ARG HB3  H  N N 30  
ARG HG2  H  N N 31  
ARG HG3  H  N N 32  
ARG HD2  H  N N 33  
ARG HD3  H  N N 34  
ARG HE   H  N N 35  
ARG HH11 H  N N 36  
ARG HH12 H  N N 37  
ARG HH21 H  N N 38  
ARG HH22 H  N N 39  
ARG HXT  H  N N 40  
ASN N    N  N N 41  
ASN CA   C  N S 42  
ASN C    C  N N 43  
ASN O    O  N N 44  
ASN CB   C  N N 45  
ASN CG   C  N N 46  
ASN OD1  O  N N 47  
ASN ND2  N  N N 48  
ASN OXT  O  N N 49  
ASN H    H  N N 50  
ASN H2   H  N N 51  
ASN HA   H  N N 52  
ASN HB2  H  N N 53  
ASN HB3  H  N N 54  
ASN HD21 H  N N 55  
ASN HD22 H  N N 56  
ASN HXT  H  N N 57  
ASP N    N  N N 58  
ASP CA   C  N S 59  
ASP C    C  N N 60  
ASP O    O  N N 61  
ASP CB   C  N N 62  
ASP CG   C  N N 63  
ASP OD1  O  N N 64  
ASP OD2  O  N N 65  
ASP OXT  O  N N 66  
ASP H    H  N N 67  
ASP H2   H  N N 68  
ASP HA   H  N N 69  
ASP HB2  H  N N 70  
ASP HB3  H  N N 71  
ASP HD2  H  N N 72  
ASP HXT  H  N N 73  
GLN N    N  N N 74  
GLN CA   C  N S 75  
GLN C    C  N N 76  
GLN O    O  N N 77  
GLN CB   C  N N 78  
GLN CG   C  N N 79  
GLN CD   C  N N 80  
GLN OE1  O  N N 81  
GLN NE2  N  N N 82  
GLN OXT  O  N N 83  
GLN H    H  N N 84  
GLN H2   H  N N 85  
GLN HA   H  N N 86  
GLN HB2  H  N N 87  
GLN HB3  H  N N 88  
GLN HG2  H  N N 89  
GLN HG3  H  N N 90  
GLN HE21 H  N N 91  
GLN HE22 H  N N 92  
GLN HXT  H  N N 93  
GLU N    N  N N 94  
GLU CA   C  N S 95  
GLU C    C  N N 96  
GLU O    O  N N 97  
GLU CB   C  N N 98  
GLU CG   C  N N 99  
GLU CD   C  N N 100 
GLU OE1  O  N N 101 
GLU OE2  O  N N 102 
GLU OXT  O  N N 103 
GLU H    H  N N 104 
GLU H2   H  N N 105 
GLU HA   H  N N 106 
GLU HB2  H  N N 107 
GLU HB3  H  N N 108 
GLU HG2  H  N N 109 
GLU HG3  H  N N 110 
GLU HE2  H  N N 111 
GLU HXT  H  N N 112 
GLY N    N  N N 113 
GLY CA   C  N N 114 
GLY C    C  N N 115 
GLY O    O  N N 116 
GLY OXT  O  N N 117 
GLY H    H  N N 118 
GLY H2   H  N N 119 
GLY HA2  H  N N 120 
GLY HA3  H  N N 121 
GLY HXT  H  N N 122 
HIS N    N  N N 123 
HIS CA   C  N S 124 
HIS C    C  N N 125 
HIS O    O  N N 126 
HIS CB   C  N N 127 
HIS CG   C  Y N 128 
HIS ND1  N  Y N 129 
HIS CD2  C  Y N 130 
HIS CE1  C  Y N 131 
HIS NE2  N  Y N 132 
HIS OXT  O  N N 133 
HIS H    H  N N 134 
HIS H2   H  N N 135 
HIS HA   H  N N 136 
HIS HB2  H  N N 137 
HIS HB3  H  N N 138 
HIS HD1  H  N N 139 
HIS HD2  H  N N 140 
HIS HE1  H  N N 141 
HIS HE2  H  N N 142 
HIS HXT  H  N N 143 
HOH O    O  N N 144 
HOH H1   H  N N 145 
HOH H2   H  N N 146 
ILE N    N  N N 147 
ILE CA   C  N S 148 
ILE C    C  N N 149 
ILE O    O  N N 150 
ILE CB   C  N S 151 
ILE CG1  C  N N 152 
ILE CG2  C  N N 153 
ILE CD1  C  N N 154 
ILE OXT  O  N N 155 
ILE H    H  N N 156 
ILE H2   H  N N 157 
ILE HA   H  N N 158 
ILE HB   H  N N 159 
ILE HG12 H  N N 160 
ILE HG13 H  N N 161 
ILE HG21 H  N N 162 
ILE HG22 H  N N 163 
ILE HG23 H  N N 164 
ILE HD11 H  N N 165 
ILE HD12 H  N N 166 
ILE HD13 H  N N 167 
ILE HXT  H  N N 168 
LEU N    N  N N 169 
LEU CA   C  N S 170 
LEU C    C  N N 171 
LEU O    O  N N 172 
LEU CB   C  N N 173 
LEU CG   C  N N 174 
LEU CD1  C  N N 175 
LEU CD2  C  N N 176 
LEU OXT  O  N N 177 
LEU H    H  N N 178 
LEU H2   H  N N 179 
LEU HA   H  N N 180 
LEU HB2  H  N N 181 
LEU HB3  H  N N 182 
LEU HG   H  N N 183 
LEU HD11 H  N N 184 
LEU HD12 H  N N 185 
LEU HD13 H  N N 186 
LEU HD21 H  N N 187 
LEU HD22 H  N N 188 
LEU HD23 H  N N 189 
LEU HXT  H  N N 190 
LYS N    N  N N 191 
LYS CA   C  N S 192 
LYS C    C  N N 193 
LYS O    O  N N 194 
LYS CB   C  N N 195 
LYS CG   C  N N 196 
LYS CD   C  N N 197 
LYS CE   C  N N 198 
LYS NZ   N  N N 199 
LYS OXT  O  N N 200 
LYS H    H  N N 201 
LYS H2   H  N N 202 
LYS HA   H  N N 203 
LYS HB2  H  N N 204 
LYS HB3  H  N N 205 
LYS HG2  H  N N 206 
LYS HG3  H  N N 207 
LYS HD2  H  N N 208 
LYS HD3  H  N N 209 
LYS HE2  H  N N 210 
LYS HE3  H  N N 211 
LYS HZ1  H  N N 212 
LYS HZ2  H  N N 213 
LYS HZ3  H  N N 214 
LYS HXT  H  N N 215 
MSE N    N  N N 216 
MSE CA   C  N S 217 
MSE C    C  N N 218 
MSE O    O  N N 219 
MSE OXT  O  N N 220 
MSE CB   C  N N 221 
MSE CG   C  N N 222 
MSE SE   SE N N 223 
MSE CE   C  N N 224 
MSE H    H  N N 225 
MSE H2   H  N N 226 
MSE HA   H  N N 227 
MSE HXT  H  N N 228 
MSE HB2  H  N N 229 
MSE HB3  H  N N 230 
MSE HG2  H  N N 231 
MSE HG3  H  N N 232 
MSE HE1  H  N N 233 
MSE HE2  H  N N 234 
MSE HE3  H  N N 235 
PHE N    N  N N 236 
PHE CA   C  N S 237 
PHE C    C  N N 238 
PHE O    O  N N 239 
PHE CB   C  N N 240 
PHE CG   C  Y N 241 
PHE CD1  C  Y N 242 
PHE CD2  C  Y N 243 
PHE CE1  C  Y N 244 
PHE CE2  C  Y N 245 
PHE CZ   C  Y N 246 
PHE OXT  O  N N 247 
PHE H    H  N N 248 
PHE H2   H  N N 249 
PHE HA   H  N N 250 
PHE HB2  H  N N 251 
PHE HB3  H  N N 252 
PHE HD1  H  N N 253 
PHE HD2  H  N N 254 
PHE HE1  H  N N 255 
PHE HE2  H  N N 256 
PHE HZ   H  N N 257 
PHE HXT  H  N N 258 
PRO N    N  N N 259 
PRO CA   C  N S 260 
PRO C    C  N N 261 
PRO O    O  N N 262 
PRO CB   C  N N 263 
PRO CG   C  N N 264 
PRO CD   C  N N 265 
PRO OXT  O  N N 266 
PRO H    H  N N 267 
PRO HA   H  N N 268 
PRO HB2  H  N N 269 
PRO HB3  H  N N 270 
PRO HG2  H  N N 271 
PRO HG3  H  N N 272 
PRO HD2  H  N N 273 
PRO HD3  H  N N 274 
PRO HXT  H  N N 275 
SER N    N  N N 276 
SER CA   C  N S 277 
SER C    C  N N 278 
SER O    O  N N 279 
SER CB   C  N N 280 
SER OG   O  N N 281 
SER OXT  O  N N 282 
SER H    H  N N 283 
SER H2   H  N N 284 
SER HA   H  N N 285 
SER HB2  H  N N 286 
SER HB3  H  N N 287 
SER HG   H  N N 288 
SER HXT  H  N N 289 
THR N    N  N N 290 
THR CA   C  N S 291 
THR C    C  N N 292 
THR O    O  N N 293 
THR CB   C  N R 294 
THR OG1  O  N N 295 
THR CG2  C  N N 296 
THR OXT  O  N N 297 
THR H    H  N N 298 
THR H2   H  N N 299 
THR HA   H  N N 300 
THR HB   H  N N 301 
THR HG1  H  N N 302 
THR HG21 H  N N 303 
THR HG22 H  N N 304 
THR HG23 H  N N 305 
THR HXT  H  N N 306 
TRP N    N  N N 307 
TRP CA   C  N S 308 
TRP C    C  N N 309 
TRP O    O  N N 310 
TRP CB   C  N N 311 
TRP CG   C  Y N 312 
TRP CD1  C  Y N 313 
TRP CD2  C  Y N 314 
TRP NE1  N  Y N 315 
TRP CE2  C  Y N 316 
TRP CE3  C  Y N 317 
TRP CZ2  C  Y N 318 
TRP CZ3  C  Y N 319 
TRP CH2  C  Y N 320 
TRP OXT  O  N N 321 
TRP H    H  N N 322 
TRP H2   H  N N 323 
TRP HA   H  N N 324 
TRP HB2  H  N N 325 
TRP HB3  H  N N 326 
TRP HD1  H  N N 327 
TRP HE1  H  N N 328 
TRP HE3  H  N N 329 
TRP HZ2  H  N N 330 
TRP HZ3  H  N N 331 
TRP HH2  H  N N 332 
TRP HXT  H  N N 333 
TYR N    N  N N 334 
TYR CA   C  N S 335 
TYR C    C  N N 336 
TYR O    O  N N 337 
TYR CB   C  N N 338 
TYR CG   C  Y N 339 
TYR CD1  C  Y N 340 
TYR CD2  C  Y N 341 
TYR CE1  C  Y N 342 
TYR CE2  C  Y N 343 
TYR CZ   C  Y N 344 
TYR OH   O  N N 345 
TYR OXT  O  N N 346 
TYR H    H  N N 347 
TYR H2   H  N N 348 
TYR HA   H  N N 349 
TYR HB2  H  N N 350 
TYR HB3  H  N N 351 
TYR HD1  H  N N 352 
TYR HD2  H  N N 353 
TYR HE1  H  N N 354 
TYR HE2  H  N N 355 
TYR HH   H  N N 356 
TYR HXT  H  N N 357 
VAL N    N  N N 358 
VAL CA   C  N S 359 
VAL C    C  N N 360 
VAL O    O  N N 361 
VAL CB   C  N N 362 
VAL CG1  C  N N 363 
VAL CG2  C  N N 364 
VAL OXT  O  N N 365 
VAL H    H  N N 366 
VAL H2   H  N N 367 
VAL HA   H  N N 368 
VAL HB   H  N N 369 
VAL HG11 H  N N 370 
VAL HG12 H  N N 371 
VAL HG13 H  N N 372 
VAL HG21 H  N N 373 
VAL HG22 H  N N 374 
VAL HG23 H  N N 375 
VAL HXT  H  N N 376 
# 
loop_
_chem_comp_bond.comp_id 
_chem_comp_bond.atom_id_1 
_chem_comp_bond.atom_id_2 
_chem_comp_bond.value_order 
_chem_comp_bond.pdbx_aromatic_flag 
_chem_comp_bond.pdbx_stereo_config 
_chem_comp_bond.pdbx_ordinal 
ALA N   CA   sing N N 1   
ALA N   H    sing N N 2   
ALA N   H2   sing N N 3   
ALA CA  C    sing N N 4   
ALA CA  CB   sing N N 5   
ALA CA  HA   sing N N 6   
ALA C   O    doub N N 7   
ALA C   OXT  sing N N 8   
ALA CB  HB1  sing N N 9   
ALA CB  HB2  sing N N 10  
ALA CB  HB3  sing N N 11  
ALA OXT HXT  sing N N 12  
ARG N   CA   sing N N 13  
ARG N   H    sing N N 14  
ARG N   H2   sing N N 15  
ARG CA  C    sing N N 16  
ARG CA  CB   sing N N 17  
ARG CA  HA   sing N N 18  
ARG C   O    doub N N 19  
ARG C   OXT  sing N N 20  
ARG CB  CG   sing N N 21  
ARG CB  HB2  sing N N 22  
ARG CB  HB3  sing N N 23  
ARG CG  CD   sing N N 24  
ARG CG  HG2  sing N N 25  
ARG CG  HG3  sing N N 26  
ARG CD  NE   sing N N 27  
ARG CD  HD2  sing N N 28  
ARG CD  HD3  sing N N 29  
ARG NE  CZ   sing N N 30  
ARG NE  HE   sing N N 31  
ARG CZ  NH1  sing N N 32  
ARG CZ  NH2  doub N N 33  
ARG NH1 HH11 sing N N 34  
ARG NH1 HH12 sing N N 35  
ARG NH2 HH21 sing N N 36  
ARG NH2 HH22 sing N N 37  
ARG OXT HXT  sing N N 38  
ASN N   CA   sing N N 39  
ASN N   H    sing N N 40  
ASN N   H2   sing N N 41  
ASN CA  C    sing N N 42  
ASN CA  CB   sing N N 43  
ASN CA  HA   sing N N 44  
ASN C   O    doub N N 45  
ASN C   OXT  sing N N 46  
ASN CB  CG   sing N N 47  
ASN CB  HB2  sing N N 48  
ASN CB  HB3  sing N N 49  
ASN CG  OD1  doub N N 50  
ASN CG  ND2  sing N N 51  
ASN ND2 HD21 sing N N 52  
ASN ND2 HD22 sing N N 53  
ASN OXT HXT  sing N N 54  
ASP N   CA   sing N N 55  
ASP N   H    sing N N 56  
ASP N   H2   sing N N 57  
ASP CA  C    sing N N 58  
ASP CA  CB   sing N N 59  
ASP CA  HA   sing N N 60  
ASP C   O    doub N N 61  
ASP C   OXT  sing N N 62  
ASP CB  CG   sing N N 63  
ASP CB  HB2  sing N N 64  
ASP CB  HB3  sing N N 65  
ASP CG  OD1  doub N N 66  
ASP CG  OD2  sing N N 67  
ASP OD2 HD2  sing N N 68  
ASP OXT HXT  sing N N 69  
GLN N   CA   sing N N 70  
GLN N   H    sing N N 71  
GLN N   H2   sing N N 72  
GLN CA  C    sing N N 73  
GLN CA  CB   sing N N 74  
GLN CA  HA   sing N N 75  
GLN C   O    doub N N 76  
GLN C   OXT  sing N N 77  
GLN CB  CG   sing N N 78  
GLN CB  HB2  sing N N 79  
GLN CB  HB3  sing N N 80  
GLN CG  CD   sing N N 81  
GLN CG  HG2  sing N N 82  
GLN CG  HG3  sing N N 83  
GLN CD  OE1  doub N N 84  
GLN CD  NE2  sing N N 85  
GLN NE2 HE21 sing N N 86  
GLN NE2 HE22 sing N N 87  
GLN OXT HXT  sing N N 88  
GLU N   CA   sing N N 89  
GLU N   H    sing N N 90  
GLU N   H2   sing N N 91  
GLU CA  C    sing N N 92  
GLU CA  CB   sing N N 93  
GLU CA  HA   sing N N 94  
GLU C   O    doub N N 95  
GLU C   OXT  sing N N 96  
GLU CB  CG   sing N N 97  
GLU CB  HB2  sing N N 98  
GLU CB  HB3  sing N N 99  
GLU CG  CD   sing N N 100 
GLU CG  HG2  sing N N 101 
GLU CG  HG3  sing N N 102 
GLU CD  OE1  doub N N 103 
GLU CD  OE2  sing N N 104 
GLU OE2 HE2  sing N N 105 
GLU OXT HXT  sing N N 106 
GLY N   CA   sing N N 107 
GLY N   H    sing N N 108 
GLY N   H2   sing N N 109 
GLY CA  C    sing N N 110 
GLY CA  HA2  sing N N 111 
GLY CA  HA3  sing N N 112 
GLY C   O    doub N N 113 
GLY C   OXT  sing N N 114 
GLY OXT HXT  sing N N 115 
HIS N   CA   sing N N 116 
HIS N   H    sing N N 117 
HIS N   H2   sing N N 118 
HIS CA  C    sing N N 119 
HIS CA  CB   sing N N 120 
HIS CA  HA   sing N N 121 
HIS C   O    doub N N 122 
HIS C   OXT  sing N N 123 
HIS CB  CG   sing N N 124 
HIS CB  HB2  sing N N 125 
HIS CB  HB3  sing N N 126 
HIS CG  ND1  sing Y N 127 
HIS CG  CD2  doub Y N 128 
HIS ND1 CE1  doub Y N 129 
HIS ND1 HD1  sing N N 130 
HIS CD2 NE2  sing Y N 131 
HIS CD2 HD2  sing N N 132 
HIS CE1 NE2  sing Y N 133 
HIS CE1 HE1  sing N N 134 
HIS NE2 HE2  sing N N 135 
HIS OXT HXT  sing N N 136 
HOH O   H1   sing N N 137 
HOH O   H2   sing N N 138 
ILE N   CA   sing N N 139 
ILE N   H    sing N N 140 
ILE N   H2   sing N N 141 
ILE CA  C    sing N N 142 
ILE CA  CB   sing N N 143 
ILE CA  HA   sing N N 144 
ILE C   O    doub N N 145 
ILE C   OXT  sing N N 146 
ILE CB  CG1  sing N N 147 
ILE CB  CG2  sing N N 148 
ILE CB  HB   sing N N 149 
ILE CG1 CD1  sing N N 150 
ILE CG1 HG12 sing N N 151 
ILE CG1 HG13 sing N N 152 
ILE CG2 HG21 sing N N 153 
ILE CG2 HG22 sing N N 154 
ILE CG2 HG23 sing N N 155 
ILE CD1 HD11 sing N N 156 
ILE CD1 HD12 sing N N 157 
ILE CD1 HD13 sing N N 158 
ILE OXT HXT  sing N N 159 
LEU N   CA   sing N N 160 
LEU N   H    sing N N 161 
LEU N   H2   sing N N 162 
LEU CA  C    sing N N 163 
LEU CA  CB   sing N N 164 
LEU CA  HA   sing N N 165 
LEU C   O    doub N N 166 
LEU C   OXT  sing N N 167 
LEU CB  CG   sing N N 168 
LEU CB  HB2  sing N N 169 
LEU CB  HB3  sing N N 170 
LEU CG  CD1  sing N N 171 
LEU CG  CD2  sing N N 172 
LEU CG  HG   sing N N 173 
LEU CD1 HD11 sing N N 174 
LEU CD1 HD12 sing N N 175 
LEU CD1 HD13 sing N N 176 
LEU CD2 HD21 sing N N 177 
LEU CD2 HD22 sing N N 178 
LEU CD2 HD23 sing N N 179 
LEU OXT HXT  sing N N 180 
LYS N   CA   sing N N 181 
LYS N   H    sing N N 182 
LYS N   H2   sing N N 183 
LYS CA  C    sing N N 184 
LYS CA  CB   sing N N 185 
LYS CA  HA   sing N N 186 
LYS C   O    doub N N 187 
LYS C   OXT  sing N N 188 
LYS CB  CG   sing N N 189 
LYS CB  HB2  sing N N 190 
LYS CB  HB3  sing N N 191 
LYS CG  CD   sing N N 192 
LYS CG  HG2  sing N N 193 
LYS CG  HG3  sing N N 194 
LYS CD  CE   sing N N 195 
LYS CD  HD2  sing N N 196 
LYS CD  HD3  sing N N 197 
LYS CE  NZ   sing N N 198 
LYS CE  HE2  sing N N 199 
LYS CE  HE3  sing N N 200 
LYS NZ  HZ1  sing N N 201 
LYS NZ  HZ2  sing N N 202 
LYS NZ  HZ3  sing N N 203 
LYS OXT HXT  sing N N 204 
MSE N   CA   sing N N 205 
MSE N   H    sing N N 206 
MSE N   H2   sing N N 207 
MSE CA  C    sing N N 208 
MSE CA  CB   sing N N 209 
MSE CA  HA   sing N N 210 
MSE C   O    doub N N 211 
MSE C   OXT  sing N N 212 
MSE OXT HXT  sing N N 213 
MSE CB  CG   sing N N 214 
MSE CB  HB2  sing N N 215 
MSE CB  HB3  sing N N 216 
MSE CG  SE   sing N N 217 
MSE CG  HG2  sing N N 218 
MSE CG  HG3  sing N N 219 
MSE SE  CE   sing N N 220 
MSE CE  HE1  sing N N 221 
MSE CE  HE2  sing N N 222 
MSE CE  HE3  sing N N 223 
PHE N   CA   sing N N 224 
PHE N   H    sing N N 225 
PHE N   H2   sing N N 226 
PHE CA  C    sing N N 227 
PHE CA  CB   sing N N 228 
PHE CA  HA   sing N N 229 
PHE C   O    doub N N 230 
PHE C   OXT  sing N N 231 
PHE CB  CG   sing N N 232 
PHE CB  HB2  sing N N 233 
PHE CB  HB3  sing N N 234 
PHE CG  CD1  doub Y N 235 
PHE CG  CD2  sing Y N 236 
PHE CD1 CE1  sing Y N 237 
PHE CD1 HD1  sing N N 238 
PHE CD2 CE2  doub Y N 239 
PHE CD2 HD2  sing N N 240 
PHE CE1 CZ   doub Y N 241 
PHE CE1 HE1  sing N N 242 
PHE CE2 CZ   sing Y N 243 
PHE CE2 HE2  sing N N 244 
PHE CZ  HZ   sing N N 245 
PHE OXT HXT  sing N N 246 
PRO N   CA   sing N N 247 
PRO N   CD   sing N N 248 
PRO N   H    sing N N 249 
PRO CA  C    sing N N 250 
PRO CA  CB   sing N N 251 
PRO CA  HA   sing N N 252 
PRO C   O    doub N N 253 
PRO C   OXT  sing N N 254 
PRO CB  CG   sing N N 255 
PRO CB  HB2  sing N N 256 
PRO CB  HB3  sing N N 257 
PRO CG  CD   sing N N 258 
PRO CG  HG2  sing N N 259 
PRO CG  HG3  sing N N 260 
PRO CD  HD2  sing N N 261 
PRO CD  HD3  sing N N 262 
PRO OXT HXT  sing N N 263 
SER N   CA   sing N N 264 
SER N   H    sing N N 265 
SER N   H2   sing N N 266 
SER CA  C    sing N N 267 
SER CA  CB   sing N N 268 
SER CA  HA   sing N N 269 
SER C   O    doub N N 270 
SER C   OXT  sing N N 271 
SER CB  OG   sing N N 272 
SER CB  HB2  sing N N 273 
SER CB  HB3  sing N N 274 
SER OG  HG   sing N N 275 
SER OXT HXT  sing N N 276 
THR N   CA   sing N N 277 
THR N   H    sing N N 278 
THR N   H2   sing N N 279 
THR CA  C    sing N N 280 
THR CA  CB   sing N N 281 
THR CA  HA   sing N N 282 
THR C   O    doub N N 283 
THR C   OXT  sing N N 284 
THR CB  OG1  sing N N 285 
THR CB  CG2  sing N N 286 
THR CB  HB   sing N N 287 
THR OG1 HG1  sing N N 288 
THR CG2 HG21 sing N N 289 
THR CG2 HG22 sing N N 290 
THR CG2 HG23 sing N N 291 
THR OXT HXT  sing N N 292 
TRP N   CA   sing N N 293 
TRP N   H    sing N N 294 
TRP N   H2   sing N N 295 
TRP CA  C    sing N N 296 
TRP CA  CB   sing N N 297 
TRP CA  HA   sing N N 298 
TRP C   O    doub N N 299 
TRP C   OXT  sing N N 300 
TRP CB  CG   sing N N 301 
TRP CB  HB2  sing N N 302 
TRP CB  HB3  sing N N 303 
TRP CG  CD1  doub Y N 304 
TRP CG  CD2  sing Y N 305 
TRP CD1 NE1  sing Y N 306 
TRP CD1 HD1  sing N N 307 
TRP CD2 CE2  doub Y N 308 
TRP CD2 CE3  sing Y N 309 
TRP NE1 CE2  sing Y N 310 
TRP NE1 HE1  sing N N 311 
TRP CE2 CZ2  sing Y N 312 
TRP CE3 CZ3  doub Y N 313 
TRP CE3 HE3  sing N N 314 
TRP CZ2 CH2  doub Y N 315 
TRP CZ2 HZ2  sing N N 316 
TRP CZ3 CH2  sing Y N 317 
TRP CZ3 HZ3  sing N N 318 
TRP CH2 HH2  sing N N 319 
TRP OXT HXT  sing N N 320 
TYR N   CA   sing N N 321 
TYR N   H    sing N N 322 
TYR N   H2   sing N N 323 
TYR CA  C    sing N N 324 
TYR CA  CB   sing N N 325 
TYR CA  HA   sing N N 326 
TYR C   O    doub N N 327 
TYR C   OXT  sing N N 328 
TYR CB  CG   sing N N 329 
TYR CB  HB2  sing N N 330 
TYR CB  HB3  sing N N 331 
TYR CG  CD1  doub Y N 332 
TYR CG  CD2  sing Y N 333 
TYR CD1 CE1  sing Y N 334 
TYR CD1 HD1  sing N N 335 
TYR CD2 CE2  doub Y N 336 
TYR CD2 HD2  sing N N 337 
TYR CE1 CZ   doub Y N 338 
TYR CE1 HE1  sing N N 339 
TYR CE2 CZ   sing Y N 340 
TYR CE2 HE2  sing N N 341 
TYR CZ  OH   sing N N 342 
TYR OH  HH   sing N N 343 
TYR OXT HXT  sing N N 344 
VAL N   CA   sing N N 345 
VAL N   H    sing N N 346 
VAL N   H2   sing N N 347 
VAL CA  C    sing N N 348 
VAL CA  CB   sing N N 349 
VAL CA  HA   sing N N 350 
VAL C   O    doub N N 351 
VAL C   OXT  sing N N 352 
VAL CB  CG1  sing N N 353 
VAL CB  CG2  sing N N 354 
VAL CB  HB   sing N N 355 
VAL CG1 HG11 sing N N 356 
VAL CG1 HG12 sing N N 357 
VAL CG1 HG13 sing N N 358 
VAL CG2 HG21 sing N N 359 
VAL CG2 HG22 sing N N 360 
VAL CG2 HG23 sing N N 361 
VAL OXT HXT  sing N N 362 
# 
loop_
_pdbx_audit_support.funding_organization 
_pdbx_audit_support.country 
_pdbx_audit_support.grant_number 
_pdbx_audit_support.ordinal 
'National Institutes of Health/National Institute of General Medical Sciences (NIH/NIGMS)' 'United States' R01-GM053163    1 
'National Institutes of Health/National Institute of General Medical Sciences (NIH/NIGMS)' 'United States' U54-GM094585-04 2 
# 
_atom_sites.entry_id                    4U12 
_atom_sites.fract_transf_matrix[1][1]   0.02130912 
_atom_sites.fract_transf_matrix[1][2]   -0.00053446 
_atom_sites.fract_transf_matrix[1][3]   0.00637952 
_atom_sites.fract_transf_matrix[2][1]   -0.00611857 
_atom_sites.fract_transf_matrix[2][2]   0.00482249 
_atom_sites.fract_transf_matrix[2][3]   0.02084152 
_atom_sites.fract_transf_matrix[3][1]   -0.00071804 
_atom_sites.fract_transf_matrix[3][2]   -0.00827884 
_atom_sites.fract_transf_matrix[3][3]   0.00170483 
_atom_sites.fract_transf_vector[1]      0.698502 
_atom_sites.fract_transf_vector[2]      0.617825 
_atom_sites.fract_transf_vector[3]      0.157421 
# 
loop_
_atom_type.symbol 
C  
N  
O  
SE 
# 
loop_
_atom_site.group_PDB 
_atom_site.id 
_atom_site.type_symbol 
_atom_site.label_atom_id 
_atom_site.label_alt_id 
_atom_site.label_comp_id 
_atom_site.label_asym_id 
_atom_site.label_entity_id 
_atom_site.label_seq_id 
_atom_site.pdbx_PDB_ins_code 
_atom_site.Cartn_x 
_atom_site.Cartn_y 
_atom_site.Cartn_z 
_atom_site.occupancy 
_atom_site.B_iso_or_equiv 
_atom_site.pdbx_formal_charge 
_atom_site.auth_seq_id 
_atom_site.auth_comp_id 
_atom_site.auth_asym_id 
_atom_site.auth_atom_id 
_atom_site.pdbx_PDB_model_num 
ATOM   1   N  N   . ASN A 1 13 ? 4.753   -8.669  -11.494 1.00 73.24  ? 13  ASN A N   1 
ATOM   2   C  CA  . ASN A 1 13 ? 3.530   -9.388  -11.934 1.00 70.12  ? 13  ASN A CA  1 
ATOM   3   C  C   . ASN A 1 13 ? 2.401   -9.504  -10.898 1.00 63.79  ? 13  ASN A C   1 
ATOM   4   O  O   . ASN A 1 13 ? 1.238   -9.426  -11.275 1.00 56.39  ? 13  ASN A O   1 
ATOM   5   C  CB  . ASN A 1 13 ? 3.856   -10.772 -12.447 1.00 78.40  ? 13  ASN A CB  1 
ATOM   6   C  CG  . ASN A 1 13 ? 2.700   -11.377 -13.211 1.00 81.80  ? 13  ASN A CG  1 
ATOM   7   O  OD1 . ASN A 1 13 ? 2.165   -10.751 -14.150 1.00 81.72  ? 13  ASN A OD1 1 
ATOM   8   N  ND2 . ASN A 1 13 ? 2.282   -12.582 -12.806 1.00 81.86  ? 13  ASN A ND2 1 
ATOM   9   N  N   . PRO A 1 14 ? 2.724   -9.698  -9.608  1.00 60.19  ? 14  PRO A N   1 
ATOM   10  C  CA  . PRO A 1 14 ? 1.635   -9.578  -8.638  1.00 55.72  ? 14  PRO A CA  1 
ATOM   11  C  C   . PRO A 1 14 ? 0.944   -8.212  -8.734  1.00 49.96  ? 14  PRO A C   1 
ATOM   12  O  O   . PRO A 1 14 ? -0.277  -8.088  -8.597  1.00 46.78  ? 14  PRO A O   1 
ATOM   13  C  CB  . PRO A 1 14 ? 2.361   -9.682  -7.284  1.00 58.04  ? 14  PRO A CB  1 
ATOM   14  C  CG  . PRO A 1 14 ? 3.598   -10.458 -7.575  1.00 60.75  ? 14  PRO A CG  1 
ATOM   15  C  CD  . PRO A 1 14 ? 4.010   -10.007 -8.947  1.00 63.19  ? 14  PRO A CD  1 
ATOM   16  N  N   . LEU A 1 15 ? 1.737   -7.199  -8.982  1.00 44.95  ? 15  LEU A N   1 
ATOM   17  C  CA  . LEU A 1 15 ? 1.212   -5.855  -9.130  1.00 47.18  ? 15  LEU A CA  1 
ATOM   18  C  C   . LEU A 1 15 ? 0.379   -5.689  -10.374 1.00 44.41  ? 15  LEU A C   1 
ATOM   19  O  O   . LEU A 1 15 ? -0.542  -4.875  -10.370 1.00 38.88  ? 15  LEU A O   1 
ATOM   20  C  CB  . LEU A 1 15 ? 2.352   -4.851  -9.156  1.00 51.48  ? 15  LEU A CB  1 
ATOM   21  C  CG  . LEU A 1 15 ? 2.801   -4.344  -7.785  1.00 55.79  ? 15  LEU A CG  1 
ATOM   22  C  CD1 . LEU A 1 15 ? 2.846   -5.437  -6.728  1.00 59.75  ? 15  LEU A CD1 1 
ATOM   23  C  CD2 . LEU A 1 15 ? 4.151   -3.645  -7.918  1.00 58.92  ? 15  LEU A CD2 1 
ATOM   24  N  N   . ASP A 1 16 ? 0.706   -6.423  -11.443 1.00 42.36  ? 16  ASP A N   1 
ATOM   25  C  CA  . ASP A 1 16 ? -0.099  -6.366  -12.638 1.00 43.51  ? 16  ASP A CA  1 
ATOM   26  C  C   . ASP A 1 16 ? -1.453  -6.966  -12.371 1.00 43.27  ? 16  ASP A C   1 
ATOM   27  O  O   . ASP A 1 16 ? -2.460  -6.462  -12.861 1.00 44.63  ? 16  ASP A O   1 
ATOM   28  C  CB  . ASP A 1 16 ? 0.559   -7.101  -13.787 1.00 51.71  ? 16  ASP A CB  1 
ATOM   29  C  CG  . ASP A 1 16 ? 1.801   -6.400  -14.284 1.00 55.05  ? 16  ASP A CG  1 
ATOM   30  O  OD1 . ASP A 1 16 ? 2.174   -5.323  -13.767 1.00 53.24  ? 16  ASP A OD1 1 
ATOM   31  O  OD2 . ASP A 1 16 ? 2.414   -6.959  -15.191 1.00 61.96  ? 16  ASP A OD2 1 
ATOM   32  N  N   . LYS A 1 17 ? -1.475  -8.063  -11.624 1.00 39.54  ? 17  LYS A N   1 
ATOM   33  C  CA  . LYS A 1 17 ? -2.732  -8.701  -11.256 1.00 41.57  ? 17  LYS A CA  1 
ATOM   34  C  C   . LYS A 1 17 ? -3.587  -7.755  -10.407 1.00 37.41  ? 17  LYS A C   1 
ATOM   35  O  O   . LYS A 1 17 ? -4.813  -7.677  -10.564 1.00 37.67  ? 17  LYS A O   1 
ATOM   36  C  CB  . LYS A 1 17 ? -2.468  -10.027 -10.510 1.00 42.54  ? 17  LYS A CB  1 
ATOM   37  C  CG  . LYS A 1 17 ? -1.791  -11.106 -11.349 1.00 50.96  ? 17  LYS A CG  1 
ATOM   38  C  CD  . LYS A 1 17 ? -2.325  -11.200 -12.770 1.00 57.79  ? 17  LYS A CD  1 
ATOM   39  C  CE  . LYS A 1 17 ? -3.803  -11.591 -12.792 1.00 64.86  ? 17  LYS A CE  1 
ATOM   40  N  NZ  . LYS A 1 17 ? -4.633  -10.992 -13.882 1.00 69.04  ? 17  LYS A NZ  1 
ATOM   41  N  N   . TRP A 1 18 ? -2.952  -7.049  -9.486  1.00 35.32  ? 18  TRP A N   1 
ATOM   42  C  CA  . TRP A 1 18 ? -3.691  -6.035  -8.692  1.00 32.95  ? 18  TRP A CA  1 
ATOM   43  C  C   . TRP A 1 18 ? -4.364  -4.986  -9.589  1.00 34.74  ? 18  TRP A C   1 
ATOM   44  O  O   . TRP A 1 18 ? -5.536  -4.667  -9.438  1.00 34.85  ? 18  TRP A O   1 
ATOM   45  C  CB  . TRP A 1 18 ? -2.727  -5.359  -7.759  1.00 32.32  ? 18  TRP A CB  1 
ATOM   46  C  CG  . TRP A 1 18 ? -3.353  -4.423  -6.813  1.00 33.47  ? 18  TRP A CG  1 
ATOM   47  C  CD1 . TRP A 1 18 ? -4.364  -4.683  -5.932  1.00 34.00  ? 18  TRP A CD1 1 
ATOM   48  C  CD2 . TRP A 1 18 ? -2.982  -3.048  -6.626  1.00 37.18  ? 18  TRP A CD2 1 
ATOM   49  N  NE1 . TRP A 1 18 ? -4.648  -3.529  -5.192  1.00 36.12  ? 18  TRP A NE1 1 
ATOM   50  C  CE2 . TRP A 1 18 ? -3.809  -2.522  -5.609  1.00 36.53  ? 18  TRP A CE2 1 
ATOM   51  C  CE3 . TRP A 1 18 ? -2.024  -2.212  -7.230  1.00 38.56  ? 18  TRP A CE3 1 
ATOM   52  C  CZ2 . TRP A 1 18 ? -3.717  -1.183  -5.172  1.00 42.68  ? 18  TRP A CZ2 1 
ATOM   53  C  CZ3 . TRP A 1 18 ? -1.900  -0.882  -6.779  1.00 42.01  ? 18  TRP A CZ3 1 
ATOM   54  C  CH2 . TRP A 1 18 ? -2.748  -0.387  -5.743  1.00 44.57  ? 18  TRP A CH2 1 
ATOM   55  N  N   . ASN A 1 19 ? -3.617  -4.468  -10.542 1.00 34.10  ? 19  ASN A N   1 
ATOM   56  C  CA  . ASN A 1 19 ? -4.138  -3.497  -11.451 1.00 36.69  ? 19  ASN A CA  1 
ATOM   57  C  C   . ASN A 1 19 ? -5.275  -4.079  -12.276 1.00 40.48  ? 19  ASN A C   1 
ATOM   58  O  O   . ASN A 1 19 ? -6.269  -3.405  -12.478 1.00 38.62  ? 19  ASN A O   1 
ATOM   59  C  CB  . ASN A 1 19 ? -3.029  -3.032  -12.359 1.00 37.76  ? 19  ASN A CB  1 
ATOM   60  C  CG  . ASN A 1 19 ? -3.481  -1.972  -13.314 1.00 41.15  ? 19  ASN A CG  1 
ATOM   61  O  OD1 . ASN A 1 19 ? -3.884  -2.283  -14.414 1.00 45.85  ? 19  ASN A OD1 1 
ATOM   62  N  ND2 . ASN A 1 19 ? -3.435  -0.716  -12.898 1.00 39.52  ? 19  ASN A ND2 1 
ATOM   63  N  N   . ASP A 1 20 ? -5.113  -5.318  -12.763 1.00 40.68  ? 20  ASP A N   1 
ATOM   64  C  CA  . ASP A 1 20 ? -6.151  -5.975  -13.521 1.00 45.31  ? 20  ASP A CA  1 
ATOM   65  C  C   . ASP A 1 20 ? -7.457  -5.981  -12.740 1.00 44.11  ? 20  ASP A C   1 
ATOM   66  O  O   . ASP A 1 20 ? -8.509  -5.644  -13.269 1.00 45.89  ? 20  ASP A O   1 
ATOM   67  C  CB  . ASP A 1 20 ? -5.772  -7.431  -13.843 1.00 50.62  ? 20  ASP A CB  1 
ATOM   68  C  CG  . ASP A 1 20 ? -4.636  -7.540  -14.868 1.00 55.93  ? 20  ASP A CG  1 
ATOM   69  O  OD1 . ASP A 1 20 ? -4.283  -6.493  -15.467 1.00 55.10  ? 20  ASP A OD1 1 
ATOM   70  O  OD2 . ASP A 1 20 ? -4.094  -8.673  -15.058 1.00 57.03  ? 20  ASP A OD2 1 
ATOM   71  N  N   . ILE A 1 21 ? -7.370  -6.383  -11.482 1.00 40.09  ? 21  ILE A N   1 
ATOM   72  C  CA  . ILE A 1 21 ? -8.549  -6.569  -10.624 1.00 42.37  ? 21  ILE A CA  1 
ATOM   73  C  C   . ILE A 1 21 ? -9.194  -5.231  -10.321 1.00 39.46  ? 21  ILE A C   1 
ATOM   74  O  O   . ILE A 1 21 ? -10.438 -5.062  -10.381 1.00 39.41  ? 21  ILE A O   1 
ATOM   75  C  CB  . ILE A 1 21 ? -8.160  -7.256  -9.290  1.00 41.71  ? 21  ILE A CB  1 
ATOM   76  C  CG1 . ILE A 1 21 ? -7.690  -8.705  -9.526  1.00 46.14  ? 21  ILE A CG1 1 
ATOM   77  C  CG2 . ILE A 1 21 ? -9.316  -7.200  -8.298  1.00 46.10  ? 21  ILE A CG2 1 
ATOM   78  C  CD1 . ILE A 1 21 ? -8.654  -9.609  -10.247 1.00 52.64  ? 21  ILE A CD1 1 
ATOM   79  N  N   . ILE A 1 22 ? -8.352  -4.257  -10.013 1.00 36.25  ? 22  ILE A N   1 
ATOM   80  C  CA  . ILE A 1 22 ? -8.854  -2.885  -9.769  1.00 38.08  ? 22  ILE A CA  1 
ATOM   81  C  C   . ILE A 1 22 ? -9.648  -2.348  -10.963 1.00 40.14  ? 22  ILE A C   1 
ATOM   82  O  O   . ILE A 1 22 ? -10.766 -1.809  -10.799 1.00 41.08  ? 22  ILE A O   1 
ATOM   83  C  CB  . ILE A 1 22 ? -7.682  -1.914  -9.459  1.00 35.91  ? 22  ILE A CB  1 
ATOM   84  C  CG1 . ILE A 1 22 ? -7.058  -2.259  -8.110  1.00 36.46  ? 22  ILE A CG1 1 
ATOM   85  C  CG2 . ILE A 1 22 ? -8.153  -0.472  -9.484  1.00 37.40  ? 22  ILE A CG2 1 
ATOM   86  C  CD1 . ILE A 1 22 ? -7.920  -1.912  -6.918  1.00 41.10  ? 22  ILE A CD1 1 
ATOM   87  N  N   . PHE A 1 23 ? -9.055  -2.467  -12.150 1.00 42.47  ? 23  PHE A N   1 
ATOM   88  C  CA  . PHE A 1 23 ? -9.664  -1.889  -13.369 1.00 46.71  ? 23  PHE A CA  1 
ATOM   89  C  C   . PHE A 1 23 ? -10.757 -2.744  -13.967 1.00 50.95  ? 23  PHE A C   1 
ATOM   90  O  O   . PHE A 1 23 ? -11.539 -2.244  -14.778 1.00 54.18  ? 23  PHE A O   1 
ATOM   91  C  CB  . PHE A 1 23 ? -8.601  -1.450  -14.401 1.00 47.18  ? 23  PHE A CB  1 
ATOM   92  C  CG  . PHE A 1 23 ? -7.946  -0.163  -14.017 1.00 47.15  ? 23  PHE A CG  1 
ATOM   93  C  CD1 . PHE A 1 23 ? -6.903  -0.143  -13.091 1.00 44.42  ? 23  PHE A CD1 1 
ATOM   94  C  CD2 . PHE A 1 23 ? -8.444  1.054   -14.484 1.00 50.31  ? 23  PHE A CD2 1 
ATOM   95  C  CE1 . PHE A 1 23 ? -6.321  1.058   -12.695 1.00 45.98  ? 23  PHE A CE1 1 
ATOM   96  C  CE2 . PHE A 1 23 ? -7.862  2.244   -14.083 1.00 51.24  ? 23  PHE A CE2 1 
ATOM   97  C  CZ  . PHE A 1 23 ? -6.813  2.257   -13.182 1.00 48.56  ? 23  PHE A CZ  1 
ATOM   98  N  N   . HIS A 1 24 ? -10.863 -3.999  -13.545 1.00 52.51  ? 24  HIS A N   1 
ATOM   99  C  CA  . HIS A 1 24 ? -11.916 -4.842  -14.073 1.00 57.86  ? 24  HIS A CA  1 
ATOM   100 C  C   . HIS A 1 24 ? -13.036 -5.216  -13.107 1.00 56.36  ? 24  HIS A C   1 
ATOM   101 O  O   . HIS A 1 24 ? -14.070 -5.706  -13.551 1.00 55.97  ? 24  HIS A O   1 
ATOM   102 C  CB  . HIS A 1 24 ? -11.295 -6.042  -14.782 1.00 64.76  ? 24  HIS A CB  1 
ATOM   103 C  CG  . HIS A 1 24 ? -10.423 -5.630  -15.925 1.00 71.75  ? 24  HIS A CG  1 
ATOM   104 N  ND1 . HIS A 1 24 ? -9.049  -5.609  -15.842 1.00 74.25  ? 24  HIS A ND1 1 
ATOM   105 C  CD2 . HIS A 1 24 ? -10.738 -5.125  -17.146 1.00 79.24  ? 24  HIS A CD2 1 
ATOM   106 C  CE1 . HIS A 1 24 ? -8.548  -5.154  -16.979 1.00 81.08  ? 24  HIS A CE1 1 
ATOM   107 N  NE2 . HIS A 1 24 ? -9.552  -4.854  -17.787 1.00 84.39  ? 24  HIS A NE2 1 
ATOM   108 N  N   . ALA A 1 25 ? -12.874 -4.910  -11.823 1.00 53.25  ? 25  ALA A N   1 
ATOM   109 C  CA  . ALA A 1 25 ? -13.952 -5.062  -10.849 1.00 54.98  ? 25  ALA A CA  1 
ATOM   110 C  C   . ALA A 1 25 ? -15.049 -4.020  -11.113 1.00 56.46  ? 25  ALA A C   1 
ATOM   111 O  O   . ALA A 1 25 ? -14.826 -3.075  -11.869 1.00 56.75  ? 25  ALA A O   1 
ATOM   112 C  CB  . ALA A 1 25 ? -13.406 -4.862  -9.453  1.00 53.53  ? 25  ALA A CB  1 
ATOM   113 N  N   . SER A 1 26 ? -16.209 -4.150  -10.468 1.00 57.76  ? 26  SER A N   1 
ATOM   114 C  CA  . SER A 1 26 ? -17.244 -3.120  -10.619 1.00 57.46  ? 26  SER A CA  1 
ATOM   115 C  C   . SER A 1 26 ? -16.670 -1.813  -10.130 1.00 55.15  ? 26  SER A C   1 
ATOM   116 O  O   . SER A 1 26 ? -15.790 -1.811  -9.243  1.00 54.76  ? 26  SER A O   1 
ATOM   117 C  CB  . SER A 1 26 ? -18.531 -3.471  -9.869  1.00 62.88  ? 26  SER A CB  1 
ATOM   118 O  OG  . SER A 1 26 ? -18.380 -3.320  -8.468  1.00 63.74  ? 26  SER A OG  1 
ATOM   119 N  N   . LYS A 1 27 ? -17.112 -0.708  -10.729 1.00 53.18  ? 27  LYS A N   1 
ATOM   120 C  CA  . LYS A 1 27 ? -16.620 0.618   -10.371 1.00 53.99  ? 27  LYS A CA  1 
ATOM   121 C  C   . LYS A 1 27 ? -16.932 0.893   -8.891  1.00 53.17  ? 27  LYS A C   1 
ATOM   122 O  O   . LYS A 1 27 ? -16.139 1.507   -8.197  1.00 50.91  ? 27  LYS A O   1 
ATOM   123 C  CB  . LYS A 1 27 ? -17.225 1.706   -11.267 1.00 58.23  ? 27  LYS A CB  1 
ATOM   124 N  N   . LYS A 1 28 ? -18.057 0.368   -8.411  1.00 52.06  ? 28  LYS A N   1 
ATOM   125 C  CA  . LYS A 1 28 ? -18.457 0.485   -7.009  1.00 52.01  ? 28  LYS A CA  1 
ATOM   126 C  C   . LYS A 1 28 ? -17.419 -0.112  -6.041  1.00 47.46  ? 28  LYS A C   1 
ATOM   127 O  O   . LYS A 1 28 ? -16.999 0.524   -5.063  1.00 46.40  ? 28  LYS A O   1 
ATOM   128 C  CB  . LYS A 1 28 ? -19.822 -0.212  -6.818  1.00 57.98  ? 28  LYS A CB  1 
ATOM   129 C  CG  . LYS A 1 28 ? -20.364 -0.187  -5.407  1.00 60.78  ? 28  LYS A CG  1 
ATOM   130 C  CD  . LYS A 1 28 ? -21.775 -0.752  -5.392  1.00 71.02  ? 28  LYS A CD  1 
ATOM   131 C  CE  . LYS A 1 28 ? -22.197 -1.126  -3.982  1.00 76.28  ? 28  LYS A CE  1 
ATOM   132 N  NZ  . LYS A 1 28 ? -23.570 -0.646  -3.643  1.00 84.85  ? 28  LYS A NZ  1 
ATOM   133 N  N   . LEU A 1 29 ? -16.986 -1.332  -6.316  1.00 46.05  ? 29  LEU A N   1 
ATOM   134 C  CA  . LEU A 1 29 ? -16.053 -2.013  -5.428  1.00 43.72  ? 29  LEU A CA  1 
ATOM   135 C  C   . LEU A 1 29 ? -14.631 -1.439  -5.516  1.00 41.51  ? 29  LEU A C   1 
ATOM   136 O  O   . LEU A 1 29 ? -13.956 -1.303  -4.487  1.00 40.30  ? 29  LEU A O   1 
ATOM   137 C  CB  . LEU A 1 29 ? -16.041 -3.507  -5.717  1.00 46.97  ? 29  LEU A CB  1 
ATOM   138 C  CG  . LEU A 1 29 ? -17.362 -4.184  -5.429  1.00 53.51  ? 29  LEU A CG  1 
ATOM   139 C  CD1 . LEU A 1 29 ? -17.266 -5.651  -5.818  1.00 58.08  ? 29  LEU A CD1 1 
ATOM   140 C  CD2 . LEU A 1 29 ? -17.744 -4.036  -3.962  1.00 56.67  ? 29  LEU A CD2 1 
ATOM   141 N  N   . SER A 1 30 ? -14.173 -1.144  -6.726  1.00 38.69  ? 30  SER A N   1 
ATOM   142 C  CA  . SER A 1 30 ? -12.861 -0.556  -6.889  1.00 37.26  ? 30  SER A CA  1 
ATOM   143 C  C   . SER A 1 30 ? -12.780 0.822   -6.258  1.00 36.47  ? 30  SER A C   1 
ATOM   144 O  O   . SER A 1 30 ? -11.769 1.163   -5.620  1.00 34.53  ? 30  SER A O   1 
ATOM   145 C  CB  . SER A 1 30 ? -12.463 -0.496  -8.345  1.00 37.55  ? 30  SER A CB  1 
ATOM   146 O  OG  . SER A 1 30 ? -13.330 0.285   -9.133  1.00 40.29  ? 30  SER A OG  1 
ATOM   147 N  N   . LYS A 1 31 ? -13.845 1.601   -6.376  1.00 37.69  ? 31  LYS A N   1 
ATOM   148 C  CA  . LYS A 1 31 ? -13.849 2.942   -5.775  1.00 37.76  ? 31  LYS A CA  1 
ATOM   149 C  C   . LYS A 1 31 ? -13.760 2.840   -4.255  1.00 37.04  ? 31  LYS A C   1 
ATOM   150 O  O   . LYS A 1 31 ? -12.999 3.557   -3.597  1.00 33.71  ? 31  LYS A O   1 
ATOM   151 C  CB  . LYS A 1 31 ? -15.115 3.696   -6.191  1.00 41.90  ? 31  LYS A CB  1 
ATOM   152 C  CG  . LYS A 1 31 ? -15.177 5.118   -5.684  1.00 44.35  ? 31  LYS A CG  1 
ATOM   153 C  CD  . LYS A 1 31 ? -16.306 5.875   -6.336  1.00 50.53  ? 31  LYS A CD  1 
ATOM   154 C  CE  . LYS A 1 31 ? -16.634 7.072   -5.475  1.00 57.02  ? 31  LYS A CE  1 
ATOM   155 N  NZ  . LYS A 1 31 ? -17.222 8.134   -6.314  1.00 65.41  ? 31  LYS A NZ  1 
ATOM   156 N  N   . LYS A 1 32 ? -14.525 1.929   -3.678  1.00 37.27  ? 32  LYS A N   1 
ATOM   157 C  CA  . LYS A 1 32 ? -14.536 1.765   -2.235  1.00 38.36  ? 32  LYS A CA  1 
ATOM   158 C  C   . LYS A 1 32 ? -13.133 1.332   -1.768  1.00 35.78  ? 32  LYS A C   1 
ATOM   159 O  O   . LYS A 1 32 ? -12.652 1.762   -0.721  1.00 34.48  ? 32  LYS A O   1 
ATOM   160 C  CB  . LYS A 1 32 ? -15.622 0.733   -1.848  1.00 44.25  ? 32  LYS A CB  1 
ATOM   161 C  CG  . LYS A 1 32 ? -15.566 0.206   -0.422  1.00 48.97  ? 32  LYS A CG  1 
ATOM   162 C  CD  . LYS A 1 32 ? -16.573 -0.935  -0.205  1.00 55.63  ? 32  LYS A CD  1 
ATOM   163 C  CE  . LYS A 1 32 ? -16.761 -1.256  1.273   1.00 60.53  ? 32  LYS A CE  1 
ATOM   164 N  NZ  . LYS A 1 32 ? -17.484 -2.556  1.506   1.00 68.03  ? 32  LYS A NZ  1 
ATOM   165 N  N   . GLU A 1 33 ? -12.454 0.486   -2.549  1.00 34.32  ? 33  GLU A N   1 
ATOM   166 C  CA  . GLU A 1 33 ? -11.168 -0.059  -2.093  1.00 31.85  ? 33  GLU A CA  1 
ATOM   167 C  C   . GLU A 1 33 ? -10.096 1.002   -2.185  1.00 30.81  ? 33  GLU A C   1 
ATOM   168 O  O   . GLU A 1 33 ? -9.277  1.127   -1.289  1.00 31.34  ? 33  GLU A O   1 
ATOM   169 C  CB  . GLU A 1 33 ? -10.783 -1.310  -2.900  1.00 32.49  ? 33  GLU A CB  1 
ATOM   170 C  CG  . GLU A 1 33 ? -9.383  -1.840  -2.645  1.00 30.49  ? 33  GLU A CG  1 
ATOM   171 C  CD  . GLU A 1 33 ? -9.054  -2.222  -1.238  1.00 32.39  ? 33  GLU A CD  1 
ATOM   172 O  OE1 . GLU A 1 33 ? -9.962  -2.399  -0.376  1.00 34.13  ? 33  GLU A OE1 1 
ATOM   173 O  OE2 . GLU A 1 33 ? -7.813  -2.405  -0.970  1.00 32.76  ? 33  GLU A OE2 1 
ATOM   174 N  N   . LEU A 1 34 ? -10.077 1.756   -3.268  1.00 30.33  ? 34  LEU A N   1 
ATOM   175 C  CA  . LEU A 1 34 ? -9.125  2.829   -3.409  1.00 29.27  ? 34  LEU A CA  1 
ATOM   176 C  C   . LEU A 1 34 ? -9.348  3.912   -2.337  1.00 28.98  ? 34  LEU A C   1 
ATOM   177 O  O   . LEU A 1 34 ? -8.394  4.447   -1.808  1.00 28.31  ? 34  LEU A O   1 
ATOM   178 C  CB  . LEU A 1 34 ? -9.222  3.431   -4.803  1.00 30.60  ? 34  LEU A CB  1 
ATOM   179 C  CG  . LEU A 1 34 ? -8.795  2.484   -5.931  1.00 31.31  ? 34  LEU A CG  1 
ATOM   180 C  CD1 . LEU A 1 34 ? -8.956  3.169   -7.273  1.00 34.85  ? 34  LEU A CD1 1 
ATOM   181 C  CD2 . LEU A 1 34 ? -7.357  2.058   -5.709  1.00 33.17  ? 34  LEU A CD2 1 
ATOM   182 N  N   . GLU A 1 35 ? -10.592 4.245   -2.035  1.00 31.07  ? 35  GLU A N   1 
ATOM   183 C  CA  . GLU A 1 35 ? -10.886 5.161   -0.919  1.00 33.07  ? 35  GLU A CA  1 
ATOM   184 C  C   . GLU A 1 35 ? -10.426 4.617   0.427   1.00 33.59  ? 35  GLU A C   1 
ATOM   185 O  O   . GLU A 1 35 ? -9.960  5.373   1.317   1.00 32.98  ? 35  GLU A O   1 
ATOM   186 C  CB  . GLU A 1 35 ? -12.381 5.574   -0.914  1.00 38.52  ? 35  GLU A CB  1 
ATOM   187 C  CG  . GLU A 1 35 ? -12.675 6.475   -2.116  1.00 40.26  ? 35  GLU A CG  1 
ATOM   188 C  CD  . GLU A 1 35 ? -14.137 6.913   -2.236  1.00 48.25  ? 35  GLU A CD  1 
ATOM   189 O  OE1 . GLU A 1 35 ? -14.966 6.456   -1.427  1.00 52.09  ? 35  GLU A OE1 1 
ATOM   190 O  OE2 . GLU A 1 35 ? -14.440 7.719   -3.148  1.00 47.39  ? 35  GLU A OE2 1 
ATOM   191 N  N   . ARG A 1 36 ? -10.521 3.304   0.601   1.00 32.48  ? 36  ARG A N   1 
ATOM   192 C  CA  . ARG A 1 36 ? -10.061 2.699   1.848   1.00 31.23  ? 36  ARG A CA  1 
ATOM   193 C  C   . ARG A 1 36 ? -8.569  2.919   1.953   1.00 30.69  ? 36  ARG A C   1 
ATOM   194 O  O   . ARG A 1 36 ? -8.062  3.271   3.006   1.00 30.89  ? 36  ARG A O   1 
ATOM   195 C  CB  . ARG A 1 36 ? -10.331 1.168   1.854   1.00 34.11  ? 36  ARG A CB  1 
ATOM   196 C  CG  . ARG A 1 36 ? -9.799  0.495   3.120   1.00 36.23  ? 36  ARG A CG  1 
ATOM   197 C  CD  . ARG A 1 36 ? -9.906  -0.987  3.054   1.00 39.19  ? 36  ARG A CD  1 
ATOM   198 N  NE  . ARG A 1 36 ? -8.919  -1.616  2.141   1.00 38.02  ? 36  ARG A NE  1 
ATOM   199 C  CZ  . ARG A 1 36 ? -7.688  -1.964  2.506   1.00 38.33  ? 36  ARG A CZ  1 
ATOM   200 N  NH1 . ARG A 1 36 ? -7.253  -1.715  3.724   1.00 40.92  ? 36  ARG A NH1 1 
ATOM   201 N  NH2 . ARG A 1 36 ? -6.896  -2.596  1.664   1.00 38.15  ? 36  ARG A NH2 1 
ATOM   202 N  N   . LEU A 1 37 ? -7.850  2.676   0.850   1.00 27.28  ? 37  LEU A N   1 
ATOM   203 C  CA  . LEU A 1 37 ? -6.402  2.839   0.855   1.00 28.51  ? 37  LEU A CA  1 
ATOM   204 C  C   . LEU A 1 37 ? -5.991  4.303   1.069   1.00 28.00  ? 37  LEU A C   1 
ATOM   205 O  O   . LEU A 1 37 ? -5.010  4.589   1.773   1.00 28.04  ? 37  LEU A O   1 
ATOM   206 C  CB  . LEU A 1 37 ? -5.825  2.341   -0.481  1.00 28.78  ? 37  LEU A CB  1 
ATOM   207 C  CG  . LEU A 1 37 ? -6.012  0.839   -0.707  1.00 28.32  ? 37  LEU A CG  1 
ATOM   208 C  CD1 . LEU A 1 37 ? -5.696  0.444   -2.123  1.00 29.16  ? 37  LEU A CD1 1 
ATOM   209 C  CD2 . LEU A 1 37 ? -5.105  0.087   0.247   1.00 31.81  ? 37  LEU A CD2 1 
ATOM   210 N  N   . LEU A 1 38 ? -6.732  5.220   0.463   1.00 26.86  ? 38  LEU A N   1 
ATOM   211 C  CA  . LEU A 1 38 ? -6.474  6.646   0.606   1.00 28.19  ? 38  LEU A CA  1 
ATOM   212 C  C   . LEU A 1 38 ? -6.644  7.030   2.049   1.00 30.07  ? 38  LEU A C   1 
ATOM   213 O  O   . LEU A 1 38 ? -5.835  7.777   2.610   1.00 29.29  ? 38  LEU A O   1 
ATOM   214 C  CB  . LEU A 1 38 ? -7.481  7.424   -0.257  1.00 31.26  ? 38  LEU A CB  1 
ATOM   215 C  CG  . LEU A 1 38 ? -7.496  8.952   -0.154  1.00 37.98  ? 38  LEU A CG  1 
ATOM   216 C  CD1 . LEU A 1 38 ? -6.136  9.544   -0.576  1.00 40.70  ? 38  LEU A CD1 1 
ATOM   217 C  CD2 . LEU A 1 38 ? -8.616  9.559   -1.024  1.00 38.54  ? 38  LEU A CD2 1 
ATOM   218 N  N   . GLU A 1 39 ? -7.694  6.546   2.667   1.00 29.93  ? 39  GLU A N   1 
ATOM   219 C  CA  . GLU A 1 39 ? -7.936  6.897   4.077   1.00 31.87  ? 39  GLU A CA  1 
ATOM   220 C  C   . GLU A 1 39 ? -6.848  6.336   4.977   1.00 33.57  ? 39  GLU A C   1 
ATOM   221 O  O   . GLU A 1 39 ? -6.427  6.998   5.935   1.00 33.93  ? 39  GLU A O   1 
ATOM   222 C  CB  . GLU A 1 39 ? -9.254  6.356   4.532   1.00 37.44  ? 39  GLU A CB  1 
ATOM   223 C  CG  . GLU A 1 39 ? -9.627  6.888   5.912   1.00 44.28  ? 39  GLU A CG  1 
ATOM   224 C  CD  . GLU A 1 39 ? -11.097 6.739   6.181   1.00 52.13  ? 39  GLU A CD  1 
ATOM   225 O  OE1 . GLU A 1 39 ? -11.870 7.607   5.733   1.00 57.60  ? 39  GLU A OE1 1 
ATOM   226 O  OE2 . GLU A 1 39 ? -11.481 5.738   6.827   1.00 56.66  ? 39  GLU A OE2 1 
ATOM   227 N  N   . LEU A 1 40 ? -6.397  5.117   4.686   1.00 31.70  ? 40  LEU A N   1 
ATOM   228 C  CA  . LEU A 1 40 ? -5.341  4.506   5.488   1.00 33.75  ? 40  LEU A CA  1 
ATOM   229 C  C   . LEU A 1 40 ? -4.069  5.315   5.365   1.00 32.24  ? 40  LEU A C   1 
ATOM   230 O  O   . LEU A 1 40 ? -3.388  5.533   6.343   1.00 33.73  ? 40  LEU A O   1 
ATOM   231 C  CB  . LEU A 1 40 ? -5.088  3.063   5.040   1.00 35.68  ? 40  LEU A CB  1 
ATOM   232 C  CG  . LEU A 1 40 ? -4.081  2.265   5.861   1.00 38.86  ? 40  LEU A CG  1 
ATOM   233 C  CD1 . LEU A 1 40 ? -4.434  2.214   7.342   1.00 42.23  ? 40  LEU A CD1 1 
ATOM   234 C  CD2 . LEU A 1 40 ? -4.009  0.833   5.356   1.00 42.19  ? 40  LEU A CD2 1 
ATOM   235 N  N   . LEU A 1 41 ? -3.734  5.725   4.158   1.00 31.44  ? 41  LEU A N   1 
ATOM   236 C  CA  . LEU A 1 41 ? -2.553  6.579   3.907   1.00 32.20  ? 41  LEU A CA  1 
ATOM   237 C  C   . LEU A 1 41 ? -2.636  7.880   4.677   1.00 33.70  ? 41  LEU A C   1 
ATOM   238 O  O   . LEU A 1 41 ? -1.675  8.279   5.327   1.00 33.95  ? 41  LEU A O   1 
ATOM   239 C  CB  . LEU A 1 41 ? -2.476  6.910   2.429   1.00 34.63  ? 41  LEU A CB  1 
ATOM   240 C  CG  . LEU A 1 41 ? -1.073  7.199   1.940   1.00 44.98  ? 41  LEU A CG  1 
ATOM   241 C  CD1 . LEU A 1 41 ? -0.281  5.883   1.930   1.00 47.30  ? 41  LEU A CD1 1 
ATOM   242 C  CD2 . LEU A 1 41 ? -1.106  7.766   0.510   1.00 43.83  ? 41  LEU A CD2 1 
ATOM   243 N  N   . ALA A 1 42 ? -3.789  8.500   4.642   1.00 30.27  ? 42  ALA A N   1 
ATOM   244 C  CA  . ALA A 1 42 ? -4.015  9.711   5.385   1.00 31.48  ? 42  ALA A CA  1 
ATOM   245 C  C   . ALA A 1 42 ? -3.871  9.490   6.887   1.00 33.95  ? 42  ALA A C   1 
ATOM   246 O  O   . ALA A 1 42 ? -3.299  10.297  7.551   1.00 36.93  ? 42  ALA A O   1 
ATOM   247 C  CB  . ALA A 1 42 ? -5.369  10.267  5.071   1.00 33.35  ? 42  ALA A CB  1 
ATOM   248 N  N   . LEU A 1 43 ? -4.379  8.392   7.406   1.00 34.22  ? 43  LEU A N   1 
ATOM   249 C  CA  . LEU A 1 43 ? -4.219  8.096   8.817   1.00 38.30  ? 43  LEU A CA  1 
ATOM   250 C  C   . LEU A 1 43 ? -2.777  7.902   9.180   1.00 38.27  ? 43  LEU A C   1 
ATOM   251 O  O   . LEU A 1 43 ? -2.319  8.425   10.149  1.00 40.73  ? 43  LEU A O   1 
ATOM   252 C  CB  . LEU A 1 43 ? -5.023  6.872   9.210   1.00 40.70  ? 43  LEU A CB  1 
ATOM   253 C  CG  . LEU A 1 43 ? -6.507  7.094   9.425   1.00 44.48  ? 43  LEU A CG  1 
ATOM   254 C  CD1 . LEU A 1 43 ? -7.253  5.787   9.371   1.00 47.00  ? 43  LEU A CD1 1 
ATOM   255 C  CD2 . LEU A 1 43 ? -6.778  7.820   10.729  1.00 47.04  ? 43  LEU A CD2 1 
ATOM   256 N  N   . LEU A 1 44 ? -2.056  7.158   8.377   1.00 37.72  ? 44  LEU A N   1 
ATOM   257 C  CA  . LEU A 1 44 ? -0.677  6.884   8.656   1.00 40.24  ? 44  LEU A CA  1 
ATOM   258 C  C   . LEU A 1 44 ? 0.171   8.127   8.628   1.00 41.31  ? 44  LEU A C   1 
ATOM   259 O  O   . LEU A 1 44 ? 1.006   8.316   9.468   1.00 42.66  ? 44  LEU A O   1 
ATOM   260 C  CB  . LEU A 1 44 ? -0.126  5.874   7.668   1.00 39.92  ? 44  LEU A CB  1 
ATOM   261 C  CG  . LEU A 1 44 ? -0.604  4.437   7.846   1.00 41.54  ? 44  LEU A CG  1 
ATOM   262 C  CD1 . LEU A 1 44 ? -0.259  3.540   6.679   1.00 40.98  ? 44  LEU A CD1 1 
ATOM   263 C  CD2 . LEU A 1 44 ? -0.058  3.867   9.125   1.00 45.72  ? 44  LEU A CD2 1 
ATOM   264 N  N   . GLU A 1 45 ? -0.043  8.967   7.639   1.00 39.52  ? 45  GLU A N   1 
ATOM   265 C  CA  . GLU A 1 45 ? 0.717   10.180  7.517   1.00 40.39  ? 45  GLU A CA  1 
ATOM   266 C  C   . GLU A 1 45 ? 0.449   11.102  8.679   1.00 42.71  ? 45  GLU A C   1 
ATOM   267 O  O   . GLU A 1 45 ? 1.333   11.653  9.244   1.00 44.22  ? 45  GLU A O   1 
ATOM   268 C  CB  . GLU A 1 45 ? 0.402   10.849  6.193   1.00 40.54  ? 45  GLU A CB  1 
ATOM   269 C  CG  . GLU A 1 45 ? 1.060   10.150  5.030   1.00 42.28  ? 45  GLU A CG  1 
ATOM   270 C  CD  . GLU A 1 45 ? 0.866   10.861  3.728   1.00 44.67  ? 45  GLU A CD  1 
ATOM   271 O  OE1 . GLU A 1 45 ? 0.336   11.959  3.718   1.00 49.21  ? 45  GLU A OE1 1 
ATOM   272 O  OE2 . GLU A 1 45 ? 1.244   10.321  2.715   1.00 44.23  ? 45  GLU A OE2 1 
ATOM   273 N  N   . THR A 1 46 ? -0.803  11.214  9.041   1.00 43.05  ? 46  THR A N   1 
ATOM   274 C  CA  . THR A 1 46 ? -1.222  12.045  10.141  1.00 44.92  ? 46  THR A CA  1 
ATOM   275 C  C   . THR A 1 46 ? -0.665  11.545  11.452  1.00 48.60  ? 46  THR A C   1 
ATOM   276 O  O   . THR A 1 46 ? -0.271  12.316  12.287  1.00 48.61  ? 46  THR A O   1 
ATOM   277 C  CB  . THR A 1 46 ? -2.732  12.126  10.223  1.00 44.93  ? 46  THR A CB  1 
ATOM   278 O  OG1 . THR A 1 46 ? -3.230  12.757  9.061   1.00 42.10  ? 46  THR A OG1 1 
ATOM   279 C  CG2 . THR A 1 46 ? -3.155  12.934  11.400  1.00 50.12  ? 46  THR A CG2 1 
ATOM   280 N  N   . PHE A 1 47 ? -0.637  10.241  11.629  1.00 48.52  ? 47  PHE A N   1 
ATOM   281 C  CA  . PHE A 1 47 ? -0.066  9.671   12.815  1.00 52.53  ? 47  PHE A CA  1 
ATOM   282 C  C   . PHE A 1 47 ? 1.401   10.006  12.933  1.00 53.99  ? 47  PHE A C   1 
ATOM   283 O  O   . PHE A 1 47 ? 1.847   10.397  13.960  1.00 56.90  ? 47  PHE A O   1 
ATOM   284 C  CB  . PHE A 1 47 ? -0.243  8.164   12.804  1.00 52.55  ? 47  PHE A CB  1 
ATOM   285 C  CG  . PHE A 1 47 ? 0.407   7.487   13.953  1.00 57.86  ? 47  PHE A CG  1 
ATOM   286 C  CD1 . PHE A 1 47 ? -0.132  7.587   15.202  1.00 61.53  ? 47  PHE A CD1 1 
ATOM   287 C  CD2 . PHE A 1 47 ? 1.557   6.783   13.783  1.00 58.98  ? 47  PHE A CD2 1 
ATOM   288 C  CE1 . PHE A 1 47 ? 0.464   6.977   16.267  1.00 66.32  ? 47  PHE A CE1 1 
ATOM   289 C  CE2 . PHE A 1 47 ? 2.169   6.174   14.847  1.00 63.50  ? 47  PHE A CE2 1 
ATOM   290 C  CZ  . PHE A 1 47 ? 1.619   6.278   16.089  1.00 66.70  ? 47  PHE A CZ  1 
ATOM   291 N  N   . ILE A 1 48 ? 2.140   9.900   11.857  1.00 104.13 ? 48  ILE A N   1 
ATOM   292 C  CA  . ILE A 1 48 ? 3.553   10.156  11.878  1.00 104.52 ? 48  ILE A CA  1 
ATOM   293 C  C   . ILE A 1 48 ? 3.845   11.602  12.253  1.00 103.56 ? 48  ILE A C   1 
ATOM   294 O  O   . ILE A 1 48 ? 4.786   11.872  12.945  1.00 107.48 ? 48  ILE A O   1 
ATOM   295 C  CB  . ILE A 1 48 ? 4.164   9.769   10.549  1.00 102.77 ? 48  ILE A CB  1 
ATOM   296 C  CG1 . ILE A 1 48 ? 4.073   8.252   10.426  1.00 108.31 ? 48  ILE A CG1 1 
ATOM   297 C  CG2 . ILE A 1 48 ? 5.568   10.310  10.388  1.00 104.18 ? 48  ILE A CG2 1 
ATOM   298 C  CD1 . ILE A 1 48 ? 5.145   7.600   9.618   1.00 110.49 ? 48  ILE A CD1 1 
ATOM   299 N  N   . GLU A 1 49 ? 3.052   12.524  11.750  1.00 101.31 ? 49  GLU A N   1 
ATOM   300 C  CA  . GLU A 1 49 ? 3.135   13.906  12.165  1.00 102.35 ? 49  GLU A CA  1 
ATOM   301 C  C   . GLU A 1 49 ? 2.756   14.133  13.621  1.00 104.64 ? 49  GLU A C   1 
ATOM   302 O  O   . GLU A 1 49 ? 3.411   14.860  14.316  1.00 106.04 ? 49  GLU A O   1 
ATOM   303 C  CB  . GLU A 1 49 ? 2.267   14.761  11.274  1.00 102.12 ? 49  GLU A CB  1 
ATOM   304 C  CG  . GLU A 1 49 ? 2.966   15.175  10.011  1.00 104.80 ? 49  GLU A CG  1 
ATOM   305 C  CD  . GLU A 1 49 ? 2.004   15.635  8.947   1.00 108.89 ? 49  GLU A CD  1 
ATOM   306 O  OE1 . GLU A 1 49 ? 0.849   15.943  9.297   1.00 111.31 ? 49  GLU A OE1 1 
ATOM   307 O  OE2 . GLU A 1 49 ? 2.416   15.675  7.776   1.00 113.65 ? 49  GLU A OE2 1 
ATOM   308 N  N   . LYS A 1 50 ? 1.708   13.480  14.073  1.00 104.53 ? 50  LYS A N   1 
ATOM   309 C  CA  . LYS A 1 50 ? 1.198   13.667  15.401  1.00 108.80 ? 50  LYS A CA  1 
ATOM   310 C  C   . LYS A 1 50 ? 2.257   13.250  16.371  1.00 115.03 ? 50  LYS A C   1 
ATOM   311 O  O   . LYS A 1 50 ? 2.265   13.684  17.494  1.00 121.09 ? 50  LYS A O   1 
ATOM   312 C  CB  . LYS A 1 50 ? -0.038  12.833  15.633  1.00 111.34 ? 50  LYS A CB  1 
ATOM   313 C  CG  . LYS A 1 50 ? -0.820  13.251  16.854  1.00 117.02 ? 50  LYS A CG  1 
ATOM   314 C  CD  . LYS A 1 50 ? -1.551  12.096  17.521  1.00 124.71 ? 50  LYS A CD  1 
ATOM   315 C  CE  . LYS A 1 50 ? -2.672  12.589  18.423  1.00 129.83 ? 50  LYS A CE  1 
ATOM   316 N  NZ  . LYS A 1 50 ? -3.722  11.581  18.738  1.00 137.64 ? 50  LYS A NZ  1 
ATOM   317 N  N   . GLU A 1 51 ? 3.095   12.331  15.953  1.00 115.96 ? 51  GLU A N   1 
ATOM   318 C  CA  . GLU A 1 51 ? 4.133   11.790  16.786  1.00 124.61 ? 51  GLU A CA  1 
ATOM   319 C  C   . GLU A 1 51 ? 5.487   12.356  16.416  1.00 125.76 ? 51  GLU A C   1 
ATOM   320 O  O   . GLU A 1 51 ? 6.490   11.867  16.855  1.00 132.14 ? 51  GLU A O   1 
ATOM   321 C  CB  . GLU A 1 51 ? 4.128   10.272  16.654  1.00 128.00 ? 51  GLU A CB  1 
ATOM   322 C  CG  . GLU A 1 51 ? 4.170   9.516   17.964  1.00 141.79 ? 51  GLU A CG  1 
ATOM   323 C  CD  . GLU A 1 51 ? 2.841   9.447   18.665  1.00 144.53 ? 51  GLU A CD  1 
ATOM   324 O  OE1 . GLU A 1 51 ? 2.826   9.214   19.865  1.00 157.37 ? 51  GLU A OE1 1 
ATOM   325 O  OE2 . GLU A 1 51 ? 1.807   9.615   18.036  1.00 136.53 ? 51  GLU A OE2 1 
ATOM   326 N  N   . ASP A 1 52 ? 5.513   13.363  15.565  1.00 120.52 ? 52  ASP A N   1 
ATOM   327 C  CA  . ASP A 1 52 ? 6.749   14.053  15.217  1.00 125.38 ? 52  ASP A CA  1 
ATOM   328 C  C   . ASP A 1 52 ? 7.849   13.205  14.626  1.00 126.87 ? 52  ASP A C   1 
ATOM   329 O  O   . ASP A 1 52 ? 9.012   13.432  14.879  1.00 134.87 ? 52  ASP A O   1 
ATOM   330 C  CB  . ASP A 1 52 ? 7.290   14.812  16.432  1.00 139.53 ? 52  ASP A CB  1 
ATOM   331 C  CG  . ASP A 1 52 ? 6.435   15.985  16.809  1.00 140.66 ? 52  ASP A CG  1 
ATOM   332 O  OD1 . ASP A 1 52 ? 6.442   16.976  16.065  1.00 139.59 ? 52  ASP A OD1 1 
ATOM   333 O  OD2 . ASP A 1 52 ? 5.749   15.913  17.840  1.00 147.99 ? 52  ASP A OD2 1 
ATOM   334 N  N   . LEU A 1 53 ? 7.496   12.251  13.795  1.00 120.99 ? 53  LEU A N   1 
ATOM   335 C  CA  . LEU A 1 53 ? 8.467   11.341  13.256  1.00 123.68 ? 53  LEU A CA  1 
ATOM   336 C  C   . LEU A 1 53 ? 8.898   11.602  11.851  1.00 120.54 ? 53  LEU A C   1 
ATOM   337 O  O   . LEU A 1 53 ? 9.521   10.764  11.248  1.00 124.93 ? 53  LEU A O   1 
ATOM   338 C  CB  . LEU A 1 53 ? 7.942   9.940   13.367  1.00 124.45 ? 53  LEU A CB  1 
ATOM   339 C  CG  . LEU A 1 53 ? 7.909   9.497   14.811  1.00 134.50 ? 53  LEU A CG  1 
ATOM   340 C  CD1 . LEU A 1 53 ? 6.977   8.332   15.081  1.00 136.88 ? 53  LEU A CD1 1 
ATOM   341 C  CD2 . LEU A 1 53 ? 9.313   9.181   15.227  1.00 146.50 ? 53  LEU A CD2 1 
ATOM   342 N  N   . GLU A 1 54 ? 8.567   12.758  11.309  1.00 118.15 ? 54  GLU A N   1 
ATOM   343 C  CA  . GLU A 1 54 ? 8.705   12.949  9.880   1.00 115.00 ? 54  GLU A CA  1 
ATOM   344 C  C   . GLU A 1 54 ? 10.109  12.799  9.348   1.00 120.84 ? 54  GLU A C   1 
ATOM   345 O  O   . GLU A 1 54 ? 10.308  12.239  8.304   1.00 119.56 ? 54  GLU A O   1 
ATOM   346 C  CB  . GLU A 1 54 ? 8.156   14.307  9.460   1.00 114.81 ? 54  GLU A CB  1 
ATOM   347 C  CG  . GLU A 1 54 ? 6.796   14.638  10.023  1.00 111.13 ? 54  GLU A CG  1 
ATOM   348 C  CD  . GLU A 1 54 ? 6.860   15.501  11.258  1.00 114.39 ? 54  GLU A CD  1 
ATOM   349 O  OE1 . GLU A 1 54 ? 6.031   16.410  11.367  1.00 114.81 ? 54  GLU A OE1 1 
ATOM   350 O  OE2 . GLU A 1 54 ? 7.716   15.264  12.124  1.00 118.72 ? 54  GLU A OE2 1 
ATOM   351 N  N   . GLU A 1 55 ? 11.093  13.320  10.046  1.00 127.40 ? 55  GLU A N   1 
ATOM   352 C  CA  . GLU A 1 55 ? 12.469  13.249  9.562   1.00 136.26 ? 55  GLU A CA  1 
ATOM   353 C  C   . GLU A 1 55 ? 12.986  11.813  9.539   1.00 138.25 ? 55  GLU A C   1 
ATOM   354 O  O   . GLU A 1 55 ? 13.653  11.369  8.614   1.00 143.02 ? 55  GLU A O   1 
ATOM   355 C  CB  . GLU A 1 55 ? 13.373  14.163  10.408  1.00 146.61 ? 55  GLU A CB  1 
ATOM   356 N  N   . LYS A 1 56 ? 12.635  11.104  10.590  1.00 138.94 ? 56  LYS A N   1 
ATOM   357 C  CA  . LYS A 1 56 ? 13.005  9.730   10.769  1.00 141.20 ? 56  LYS A CA  1 
ATOM   358 C  C   . LYS A 1 56 ? 12.424  8.896   9.637   1.00 133.46 ? 56  LYS A C   1 
ATOM   359 O  O   . LYS A 1 56 ? 13.130  8.076   9.054   1.00 139.40 ? 56  LYS A O   1 
ATOM   360 C  CB  . LYS A 1 56 ? 12.431  9.250   12.088  1.00 144.41 ? 56  LYS A CB  1 
ATOM   361 C  CG  . LYS A 1 56 ? 13.099  8.012   12.632  1.00 155.49 ? 56  LYS A CG  1 
ATOM   362 N  N   . PHE A 1 57 ? 11.169  9.139   9.279   1.00 121.65 ? 57  PHE A N   1 
ATOM   363 C  CA  . PHE A 1 57 ? 10.590  8.375   8.196   1.00 116.81 ? 57  PHE A CA  1 
ATOM   364 C  C   . PHE A 1 57 ? 11.370  8.651   6.939   1.00 118.19 ? 57  PHE A C   1 
ATOM   365 O  O   . PHE A 1 57 ? 11.682  7.762   6.191   1.00 121.55 ? 57  PHE A O   1 
ATOM   366 C  CB  . PHE A 1 57 ? 9.113   8.678   7.995   1.00 108.67 ? 57  PHE A CB  1 
ATOM   367 C  CG  . PHE A 1 57 ? 8.543   8.022   6.792   1.00 104.71 ? 57  PHE A CG  1 
ATOM   368 C  CD1 . PHE A 1 57 ? 8.306   6.676   6.788   1.00 106.74 ? 57  PHE A CD1 1 
ATOM   369 C  CD2 . PHE A 1 57 ? 8.291   8.737   5.661   1.00 102.31 ? 57  PHE A CD2 1 
ATOM   370 C  CE1 . PHE A 1 57 ? 7.810   6.054   5.679   1.00 106.73 ? 57  PHE A CE1 1 
ATOM   371 C  CE2 . PHE A 1 57 ? 7.795   8.127   4.541   1.00 103.36 ? 57  PHE A CE2 1 
ATOM   372 C  CZ  . PHE A 1 57 ? 7.555   6.780   4.549   1.00 104.95 ? 57  PHE A CZ  1 
ATOM   373 N  N   . GLU A 1 58 ? 11.719  9.901   6.725   1.00 120.70 ? 58  GLU A N   1 
ATOM   374 C  CA  . GLU A 1 58 ? 12.336  10.288  5.476   1.00 123.47 ? 58  GLU A CA  1 
ATOM   375 C  C   . GLU A 1 58 ? 13.670  9.601   5.260   1.00 130.96 ? 58  GLU A C   1 
ATOM   376 O  O   . GLU A 1 58 ? 13.991  9.210   4.154   1.00 132.38 ? 58  GLU A O   1 
ATOM   377 C  CB  . GLU A 1 58 ? 12.470  11.818  5.376   1.00 126.47 ? 58  GLU A CB  1 
ATOM   378 N  N   . SER A 1 59 ? 14.455  9.479   6.312   1.00 137.86 ? 59  SER A N   1 
ATOM   379 C  CA  . SER A 1 59 ? 15.730  8.795   6.206   1.00 148.17 ? 59  SER A CA  1 
ATOM   380 C  C   . SER A 1 59 ? 15.550  7.325   5.846   1.00 146.40 ? 59  SER A C   1 
ATOM   381 O  O   . SER A 1 59 ? 16.148  6.808   4.911   1.00 151.01 ? 59  SER A O   1 
ATOM   382 C  CB  . SER A 1 59 ? 16.435  8.879   7.556   1.00 158.09 ? 59  SER A CB  1 
ATOM   383 N  N   . PHE A 1 60 ? 14.639  6.705   6.571   1.00 141.22 ? 60  PHE A N   1 
ATOM   384 C  CA  . PHE A 1 60 ? 14.385  5.296   6.505   1.00 140.67 ? 60  PHE A CA  1 
ATOM   385 C  C   . PHE A 1 60 ? 14.020  5.044   5.070   1.00 135.14 ? 60  PHE A C   1 
ATOM   386 O  O   . PHE A 1 60 ? 14.480  4.100   4.485   1.00 138.71 ? 60  PHE A O   1 
ATOM   387 C  CB  . PHE A 1 60 ? 13.258  5.000   7.498   1.00 137.24 ? 60  PHE A CB  1 
ATOM   388 C  CG  . PHE A 1 60 ? 12.412  3.815   7.174   1.00 134.35 ? 60  PHE A CG  1 
ATOM   389 C  CD1 . PHE A 1 60 ? 12.774  2.561   7.586   1.00 142.18 ? 60  PHE A CD1 1 
ATOM   390 C  CD2 . PHE A 1 60 ? 11.211  3.964   6.516   1.00 125.61 ? 60  PHE A CD2 1 
ATOM   391 C  CE1 . PHE A 1 60 ? 11.979  1.465   7.317   1.00 143.21 ? 60  PHE A CE1 1 
ATOM   392 C  CE2 . PHE A 1 60 ? 10.412  2.880   6.244   1.00 125.88 ? 60  PHE A CE2 1 
ATOM   393 C  CZ  . PHE A 1 60 ? 10.800  1.629   6.643   1.00 134.88 ? 60  PHE A CZ  1 
ATOM   394 N  N   . ALA A 1 61 ? 13.254  5.928   4.468   1.00 127.69 ? 61  ALA A N   1 
ATOM   395 C  CA  . ALA A 1 61 ? 12.852  5.781   3.066   1.00 125.33 ? 61  ALA A CA  1 
ATOM   396 C  C   . ALA A 1 61 ? 13.928  5.834   1.972   1.00 130.11 ? 61  ALA A C   1 
ATOM   397 O  O   . ALA A 1 61 ? 13.792  5.221   0.923   1.00 129.39 ? 61  ALA A O   1 
ATOM   398 C  CB  . ALA A 1 61 ? 11.699  6.706   2.731   1.00 120.37 ? 61  ALA A CB  1 
ATOM   399 N  N   . LYS A 1 62 ? 14.974  6.604   2.206   1.00 133.68 ? 62  LYS A N   1 
ATOM   400 C  CA  . LYS A 1 62 ? 16.010  6.787   1.199   1.00 141.53 ? 62  LYS A CA  1 
ATOM   401 C  C   . LYS A 1 62 ? 16.737  5.492   0.905   1.00 146.66 ? 62  LYS A C   1 
ATOM   402 O  O   . LYS A 1 62 ? 17.215  5.274   -0.195  1.00 152.33 ? 62  LYS A O   1 
ATOM   403 C  CB  . LYS A 1 62 ? 16.990  7.882   1.620   1.00 147.82 ? 62  LYS A CB  1 
ATOM   404 N  N   . ALA A 1 63 ? 16.788  4.645   1.922   1.00 86.09  ? 63  ALA A N   1 
ATOM   405 C  CA  . ALA A 1 63 ? 17.541  3.405   1.948   1.00 80.52  ? 63  ALA A CA  1 
ATOM   406 C  C   . ALA A 1 63 ? 17.097  2.486   0.846   1.00 77.97  ? 63  ALA A C   1 
ATOM   407 O  O   . ALA A 1 63 ? 17.862  1.682   0.356   1.00 76.11  ? 63  ALA A O   1 
ATOM   408 C  CB  . ALA A 1 63 ? 17.322  2.722   3.273   1.00 78.06  ? 63  ALA A CB  1 
ATOM   409 N  N   . LEU A 1 64 ? 15.840  2.609   0.461   1.00 79.14  ? 64  LEU A N   1 
ATOM   410 C  CA  . LEU A 1 64 ? 15.200  1.644   -0.393  1.00 77.90  ? 64  LEU A CA  1 
ATOM   411 C  C   . LEU A 1 64 ? 15.933  1.523   -1.707  1.00 83.65  ? 64  LEU A C   1 
ATOM   412 O  O   . LEU A 1 64 ? 16.011  0.441   -2.267  1.00 83.55  ? 64  LEU A O   1 
ATOM   413 C  CB  . LEU A 1 64 ? 13.722  2.000   -0.601  1.00 77.05  ? 64  LEU A CB  1 
ATOM   414 C  CG  . LEU A 1 64 ? 12.852  1.140   -1.514  1.00 75.78  ? 64  LEU A CG  1 
ATOM   415 C  CD1 . LEU A 1 64 ? 12.668  -0.269  -0.987  1.00 71.09  ? 64  LEU A CD1 1 
ATOM   416 C  CD2 . LEU A 1 64 ? 11.510  1.798   -1.699  1.00 78.17  ? 64  LEU A CD2 1 
ATOM   417 N  N   . ARG A 1 65 ? 16.466  2.621   -2.217  1.00 90.78  ? 65  ARG A N   1 
ATOM   418 C  CA  . ARG A 1 65 ? 17.164  2.557   -3.487  1.00 97.89  ? 65  ARG A CA  1 
ATOM   419 C  C   . ARG A 1 65 ? 18.366  1.622   -3.410  1.00 96.17  ? 65  ARG A C   1 
ATOM   420 O  O   . ARG A 1 65 ? 18.661  0.912   -4.348  1.00 99.92  ? 65  ARG A O   1 
ATOM   421 C  CB  . ARG A 1 65 ? 17.592  3.943   -3.954  1.00 107.60 ? 65  ARG A CB  1 
ATOM   422 N  N   . ILE A 1 66 ? 19.073  1.648   -2.303  1.00 93.46  ? 66  ILE A N   1 
ATOM   423 C  CA  . ILE A 1 66 ? 20.258  0.827   -2.169  1.00 95.41  ? 66  ILE A CA  1 
ATOM   424 C  C   . ILE A 1 66 ? 20.123  -0.486  -1.397  1.00 91.62  ? 66  ILE A C   1 
ATOM   425 O  O   . ILE A 1 66 ? 20.728  -1.467  -1.779  1.00 96.75  ? 66  ILE A O   1 
ATOM   426 C  CB  . ILE A 1 66 ? 21.413  1.647   -1.576  1.00 98.04  ? 66  ILE A CB  1 
ATOM   427 N  N   . ASP A 1 67 ? 19.333  -0.506  -0.328  1.00 85.81  ? 67  ASP A N   1 
ATOM   428 C  CA  . ASP A 1 67 ? 19.338  -1.601  0.632   1.00 83.26  ? 67  ASP A CA  1 
ATOM   429 C  C   . ASP A 1 67 ? 18.507  -2.787  0.145   1.00 79.75  ? 67  ASP A C   1 
ATOM   430 O  O   . ASP A 1 67 ? 17.305  -2.713  0.006   1.00 71.69  ? 67  ASP A O   1 
ATOM   431 C  CB  . ASP A 1 67 ? 18.888  -1.065  2.003   1.00 82.86  ? 67  ASP A CB  1 
ATOM   432 C  CG  . ASP A 1 67 ? 18.722  -2.135  3.083   1.00 82.65  ? 67  ASP A CG  1 
ATOM   433 O  OD1 . ASP A 1 67 ? 18.572  -3.321  2.789   1.00 82.10  ? 67  ASP A OD1 1 
ATOM   434 O  OD2 . ASP A 1 67 ? 18.675  -1.765  4.261   1.00 84.47  ? 67  ASP A OD2 1 
ATOM   435 N  N   . GLU A 1 68 ? 19.203  -3.891  -0.094  1.00 80.46  ? 68  GLU A N   1 
ATOM   436 C  CA  . GLU A 1 68 ? 18.583  -5.105  -0.577  1.00 82.63  ? 68  GLU A CA  1 
ATOM   437 C  C   . GLU A 1 68 ? 17.608  -5.703  0.405   1.00 77.69  ? 68  GLU A C   1 
ATOM   438 O  O   . GLU A 1 68 ? 16.583  -6.229  0.022   1.00 73.91  ? 68  GLU A O   1 
ATOM   439 C  CB  . GLU A 1 68 ? 19.628  -6.132  -0.966  1.00 91.54  ? 68  GLU A CB  1 
ATOM   440 C  CG  . GLU A 1 68 ? 20.166  -5.992  -2.368  1.00 98.90  ? 68  GLU A CG  1 
ATOM   441 C  CD  . GLU A 1 68 ? 21.119  -7.119  -2.718  1.00 109.71 ? 68  GLU A CD  1 
ATOM   442 O  OE1 . GLU A 1 68 ? 21.767  -7.026  -3.767  1.00 119.50 ? 68  GLU A OE1 1 
ATOM   443 O  OE2 . GLU A 1 68 ? 21.215  -8.092  -1.944  1.00 112.59 ? 68  GLU A OE2 1 
ATOM   444 N  N   . GLU A 1 69 ? 17.946  -5.655  1.674   1.00 74.96  ? 69  GLU A N   1 
ATOM   445 C  CA  . GLU A 1 69 ? 17.092  -6.235  2.669   1.00 75.08  ? 69  GLU A CA  1 
ATOM   446 C  C   . GLU A 1 69 ? 15.772  -5.545  2.824   1.00 69.90  ? 69  GLU A C   1 
ATOM   447 O  O   . GLU A 1 69 ? 14.760  -6.194  2.944   1.00 67.97  ? 69  GLU A O   1 
ATOM   448 C  CB  . GLU A 1 69 ? 17.785  -6.239  3.989   1.00 82.38  ? 69  GLU A CB  1 
ATOM   449 C  CG  . GLU A 1 69 ? 17.016  -6.975  5.042   1.00 89.09  ? 69  GLU A CG  1 
ATOM   450 C  CD  . GLU A 1 69 ? 17.774  -7.091  6.337   1.00 99.90  ? 69  GLU A CD  1 
ATOM   451 O  OE1 . GLU A 1 69 ? 17.375  -6.423  7.304   1.00 104.34 ? 69  GLU A OE1 1 
ATOM   452 O  OE2 . GLU A 1 69 ? 18.763  -7.842  6.382   1.00 108.01 ? 69  GLU A OE2 1 
ATOM   453 N  N   . LEU A 1 70 ? 15.795  -4.223  2.857   1.00 67.17  ? 70  LEU A N   1 
ATOM   454 C  CA  . LEU A 1 70 ? 14.583  -3.427  2.916   1.00 62.68  ? 70  LEU A CA  1 
ATOM   455 C  C   . LEU A 1 70 ? 13.785  -3.613  1.665   1.00 61.76  ? 70  LEU A C   1 
ATOM   456 O  O   . LEU A 1 70 ? 12.595  -3.771  1.719   1.00 62.21  ? 70  LEU A O   1 
ATOM   457 C  CB  . LEU A 1 70 ? 14.916  -1.951  3.090   1.00 63.85  ? 70  LEU A CB  1 
ATOM   458 C  CG  . LEU A 1 70 ? 13.743  -0.978  3.185   1.00 62.47  ? 70  LEU A CG  1 
ATOM   459 C  CD1 . LEU A 1 70 ? 12.931  -1.216  4.437   1.00 64.44  ? 70  LEU A CD1 1 
ATOM   460 C  CD2 . LEU A 1 70 ? 14.185  0.467   3.068   1.00 65.56  ? 70  LEU A CD2 1 
ATOM   461 N  N   . GLN A 1 71 ? 14.457  -3.660  0.529   1.00 63.07  ? 71  GLN A N   1 
ATOM   462 C  CA  . GLN A 1 71 ? 13.753  -3.794  -0.718  1.00 64.72  ? 71  GLN A CA  1 
ATOM   463 C  C   . GLN A 1 71 ? 12.928  -5.073  -0.626  1.00 64.04  ? 71  GLN A C   1 
ATOM   464 O  O   . GLN A 1 71 ? 11.793  -5.077  -1.017  1.00 60.58  ? 71  GLN A O   1 
ATOM   465 C  CB  . GLN A 1 71 ? 14.704  -3.859  -1.913  1.00 71.29  ? 71  GLN A CB  1 
ATOM   466 C  CG  . GLN A 1 71 ? 15.290  -2.516  -2.342  1.00 74.28  ? 71  GLN A CG  1 
ATOM   467 C  CD  . GLN A 1 71 ? 16.435  -2.631  -3.333  1.00 80.70  ? 71  GLN A CD  1 
ATOM   468 O  OE1 . GLN A 1 71 ? 16.774  -3.706  -3.794  1.00 84.05  ? 71  GLN A OE1 1 
ATOM   469 N  NE2 . GLN A 1 71 ? 17.032  -1.514  -3.657  1.00 84.89  ? 71  GLN A NE2 1 
ATOM   470 N  N   . GLN A 1 72 ? 13.491  -6.130  -0.061  1.00 65.29  ? 72  GLN A N   1 
ATOM   471 C  CA  . GLN A 1 72 ? 12.765  -7.372  0.143   1.00 69.17  ? 72  GLN A CA  1 
ATOM   472 C  C   . GLN A 1 72 ? 11.597  -7.261  1.088   1.00 66.39  ? 72  GLN A C   1 
ATOM   473 O  O   . GLN A 1 72 ? 10.520  -7.707  0.794   1.00 65.60  ? 72  GLN A O   1 
ATOM   474 C  CB  . GLN A 1 72 ? 13.712  -8.439  0.689   1.00 76.29  ? 72  GLN A CB  1 
ATOM   475 C  CG  . GLN A 1 72 ? 13.033  -9.725  1.127   1.00 83.32  ? 72  GLN A CG  1 
ATOM   476 C  CD  . GLN A 1 72 ? 12.229  -10.335 0.011   1.00 87.32  ? 72  GLN A CD  1 
ATOM   477 O  OE1 . GLN A 1 72 ? 11.014  -10.448 0.097   1.00 87.40  ? 72  GLN A OE1 1 
ATOM   478 N  NE2 . GLN A 1 72 ? 12.900  -10.698 -1.062  1.00 93.55  ? 72  GLN A NE2 1 
ATOM   479 N  N   . LYS A 1 73 ? 11.804  -6.629  2.215   1.00 63.75  ? 73  LYS A N   1 
ATOM   480 C  CA  . LYS A 1 73 ? 10.715  -6.423  3.165   1.00 62.68  ? 73  LYS A CA  1 
ATOM   481 C  C   . LYS A 1 73 ? 9.522   -5.588  2.650   1.00 58.52  ? 73  LYS A C   1 
ATOM   482 O  O   . LYS A 1 73 ? 8.361   -5.879  2.940   1.00 56.76  ? 73  LYS A O   1 
ATOM   483 C  CB  . LYS A 1 73 ? 11.282  -5.764  4.392   1.00 65.73  ? 73  LYS A CB  1 
ATOM   484 C  CG  . LYS A 1 73 ? 10.482  -6.014  5.641   1.00 71.76  ? 73  LYS A CG  1 
ATOM   485 C  CD  . LYS A 1 73 ? 11.381  -5.935  6.865   1.00 79.01  ? 73  LYS A CD  1 
ATOM   486 C  CE  . LYS A 1 73 ? 10.889  -6.858  7.964   1.00 89.38  ? 73  LYS A CE  1 
ATOM   487 N  NZ  . LYS A 1 73 ? 10.770  -6.125  9.250   1.00 97.66  ? 73  LYS A NZ  1 
ATOM   488 N  N   . ILE A 1 74 ? 9.825   -4.510  1.934   1.00 55.00  ? 74  ILE A N   1 
ATOM   489 C  CA  . ILE A 1 74 ? 8.811   -3.679  1.338   1.00 53.14  ? 74  ILE A CA  1 
ATOM   490 C  C   . ILE A 1 74 ? 8.084   -4.411  0.241   1.00 54.02  ? 74  ILE A C   1 
ATOM   491 O  O   . ILE A 1 74 ? 6.885   -4.193  0.036   1.00 53.21  ? 74  ILE A O   1 
ATOM   492 C  CB  . ILE A 1 74 ? 9.441   -2.371  0.779   1.00 53.44  ? 74  ILE A CB  1 
ATOM   493 C  CG1 . ILE A 1 74 ? 9.951   -1.526  1.939   1.00 54.04  ? 74  ILE A CG1 1 
ATOM   494 C  CG2 . ILE A 1 74 ? 8.476   -1.576  -0.093  1.00 55.00  ? 74  ILE A CG2 1 
ATOM   495 C  CD1 . ILE A 1 74 ? 8.950   -1.258  3.031   1.00 56.11  ? 74  ILE A CD1 1 
ATOM   496 N  N   . GLU A 1 75 ? 8.815   -5.236  -0.493  1.00 55.45  ? 75  GLU A N   1 
ATOM   497 C  CA  . GLU A 1 75 ? 8.236   -5.916  -1.609  1.00 61.11  ? 75  GLU A CA  1 
ATOM   498 C  C   . GLU A 1 75 ? 7.248   -6.951  -1.053  1.00 61.25  ? 75  GLU A C   1 
ATOM   499 O  O   . GLU A 1 75 ? 6.150   -7.113  -1.599  1.00 60.16  ? 75  GLU A O   1 
ATOM   500 C  CB  . GLU A 1 75 ? 9.319   -6.520  -2.527  1.00 67.53  ? 75  GLU A CB  1 
ATOM   501 C  CG  . GLU A 1 75 ? 9.037   -6.369  -4.034  1.00 77.64  ? 75  GLU A CG  1 
ATOM   502 C  CD  . GLU A 1 75 ? 8.699   -4.930  -4.503  1.00 80.43  ? 75  GLU A CD  1 
ATOM   503 O  OE1 . GLU A 1 75 ? 9.180   -3.947  -3.884  1.00 82.01  ? 75  GLU A OE1 1 
ATOM   504 O  OE2 . GLU A 1 75 ? 7.945   -4.772  -5.502  1.00 89.20  ? 75  GLU A OE2 1 
ATOM   505 N  N   . SER A 1 76 ? 7.650   -7.624  0.034   1.00 47.91  ? 76  SER A N   1 
ATOM   506 C  CA  A SER A 1 76 ? 6.773   -8.584  0.706   0.50 46.85  ? 76  SER A CA  1 
ATOM   507 C  CA  B SER A 1 76 ? 6.783   -8.588  0.722   0.50 47.75  ? 76  SER A CA  1 
ATOM   508 C  C   . SER A 1 76 ? 5.535   -7.898  1.283   1.00 44.89  ? 76  SER A C   1 
ATOM   509 O  O   . SER A 1 76 ? 4.424   -8.418  1.203   1.00 41.64  ? 76  SER A O   1 
ATOM   510 C  CB  A SER A 1 76 ? 7.563   -9.320  1.790   0.50 49.39  ? 76  SER A CB  1 
ATOM   511 C  CB  B SER A 1 76 ? 7.573   -9.302  1.836   0.50 51.19  ? 76  SER A CB  1 
ATOM   512 O  OG  A SER A 1 76 ? 8.605   -10.051 1.186   0.50 49.88  ? 76  SER A OG  1 
ATOM   513 O  OG  B SER A 1 76 ? 6.700   -9.970  2.734   0.50 52.28  ? 76  SER A OG  1 
ATOM   514 N  N   . ARG A 1 77 ? 5.723   -6.700  1.821   1.00 44.13  ? 77  ARG A N   1 
ATOM   515 C  CA  . ARG A 1 77 ? 4.611   -5.911  2.366   1.00 44.65  ? 77  ARG A CA  1 
ATOM   516 C  C   . ARG A 1 77 ? 3.623   -5.461  1.276   1.00 40.99  ? 77  ARG A C   1 
ATOM   517 O  O   . ARG A 1 77 ? 2.399   -5.517  1.465   1.00 39.76  ? 77  ARG A O   1 
ATOM   518 C  CB  . ARG A 1 77 ? 5.148   -4.677  3.109   1.00 49.74  ? 77  ARG A CB  1 
ATOM   519 C  CG  . ARG A 1 77 ? 4.162   -4.021  4.065   1.00 53.88  ? 77  ARG A CG  1 
ATOM   520 C  CD  . ARG A 1 77 ? 3.313   -5.096  4.712   1.00 58.34  ? 77  ARG A CD  1 
ATOM   521 N  NE  . ARG A 1 77 ? 2.526   -4.591  5.810   1.00 63.39  ? 77  ARG A NE  1 
ATOM   522 C  CZ  . ARG A 1 77 ? 2.971   -4.432  7.046   1.00 66.93  ? 77  ARG A CZ  1 
ATOM   523 N  NH1 . ARG A 1 77 ? 2.153   -3.972  7.979   1.00 70.98  ? 77  ARG A NH1 1 
ATOM   524 N  NH2 . ARG A 1 77 ? 4.223   -4.703  7.348   1.00 72.71  ? 77  ARG A NH2 1 
ATOM   525 N  N   . LYS A 1 78 ? 4.145   -5.022  0.137   1.00 38.98  ? 78  LYS A N   1 
ATOM   526 C  CA  . LYS A 1 78 ? 3.273   -4.620  -0.961  1.00 38.25  ? 78  LYS A CA  1 
ATOM   527 C  C   . LYS A 1 78 ? 2.413   -5.790  -1.389  1.00 36.76  ? 78  LYS A C   1 
ATOM   528 O  O   . LYS A 1 78 ? 1.229   -5.616  -1.633  1.00 35.65  ? 78  LYS A O   1 
ATOM   529 C  CB  . LYS A 1 78 ? 4.089   -4.154  -2.151  1.00 40.57  ? 78  LYS A CB  1 
ATOM   530 C  CG  . LYS A 1 78 ? 4.657   -2.788  -1.891  1.00 43.08  ? 78  LYS A CG  1 
ATOM   531 C  CD  . LYS A 1 78 ? 5.865   -2.551  -2.736  1.00 48.10  ? 78  LYS A CD  1 
ATOM   532 C  CE  . LYS A 1 78 ? 5.476   -2.064  -4.097  1.00 50.57  ? 78  LYS A CE  1 
ATOM   533 N  NZ  . LYS A 1 78 ? 6.696   -1.928  -4.908  1.00 56.86  ? 78  LYS A NZ  1 
ATOM   534 N  N   . THR A 1 79 ? 2.962   -6.984  -1.475  1.00 37.91  ? 79  THR A N   1 
ATOM   535 C  CA  . THR A 1 79 ? 2.160   -8.137  -1.864  1.00 40.07  ? 79  THR A CA  1 
ATOM   536 C  C   . THR A 1 79 ? 1.081   -8.456  -0.866  1.00 37.94  ? 79  THR A C   1 
ATOM   537 O  O   . THR A 1 79 ? 0.020   -8.867  -1.222  1.00 38.21  ? 79  THR A O   1 
ATOM   538 C  CB  . THR A 1 79 ? 2.993   -9.373  -2.215  1.00 45.92  ? 79  THR A CB  1 
ATOM   539 O  OG1 . THR A 1 79 ? 3.836   -9.691  -1.131  1.00 51.27  ? 79  THR A OG1 1 
ATOM   540 C  CG2 . THR A 1 79 ? 3.836   -9.118  -3.383  1.00 49.05  ? 79  THR A CG2 1 
ATOM   541 N  N   . ASP A 1 80 ? 1.380   -8.292  0.397   1.00 38.03  ? 80  ASP A N   1 
ATOM   542 C  CA  . ASP A 1 80 ? 0.396   -8.485  1.421   1.00 38.79  ? 80  ASP A CA  1 
ATOM   543 C  C   . ASP A 1 80 ? -0.743  -7.516  1.285   1.00 35.96  ? 80  ASP A C   1 
ATOM   544 O  O   . ASP A 1 80 ? -1.869  -7.867  1.510   1.00 35.07  ? 80  ASP A O   1 
ATOM   545 C  CB  . ASP A 1 80 ? 1.014   -8.313  2.765   1.00 42.55  ? 80  ASP A CB  1 
ATOM   546 C  CG  . ASP A 1 80 ? 1.880   -9.467  3.145   1.00 48.32  ? 80  ASP A CG  1 
ATOM   547 O  OD1 . ASP A 1 80 ? 2.055   -10.425 2.385   1.00 47.66  ? 80  ASP A OD1 1 
ATOM   548 O  OD2 . ASP A 1 80 ? 2.407   -9.386  4.230   1.00 55.24  ? 80  ASP A OD2 1 
ATOM   549 N  N   . ILE A 1 81 ? -0.423  -6.270  0.970   1.00 33.51  ? 81  ILE A N   1 
ATOM   550 C  CA  . ILE A 1 81 ? -1.419  -5.242  0.752   1.00 32.61  ? 81  ILE A CA  1 
ATOM   551 C  C   . ILE A 1 81 ? -2.267  -5.554  -0.456  1.00 30.81  ? 81  ILE A C   1 
ATOM   552 O  O   . ILE A 1 81 ? -3.439  -5.367  -0.445  1.00 31.65  ? 81  ILE A O   1 
ATOM   553 C  CB  . ILE A 1 81 ? -0.767  -3.843  0.603   1.00 32.91  ? 81  ILE A CB  1 
ATOM   554 C  CG1 . ILE A 1 81 ? -0.102  -3.439  1.910   1.00 35.75  ? 81  ILE A CG1 1 
ATOM   555 C  CG2 . ILE A 1 81 ? -1.781  -2.813  0.156   1.00 33.05  ? 81  ILE A CG2 1 
ATOM   556 C  CD1 . ILE A 1 81 ? 0.869   -2.299  1.801   1.00 38.33  ? 81  ILE A CD1 1 
ATOM   557 N  N   . VAL A 1 82 ? -1.623  -6.009  -1.502  1.00 31.98  ? 82  VAL A N   1 
ATOM   558 C  CA  . VAL A 1 82 ? -2.330  -6.397  -2.728  1.00 33.41  ? 82  VAL A CA  1 
ATOM   559 C  C   . VAL A 1 82 ? -3.297  -7.517  -2.461  1.00 33.62  ? 82  VAL A C   1 
ATOM   560 O  O   . VAL A 1 82 ? -4.413  -7.512  -2.908  1.00 33.62  ? 82  VAL A O   1 
ATOM   561 C  CB  . VAL A 1 82 ? -1.301  -6.782  -3.803  1.00 36.87  ? 82  VAL A CB  1 
ATOM   562 C  CG1 . VAL A 1 82 ? -1.910  -7.654  -4.875  1.00 41.03  ? 82  VAL A CG1 1 
ATOM   563 C  CG2 . VAL A 1 82 ? -0.697  -5.508  -4.376  1.00 37.83  ? 82  VAL A CG2 1 
ATOM   564 N  N   . ILE A 1 83 ? -2.866  -8.477  -1.673  1.00 34.41  ? 83  ILE A N   1 
ATOM   565 C  CA  . ILE A 1 83 ? -3.684  -9.640  -1.418  1.00 37.34  ? 83  ILE A CA  1 
ATOM   566 C  C   . ILE A 1 83 ? -4.926  -9.249  -0.654  1.00 36.57  ? 83  ILE A C   1 
ATOM   567 O  O   . ILE A 1 83 ? -6.027  -9.660  -1.007  1.00 38.38  ? 83  ILE A O   1 
ATOM   568 C  CB  . ILE A 1 83 ? -2.876  -10.768 -0.764  1.00 40.93  ? 83  ILE A CB  1 
ATOM   569 C  CG1 . ILE A 1 83 ? -2.028  -11.427 -1.856  1.00 44.33  ? 83  ILE A CG1 1 
ATOM   570 C  CG2 . ILE A 1 83 ? -3.794  -11.863 -0.254  1.00 45.25  ? 83  ILE A CG2 1 
ATOM   571 C  CD1 . ILE A 1 83 ? -0.928  -12.346 -1.332  1.00 48.15  ? 83  ILE A CD1 1 
ATOM   572 N  N   . GLN A 1 84 ? -4.751  -8.410  0.352   1.00 36.40  ? 84  GLN A N   1 
ATOM   573 C  CA  . GLN A 1 84 ? -5.872  -7.906  1.100   1.00 38.52  ? 84  GLN A CA  1 
ATOM   574 C  C   . GLN A 1 84 ? -6.810  -7.095  0.230   1.00 37.23  ? 84  GLN A C   1 
ATOM   575 O  O   . GLN A 1 84 ? -8.028  -7.223  0.311   1.00 38.87  ? 84  GLN A O   1 
ATOM   576 C  CB  . GLN A 1 84 ? -5.386  -7.031  2.249   1.00 40.70  ? 84  GLN A CB  1 
ATOM   577 C  CG  . GLN A 1 84 ? -6.529  -6.520  3.121   1.00 44.43  ? 84  GLN A CG  1 
ATOM   578 C  CD  . GLN A 1 84 ? -7.193  -7.643  3.879   1.00 50.21  ? 84  GLN A CD  1 
ATOM   579 O  OE1 . GLN A 1 84 ? -6.541  -8.275  4.719   1.00 55.38  ? 84  GLN A OE1 1 
ATOM   580 N  NE2 . GLN A 1 84 ? -8.487  -7.921  3.590   1.00 51.03  ? 84  GLN A NE2 1 
ATOM   581 N  N   . SER A 1 85 ? -6.239  -6.289  -0.639  1.00 34.64  ? 85  SER A N   1 
ATOM   582 C  CA  . SER A 1 85 ? -7.005  -5.455  -1.517  1.00 33.99  ? 85  SER A CA  1 
ATOM   583 C  C   . SER A 1 85 ? -7.841  -6.295  -2.444  1.00 36.72  ? 85  SER A C   1 
ATOM   584 O  O   . SER A 1 85 ? -8.983  -6.041  -2.642  1.00 38.39  ? 85  SER A O   1 
ATOM   585 C  CB  . SER A 1 85 ? -6.026  -4.605  -2.322  1.00 33.54  ? 85  SER A CB  1 
ATOM   586 O  OG  . SER A 1 85 ? -6.635  -3.565  -2.959  1.00 33.33  ? 85  SER A OG  1 
HETATM 587 N  N   . MSE A 1 86 ? -7.230  -7.319  -2.999  1.00 38.14  ? 86  MSE A N   1 
HETATM 588 C  CA  . MSE A 1 86 ? -7.874  -8.180  -3.934  1.00 42.62  ? 86  MSE A CA  1 
HETATM 589 C  C   . MSE A 1 86 ? -8.951  -8.917  -3.246  1.00 45.28  ? 86  MSE A C   1 
HETATM 590 O  O   . MSE A 1 86 ? -10.023 -9.057  -3.786  1.00 47.13  ? 86  MSE A O   1 
HETATM 591 C  CB  . MSE A 1 86 ? -6.849  -9.109  -4.516  1.00 46.73  ? 86  MSE A CB  1 
HETATM 592 C  CG  . MSE A 1 86 ? -5.916  -8.429  -5.513  1.00 47.61  ? 86  MSE A CG  1 
HETATM 593 SE SE  . MSE A 1 86 ? -4.674  -9.667  -6.438  1.00 54.43  ? 86  MSE A SE  1 
HETATM 594 C  CE  . MSE A 1 86 ? -6.001  -11.012 -6.449  1.00 53.91  ? 86  MSE A CE  1 
ATOM   595 N  N   . ALA A 1 87 ? -8.706  -9.356  -2.039  1.00 45.55  ? 87  ALA A N   1 
ATOM   596 C  CA  . ALA A 1 87 ? -9.698  -10.059 -1.296  1.00 48.55  ? 87  ALA A CA  1 
ATOM   597 C  C   . ALA A 1 87 ? -10.896 -9.193  -1.057  1.00 48.44  ? 87  ALA A C   1 
ATOM   598 O  O   . ALA A 1 87 ? -12.003 -9.642  -1.208  1.00 51.10  ? 87  ALA A O   1 
ATOM   599 C  CB  . ALA A 1 87 ? -9.136  -10.492 0.025   1.00 50.59  ? 87  ALA A CB  1 
ATOM   600 N  N   . ASN A 1 88 ? -10.669 -7.948  -0.686  1.00 44.93  ? 88  ASN A N   1 
ATOM   601 C  CA  . ASN A 1 88 ? -11.732 -7.011  -0.437  1.00 46.67  ? 88  ASN A CA  1 
ATOM   602 C  C   . ASN A 1 88 ? -12.635 -6.881  -1.626  1.00 48.52  ? 88  ASN A C   1 
ATOM   603 O  O   . ASN A 1 88 ? -13.802 -6.821  -1.476  1.00 55.55  ? 88  ASN A O   1 
ATOM   604 C  CB  . ASN A 1 88 ? -11.190 -5.636  -0.067  1.00 43.44  ? 88  ASN A CB  1 
ATOM   605 C  CG  . ASN A 1 88 ? -10.682 -5.576  1.334   1.00 45.44  ? 88  ASN A CG  1 
ATOM   606 O  OD1 . ASN A 1 88 ? -10.830 -6.512  2.070   1.00 47.94  ? 88  ASN A OD1 1 
ATOM   607 N  ND2 . ASN A 1 88 ? -10.069 -4.484  1.700   1.00 43.25  ? 88  ASN A ND2 1 
ATOM   608 N  N   . ILE A 1 89 ? -12.079 -6.768  -2.806  1.00 48.33  ? 89  ILE A N   1 
ATOM   609 C  CA  . ILE A 1 89 ? -12.868 -6.653  -4.007  1.00 50.62  ? 89  ILE A CA  1 
ATOM   610 C  C   . ILE A 1 89 ? -13.644 -7.923  -4.342  1.00 57.23  ? 89  ILE A C   1 
ATOM   611 O  O   . ILE A 1 89 ? -14.780 -7.862  -4.713  1.00 59.81  ? 89  ILE A O   1 
ATOM   612 C  CB  . ILE A 1 89 ? -11.990 -6.175  -5.165  1.00 50.35  ? 89  ILE A CB  1 
ATOM   613 C  CG1 . ILE A 1 89 ? -11.678 -4.697  -4.991  1.00 49.15  ? 89  ILE A CG1 1 
ATOM   614 C  CG2 . ILE A 1 89 ? -12.636 -6.381  -6.514  1.00 55.40  ? 89  ILE A CG2 1 
ATOM   615 C  CD1 . ILE A 1 89 ? -10.392 -4.271  -5.623  1.00 50.25  ? 89  ILE A CD1 1 
ATOM   616 N  N   . LEU A 1 90 ? -12.985 -9.064  -4.237  1.00 60.40  ? 90  LEU A N   1 
ATOM   617 C  CA  . LEU A 1 90 ? -13.606 -10.355 -4.496  1.00 68.86  ? 90  LEU A CA  1 
ATOM   618 C  C   . LEU A 1 90 ? -14.649 -10.642 -3.455  1.00 72.18  ? 90  LEU A C   1 
ATOM   619 O  O   . LEU A 1 90 ? -15.661 -11.208 -3.739  1.00 83.41  ? 90  LEU A O   1 
ATOM   620 C  CB  . LEU A 1 90 ? -12.570 -11.483 -4.608  1.00 69.07  ? 90  LEU A CB  1 
ATOM   621 N  N   . SER A 1 91 ? -14.366 -10.253 -2.234  1.00 72.31  ? 91  SER A N   1 
ATOM   622 C  CA  . SER A 1 91 ? -15.270 -10.393 -1.124  1.00 77.23  ? 91  SER A CA  1 
ATOM   623 C  C   . SER A 1 91 ? -16.531 -9.601  -1.332  1.00 79.75  ? 91  SER A C   1 
ATOM   624 O  O   . SER A 1 91 ? -17.580 -10.002 -0.900  1.00 84.02  ? 91  SER A O   1 
ATOM   625 C  CB  . SER A 1 91 ? -14.622 -9.921  0.160   1.00 75.97  ? 91  SER A CB  1 
ATOM   626 N  N   . GLY A 1 92 ? -16.420 -8.437  -1.933  1.00 78.48  ? 92  GLY A N   1 
ATOM   627 C  CA  . GLY A 1 92 ? -17.574 -7.590  -2.127  1.00 83.85  ? 92  GLY A CA  1 
ATOM   628 C  C   . GLY A 1 92 ? -17.869 -6.803  -0.877  1.00 87.15  ? 92  GLY A C   1 
ATOM   629 O  O   . GLY A 1 92 ? -17.374 -7.132  0.191   1.00 92.38  ? 92  GLY A O   1 
HETATM 630 O  O   . HOH B 2 .  ? 18.004  -3.031  6.004   1.00 63.54  ? 101 HOH A O   1 
HETATM 631 O  O   . HOH B 2 .  ? -12.781 7.976   -5.001  1.00 38.77  ? 102 HOH A O   1 
HETATM 632 O  O   . HOH B 2 .  ? 6.783   -4.625  6.815   1.00 61.18  ? 103 HOH A O   1 
HETATM 633 O  O   . HOH B 2 .  ? -13.985 2.839   -9.546  1.00 39.87  ? 104 HOH A O   1 
HETATM 634 O  O   . HOH B 2 .  ? 7.267   -7.044  5.082   1.00 46.68  ? 105 HOH A O   1 
HETATM 635 O  O   . HOH B 2 .  ? -2.416  -0.635  -10.391 1.00 41.90  ? 106 HOH A O   1 
HETATM 636 O  O   . HOH B 2 .  ? 4.777   -0.291  -6.158  1.00 54.71  ? 107 HOH A O   1 
HETATM 637 O  O   . HOH B 2 .  ? -16.856 9.125   -2.775  1.00 68.27  ? 108 HOH A O   1 
HETATM 638 O  O   . HOH B 2 .  ? 2.953   -12.009 5.240   1.00 64.82  ? 109 HOH A O   1 
HETATM 639 O  O   . HOH B 2 .  ? -7.900  -9.431  6.965   1.00 68.61  ? 110 HOH A O   1 
HETATM 640 O  O   . HOH B 2 .  ? 0.418   13.855  1.548   1.00 48.58  ? 111 HOH A O   1 
HETATM 641 O  O   . HOH B 2 .  ? -2.447  -10.402 2.804   1.00 59.82  ? 112 HOH A O   1 
HETATM 642 O  O   . HOH B 2 .  ? 6.284   -11.046 -2.007  1.00 52.92  ? 113 HOH A O   1 
HETATM 643 O  O   . HOH B 2 .  ? 0.925   11.466  0.025   1.00 49.11  ? 114 HOH A O   1 
HETATM 644 O  O   . HOH B 2 .  ? -4.214  -13.471 -15.410 1.00 52.74  ? 115 HOH A O   1 
HETATM 645 O  O   . HOH B 2 .  ? -1.975  -4.650  -15.533 1.00 61.57  ? 116 HOH A O   1 
HETATM 646 O  O   . HOH B 2 .  ? -12.172 0.582   -15.501 1.00 72.52  ? 117 HOH A O   1 
HETATM 647 O  O   . HOH B 2 .  ? -7.718  -11.043 -13.853 1.00 62.21  ? 118 HOH A O   1 
HETATM 648 O  O   . HOH B 2 .  ? 21.299  -4.883  2.499   1.00 67.76  ? 119 HOH A O   1 
HETATM 649 O  O   . HOH B 2 .  ? -19.290 -0.773  -13.157 1.00 58.35  ? 120 HOH A O   1 
HETATM 650 O  O   . HOH B 2 .  ? -20.897 -0.116  -9.982  1.00 66.38  ? 121 HOH A O   1 
HETATM 651 O  O   . HOH B 2 .  ? 0.195   -10.237 6.761   1.00 77.48  ? 122 HOH A O   1 
HETATM 652 O  O   . HOH B 2 .  ? -17.895 -13.519 -1.133  1.00 67.27  ? 123 HOH A O   1 
HETATM 653 O  O   . HOH B 2 .  ? -2.496  -6.531  4.764   1.00 69.43  ? 124 HOH A O   1 
HETATM 654 O  O   . HOH B 2 .  ? -13.048 4.647   3.296   1.00 59.53  ? 125 HOH A O   1 
HETATM 655 O  O   . HOH B 2 .  ? 4.836   11.018  3.498   1.00 61.56  ? 126 HOH A O   1 
HETATM 656 O  O   . HOH B 2 .  ? -18.575 -6.203  -12.545 1.00 82.64  ? 127 HOH A O   1 
HETATM 657 O  O   . HOH B 2 .  ? -21.983 -3.549  -7.238  1.00 75.47  ? 128 HOH A O   1 
HETATM 658 O  O   . HOH B 2 .  ? 18.621  4.272   6.577   1.00 63.33  ? 129 HOH A O   1 
HETATM 659 O  O   . HOH B 2 .  ? -6.111  -1.782  7.558   1.00 59.93  ? 130 HOH A O   1 
HETATM 660 O  O   . HOH B 2 .  ? -22.763 2.361   -6.261  1.00 65.60  ? 131 HOH A O   1 
HETATM 661 O  O   . HOH B 2 .  ? -20.788 2.682   -10.409 1.00 62.69  ? 132 HOH A O   1 
HETATM 662 O  O   . HOH B 2 .  ? -19.030 6.867   -1.794  1.00 75.42  ? 133 HOH A O   1 
HETATM 663 O  O   . HOH B 2 .  ? 2.349   18.678  13.040  1.00 77.04  ? 134 HOH A O   1 
HETATM 664 O  O   . HOH B 2 .  ? 12.865  -2.542  7.772   1.00 65.63  ? 135 HOH A O   1 
HETATM 665 O  O   . HOH B 2 .  ? 4.743   11.147  5.955   1.00 65.89  ? 136 HOH A O   1 
HETATM 666 O  O   . HOH B 2 .  ? 4.714   13.547  1.851   1.00 58.41  ? 137 HOH A O   1 
HETATM 667 O  O   . HOH B 2 .  ? -6.713  -4.747  5.757   1.00 62.20  ? 138 HOH A O   1 
HETATM 668 O  O   . HOH B 2 .  ? -8.726  2.650   5.640   1.00 37.73  ? 139 HOH A O   1 
HETATM 669 O  O   . HOH B 2 .  ? -8.195  -0.257  6.061   1.00 41.22  ? 140 HOH A O   1 
HETATM 670 O  O   . HOH B 2 .  ? -13.914 2.695   1.408   1.00 42.53  ? 141 HOH A O   1 
HETATM 671 O  O   . HOH B 2 .  ? 5.548   -6.649  -4.519  1.00 68.62  ? 142 HOH A O   1 
HETATM 672 O  O   . HOH B 2 .  ? -18.270 2.565   -4.036  1.00 46.88  ? 143 HOH A O   1 
HETATM 673 O  O   . HOH B 2 .  ? -16.664 -6.879  -9.524  1.00 65.45  ? 144 HOH A O   1 
HETATM 674 O  O   . HOH B 2 .  ? -15.568 4.655   0.333   1.00 59.26  ? 145 HOH A O   1 
HETATM 675 O  O   . HOH B 2 .  ? -13.053 -1.013  -11.571 1.00 42.95  ? 146 HOH A O   1 
HETATM 676 O  O   . HOH B 2 .  ? -14.158 -2.903  -2.259  1.00 43.97  ? 147 HOH A O   1 
HETATM 677 O  O   . HOH B 2 .  ? -9.376  -4.416  4.641   1.00 44.42  ? 148 HOH A O   1 
HETATM 678 O  O   . HOH B 2 .  ? 6.157   -6.552  -7.717  1.00 69.79  ? 149 HOH A O   1 
HETATM 679 O  O   . HOH B 2 .  ? 18.522  5.978   4.399   1.00 70.95  ? 150 HOH A O   1 
HETATM 680 O  O   . HOH B 2 .  ? -17.255 4.899   -2.653  1.00 60.88  ? 151 HOH A O   1 
HETATM 681 O  O   . HOH B 2 .  ? -19.881 4.102   -5.506  1.00 56.59  ? 152 HOH A O   1 
HETATM 682 O  O   . HOH B 2 .  ? -12.612 -2.356  0.032   1.00 38.88  ? 153 HOH A O   1 
HETATM 683 O  O   . HOH B 2 .  ? -13.448 -1.380  2.481   1.00 56.52  ? 154 HOH A O   1 
HETATM 684 O  O   . HOH B 2 .  ? -4.468  -3.880  1.949   1.00 46.11  ? 155 HOH A O   1 
HETATM 685 O  O   . HOH B 2 .  ? 15.109  -4.059  5.875   1.00 75.25  ? 156 HOH A O   1 
HETATM 686 O  O   . HOH B 2 .  ? 2.646   17.049  16.387  1.00 75.61  ? 157 HOH A O   1 
HETATM 687 O  O   . HOH B 2 .  ? -4.527  -5.139  7.725   1.00 68.06  ? 158 HOH A O   1 
HETATM 688 O  O   . HOH B 2 .  ? -19.167 -7.426  -9.640  1.00 63.30  ? 159 HOH A O   1 
HETATM 689 O  O   . HOH B 2 .  ? 11.710  12.288  13.844  1.00 89.77  ? 160 HOH A O   1 
HETATM 690 O  O   . HOH B 2 .  ? -15.703 -4.806  -1.129  1.00 62.54  ? 161 HOH A O   1 
HETATM 691 O  O   . HOH B 2 .  ? -11.862 2.946   5.336   1.00 69.00  ? 162 HOH A O   1 
HETATM 692 O  O   . HOH B 2 .  ? -10.890 -1.090  6.829   1.00 70.12  ? 163 HOH A O   1 
HETATM 693 O  O   . HOH B 2 .  ? -19.646 1.191   -0.471  1.00 64.87  ? 164 HOH A O   1 
HETATM 694 O  O   . HOH B 2 .  ? -19.619 -2.723  -1.435  1.00 70.63  ? 165 HOH A O   1 
HETATM 695 O  O   . HOH B 2 .  ? -13.864 1.110   3.428   1.00 78.43  ? 166 HOH A O   1 
HETATM 696 O  O   . HOH B 2 .  ? -6.847  -0.131  10.110  1.00 73.98  ? 167 HOH A O   1 
HETATM 697 O  O   . HOH B 2 .  ? -5.356  -4.477  11.952  1.00 83.27  ? 168 HOH A O   1 
HETATM 698 O  O   . HOH B 2 .  ? -8.631  -2.812  9.894   1.00 71.14  ? 169 HOH A O   1 
# 
loop_
_atom_site_anisotrop.id 
_atom_site_anisotrop.type_symbol 
_atom_site_anisotrop.pdbx_label_atom_id 
_atom_site_anisotrop.pdbx_label_alt_id 
_atom_site_anisotrop.pdbx_label_comp_id 
_atom_site_anisotrop.pdbx_label_asym_id 
_atom_site_anisotrop.pdbx_label_seq_id 
_atom_site_anisotrop.pdbx_PDB_ins_code 
_atom_site_anisotrop.U[1][1] 
_atom_site_anisotrop.U[2][2] 
_atom_site_anisotrop.U[3][3] 
_atom_site_anisotrop.U[1][2] 
_atom_site_anisotrop.U[1][3] 
_atom_site_anisotrop.U[2][3] 
_atom_site_anisotrop.pdbx_auth_seq_id 
_atom_site_anisotrop.pdbx_auth_comp_id 
_atom_site_anisotrop.pdbx_auth_asym_id 
_atom_site_anisotrop.pdbx_auth_atom_id 
1   N  N   . ASN A 13 ? 0.8533 0.8816 1.0480 0.1541  0.1196  0.0781  13 ASN A N   
2   C  CA  . ASN A 13 ? 0.8662 0.8178 0.9802 0.1719  0.0938  0.0317  13 ASN A CA  
3   C  C   . ASN A 13 ? 0.7799 0.7404 0.9035 0.1335  0.0377  0.0248  13 ASN A C   
4   O  O   . ASN A 13 ? 0.7235 0.6350 0.7838 0.1337  0.0138  -0.0077 13 ASN A O   
5   C  CB  . ASN A 13 ? 0.9792 0.8888 1.1107 0.2162  0.1105  0.0170  13 ASN A CB  
6   C  CG  . ASN A 13 ? 1.0844 0.9001 1.1235 0.2357  0.0822  -0.0411 13 ASN A CG  
7   O  OD1 . ASN A 13 ? 1.1368 0.9061 1.0620 0.2488  0.0835  -0.0711 13 ASN A OD1 
8   N  ND2 . ASN A 13 ? 1.0760 0.8636 1.1706 0.2353  0.0498  -0.0530 13 ASN A ND2 
9   N  N   . PRO A 14 ? 0.6859 0.7130 0.8880 0.1029  0.0171  0.0598  14 PRO A N   
10  C  CA  . PRO A 14 ? 0.6285 0.6687 0.8198 0.0700  -0.0203 0.0577  14 PRO A CA  
11  C  C   . PRO A 14 ? 0.5820 0.6099 0.7063 0.0517  -0.0213 0.0341  14 PRO A C   
12  O  O   . PRO A 14 ? 0.5585 0.5648 0.6543 0.0445  -0.0391 0.0164  14 PRO A O   
13  C  CB  . PRO A 14 ? 0.6094 0.7306 0.8652 0.0421  -0.0365 0.1027  14 PRO A CB  
14  C  CG  . PRO A 14 ? 0.6106 0.7524 0.9451 0.0673  -0.0187 0.1324  14 PRO A CG  
15  C  CD  . PRO A 14 ? 0.6679 0.7655 0.9675 0.0981  0.0242  0.1065  14 PRO A CD  
16  N  N   . LEU A 15 ? 0.5158 0.5579 0.6342 0.0456  0.0000  0.0393  15 LEU A N   
17  C  CA  . LEU A 15 ? 0.5668 0.5883 0.6375 0.0313  0.0033  0.0211  15 LEU A CA  
18  C  C   . LEU A 15 ? 0.5759 0.5322 0.5793 0.0609  0.0106  -0.0014 15 LEU A C   
19  O  O   . LEU A 15 ? 0.5231 0.4585 0.4958 0.0532  0.0011  -0.0154 15 LEU A O   
20  C  CB  . LEU A 15 ? 0.6013 0.6491 0.7056 0.0150  0.0236  0.0388  15 LEU A CB  
21  C  CG  . LEU A 15 ? 0.6246 0.7257 0.7693 -0.0299 -0.0041 0.0442  15 LEU A CG  
22  C  CD1 . LEU A 15 ? 0.6508 0.8003 0.8192 -0.0380 -0.0338 0.0601  15 LEU A CD1 
23  C  CD2 . LEU A 15 ? 0.6292 0.7636 0.8462 -0.0477 0.0080  0.0688  15 LEU A CD2 
24  N  N   . ASP A 16 ? 0.5702 0.4931 0.5462 0.0978  0.0267  -0.0057 16 ASP A N   
25  C  CA  . ASP A 16 ? 0.6345 0.4939 0.5247 0.1271  0.0207  -0.0306 16 ASP A CA  
26  C  C   . ASP A 16 ? 0.6372 0.4769 0.5301 0.1197  -0.0279 -0.0545 16 ASP A C   
27  O  O   . ASP A 16 ? 0.6778 0.4889 0.5291 0.1238  -0.0506 -0.0677 16 ASP A O   
28  C  CB  . ASP A 16 ? 0.7685 0.5891 0.6070 0.1720  0.0489  -0.0401 16 ASP A CB  
29  C  CG  . ASP A 16 ? 0.8038 0.6458 0.6422 0.1866  0.1092  -0.0066 16 ASP A CG  
30  O  OD1 . ASP A 16 ? 0.7505 0.6331 0.6393 0.1562  0.1209  0.0230  16 ASP A OD1 
31  O  OD2 . ASP A 16 ? 0.9149 0.7304 0.7090 0.2296  0.1475  -0.0108 16 ASP A OD2 
32  N  N   . LYS A 17 ? 0.5625 0.4208 0.5190 0.1095  -0.0443 -0.0520 17 LYS A N   
33  C  CA  . LYS A 17 ? 0.5796 0.4289 0.5711 0.0973  -0.0859 -0.0624 17 LYS A CA  
34  C  C   . LYS A 17 ? 0.5071 0.3945 0.5197 0.0705  -0.0904 -0.0503 17 LYS A C   
35  O  O   . LYS A 17 ? 0.5106 0.3855 0.5352 0.0686  -0.1172 -0.0595 17 LYS A O   
36  C  CB  . LYS A 17 ? 0.5592 0.4257 0.6316 0.0905  -0.0936 -0.0458 17 LYS A CB  
37  C  CG  . LYS A 17 ? 0.6854 0.4991 0.7518 0.1232  -0.0887 -0.0660 17 LYS A CG  
38  C  CD  . LYS A 17 ? 0.8289 0.5612 0.8055 0.1517  -0.1093 -0.1177 17 LYS A CD  
39  C  CE  . LYS A 17 ? 0.9168 0.6231 0.9246 0.1338  -0.1694 -0.1371 17 LYS A CE  
40  N  NZ  . LYS A 17 ? 1.0143 0.6771 0.9318 0.1456  -0.2046 -0.1715 17 LYS A NZ  
41  N  N   . TRP A 18 ? 0.4619 0.3952 0.4850 0.0506  -0.0658 -0.0320 18 TRP A N   
42  C  CA  . TRP A 18 ? 0.4235 0.3795 0.4487 0.0317  -0.0607 -0.0321 18 TRP A CA  
43  C  C   . TRP A 18 ? 0.4715 0.3876 0.4606 0.0458  -0.0613 -0.0476 18 TRP A C   
44  O  O   . TRP A 18 ? 0.4655 0.3818 0.4765 0.0464  -0.0709 -0.0506 18 TRP A O   
45  C  CB  . TRP A 18 ? 0.4047 0.3978 0.4253 0.0093  -0.0422 -0.0241 18 TRP A CB  
46  C  CG  . TRP A 18 ? 0.4186 0.4255 0.4277 -0.0072 -0.0332 -0.0353 18 TRP A CG  
47  C  CD1 . TRP A 18 ? 0.4125 0.4440 0.4354 -0.0112 -0.0305 -0.0307 18 TRP A CD1 
48  C  CD2 . TRP A 18 ? 0.4788 0.4706 0.4631 -0.0199 -0.0191 -0.0543 18 TRP A CD2 
49  N  NE1 . TRP A 18 ? 0.4502 0.4804 0.4417 -0.0200 -0.0105 -0.0527 18 TRP A NE1 
50  C  CE2 . TRP A 18 ? 0.4727 0.4725 0.4427 -0.0275 -0.0083 -0.0714 18 TRP A CE2 
51  C  CE3 . TRP A 18 ? 0.5044 0.4741 0.4865 -0.0248 -0.0106 -0.0562 18 TRP A CE3 
52  C  CZ2 . TRP A 18 ? 0.5677 0.5410 0.5127 -0.0391 0.0056  -0.1027 18 TRP A CZ2 
53  C  CZ3 . TRP A 18 ? 0.5571 0.5059 0.5333 -0.0435 -0.0016 -0.0785 18 TRP A CZ3 
54  C  CH2 . TRP A 18 ? 0.5985 0.5432 0.5515 -0.0504 0.0036  -0.1078 18 TRP A CH2 
55  N  N   . ASN A 19 ? 0.4887 0.3753 0.4316 0.0606  -0.0477 -0.0484 19 ASN A N   
56  C  CA  . ASN A 19 ? 0.5466 0.3959 0.4516 0.0774  -0.0481 -0.0497 19 ASN A CA  
57  C  C   . ASN A 19 ? 0.6089 0.4308 0.4985 0.0976  -0.0900 -0.0603 19 ASN A C   
58  O  O   . ASN A 19 ? 0.5839 0.3983 0.4851 0.1032  -0.1058 -0.0567 19 ASN A O   
59  C  CB  . ASN A 19 ? 0.5832 0.4111 0.4406 0.0925  -0.0192 -0.0360 19 ASN A CB  
60  C  CG  . ASN A 19 ? 0.6531 0.4432 0.4671 0.1120  -0.0159 -0.0229 19 ASN A CG  
61  O  OD1 . ASN A 19 ? 0.7454 0.5036 0.4932 0.1413  -0.0355 -0.0239 19 ASN A OD1 
62  N  ND2 . ASN A 19 ? 0.6215 0.4101 0.4700 0.0966  0.0046  -0.0110 19 ASN A ND2 
63  N  N   . ASP A 20 ? 0.6233 0.4274 0.4949 0.1088  -0.1119 -0.0747 20 ASP A N   
64  C  CA  . ASP A 20 ? 0.6960 0.4681 0.5577 0.1214  -0.1662 -0.0940 20 ASP A CA  
65  C  C   . ASP A 20 ? 0.6358 0.4432 0.5969 0.1010  -0.1924 -0.0849 20 ASP A C   
66  O  O   . ASP A 20 ? 0.6566 0.4562 0.6310 0.1084  -0.2306 -0.0843 20 ASP A O   
67  C  CB  . ASP A 20 ? 0.7765 0.5177 0.6289 0.1295  -0.1853 -0.1196 20 ASP A CB  
68  C  CG  . ASP A 20 ? 0.8939 0.5921 0.6390 0.1631  -0.1564 -0.1336 20 ASP A CG  
69  O  OD1 . ASP A 20 ? 0.9087 0.6017 0.5831 0.1790  -0.1285 -0.1174 20 ASP A OD1 
70  O  OD2 . ASP A 20 ? 0.9193 0.5883 0.6591 0.1761  -0.1548 -0.1565 20 ASP A OD2 
71  N  N   . ILE A 21 ? 0.5458 0.3975 0.5797 0.0780  -0.1699 -0.0715 21 ILE A N   
72  C  CA  . ILE A 21 ? 0.5266 0.4206 0.6627 0.0615  -0.1788 -0.0543 21 ILE A CA  
73  C  C   . ILE A 21 ? 0.4784 0.3923 0.6287 0.0656  -0.1556 -0.0444 21 ILE A C   
74  O  O   . ILE A 21 ? 0.4471 0.3784 0.6718 0.0694  -0.1759 -0.0332 21 ILE A O   
75  C  CB  . ILE A 21 ? 0.4868 0.4261 0.6720 0.0409  -0.1490 -0.0329 21 ILE A CB  
76  C  CG1 . ILE A 21 ? 0.5429 0.4600 0.7501 0.0389  -0.1735 -0.0354 21 ILE A CG1 
77  C  CG2 . ILE A 21 ? 0.4944 0.4862 0.7709 0.0294  -0.1346 -0.0056 21 ILE A CG2 
78  C  CD1 . ILE A 21 ? 0.6156 0.4997 0.8845 0.0385  -0.2305 -0.0482 21 ILE A CD1 
79  N  N   . ILE A 22 ? 0.4581 0.3674 0.5519 0.0656  -0.1140 -0.0479 22 ILE A N   
80  C  CA  . ILE A 22 ? 0.4778 0.3866 0.5827 0.0728  -0.0878 -0.0458 22 ILE A CA  
81  C  C   . ILE A 22 ? 0.5118 0.3922 0.6210 0.0964  -0.1218 -0.0381 22 ILE A C   
82  O  O   . ILE A 22 ? 0.4939 0.3912 0.6758 0.1064  -0.1226 -0.0255 22 ILE A O   
83  C  CB  . ILE A 22 ? 0.4756 0.3663 0.5224 0.0649  -0.0495 -0.0560 22 ILE A CB  
84  C  CG1 . ILE A 22 ? 0.4714 0.3988 0.5153 0.0406  -0.0255 -0.0625 22 ILE A CG1 
85  C  CG2 . ILE A 22 ? 0.4984 0.3639 0.5586 0.0762  -0.0276 -0.0580 22 ILE A CG2 
86  C  CD1 . ILE A 22 ? 0.5101 0.4662 0.5854 0.0380  0.0030  -0.0671 22 ILE A CD1 
87  N  N   . PHE A 23 ? 0.5811 0.4215 0.6109 0.1094  -0.1464 -0.0412 23 PHE A N   
88  C  CA  . PHE A 23 ? 0.6537 0.4649 0.6560 0.1353  -0.1831 -0.0275 23 PHE A CA  
89  C  C   . PHE A 23 ? 0.6928 0.5105 0.7324 0.1398  -0.2548 -0.0305 23 PHE A C   
90  O  O   . PHE A 23 ? 0.7353 0.5450 0.7783 0.1588  -0.2971 -0.0134 23 PHE A O   
91  C  CB  . PHE A 23 ? 0.7133 0.4798 0.5995 0.1529  -0.1696 -0.0209 23 PHE A CB  
92  C  CG  . PHE A 23 ? 0.7141 0.4715 0.6061 0.1490  -0.1132 -0.0040 23 PHE A CG  
93  C  CD1 . PHE A 23 ? 0.6717 0.4423 0.5739 0.1242  -0.0691 -0.0167 23 PHE A CD1 
94  C  CD2 . PHE A 23 ? 0.7567 0.4921 0.6626 0.1676  -0.1104 0.0256  23 PHE A CD2 
95  C  CE1 . PHE A 23 ? 0.6902 0.4459 0.6110 0.1137  -0.0279 -0.0088 23 PHE A CE1 
96  C  CE2 . PHE A 23 ? 0.7672 0.4824 0.6972 0.1602  -0.0605 0.0372  23 PHE A CE2 
97  C  CZ  . PHE A 23 ? 0.7281 0.4508 0.6662 0.1309  -0.0216 0.0155  23 PHE A CZ  
98  N  N   . HIS A 24 ? 0.5692 0.7377 0.6884 0.1122  -0.2175 -0.2207 24 HIS A N   
99  C  CA  . HIS A 24 ? 0.6309 0.7830 0.7844 0.1203  -0.2586 -0.2378 24 HIS A CA  
100 C  C   . HIS A 24 ? 0.5944 0.7244 0.8227 0.1046  -0.2685 -0.2181 24 HIS A C   
101 O  O   . HIS A 24 ? 0.5788 0.7040 0.8438 0.1039  -0.3011 -0.2290 24 HIS A O   
102 C  CB  . HIS A 24 ? 0.7183 0.8761 0.8663 0.1407  -0.2838 -0.2869 24 HIS A CB  
103 C  CG  . HIS A 24 ? 0.8184 1.0169 0.8909 0.1505  -0.2696 -0.3134 24 HIS A CG  
104 N  ND1 . HIS A 24 ? 0.8420 1.0837 0.8955 0.1549  -0.2397 -0.3360 24 HIS A ND1 
105 C  CD2 . HIS A 24 ? 0.9334 1.1393 0.9381 0.1502  -0.2781 -0.3186 24 HIS A CD2 
106 C  CE1 . HIS A 24 ? 0.9391 1.2227 0.9188 0.1518  -0.2233 -0.3564 24 HIS A CE1 
107 N  NE2 . HIS A 24 ? 1.0047 1.2586 0.9432 0.1478  -0.2475 -0.3429 24 HIS A NE2 
108 N  N   . ALA A 25 ? 0.5509 0.6738 0.7987 0.0877  -0.2387 -0.1903 25 ALA A N   
109 C  CA  . ALA A 25 ? 0.5549 0.6710 0.8632 0.0633  -0.2344 -0.1703 25 ALA A CA  
110 C  C   . ALA A 25 ? 0.5559 0.7021 0.8873 0.0657  -0.2322 -0.1621 25 ALA A C   
111 O  O   . ALA A 25 ? 0.5740 0.7248 0.8575 0.0841  -0.2345 -0.1611 25 ALA A O   
112 C  CB  . ALA A 25 ? 0.5435 0.6445 0.8459 0.0457  -0.2006 -0.1449 25 ALA A CB  
113 N  N   . SER A 26 ? 0.5417 0.7086 0.9444 0.0455  -0.2290 -0.1578 26 SER A N   
114 C  CA  . SER A 26 ? 0.5125 0.7175 0.9533 0.0565  -0.2311 -0.1602 26 SER A CA  
115 C  C   . SER A 26 ? 0.5010 0.6991 0.8954 0.0679  -0.2013 -0.1405 26 SER A C   
116 O  O   . SER A 26 ? 0.5123 0.6929 0.8754 0.0545  -0.1685 -0.1231 26 SER A O   
117 C  CB  . SER A 26 ? 0.5326 0.7849 1.0717 0.0290  -0.2224 -0.1675 26 SER A CB  
118 O  OG  . SER A 26 ? 0.5392 0.7990 1.0835 0.0017  -0.1745 -0.1484 26 SER A OG  
119 N  N   . LYS A 27 ? 0.4790 0.6795 0.8622 0.0932  -0.2203 -0.1435 27 LYS A N   
120 C  CA  . LYS A 27 ? 0.5134 0.6916 0.8463 0.1041  -0.2030 -0.1253 27 LYS A CA  
121 C  C   . LYS A 27 ? 0.4765 0.6831 0.8606 0.0911  -0.1627 -0.1213 27 LYS A C   
122 O  O   . LYS A 27 ? 0.4707 0.6542 0.8095 0.0869  -0.1353 -0.1037 27 LYS A O   
123 C  CB  . LYS A 27 ? 0.5810 0.7387 0.8927 0.1343  -0.2457 -0.1302 27 LYS A CB  
124 N  N   . LYS A 28 ? 0.4136 0.6747 0.8898 0.0792  -0.1576 -0.1401 28 LYS A N   
125 C  CA  . LYS A 28 ? 0.3842 0.6855 0.9065 0.0581  -0.1130 -0.1416 28 LYS A CA  
126 C  C   . LYS A 28 ? 0.3567 0.6222 0.8243 0.0255  -0.0766 -0.1149 28 LYS A C   
127 O  O   . LYS A 28 ? 0.3562 0.6128 0.7940 0.0219  -0.0449 -0.1040 28 LYS A O   
128 C  CB  . LYS A 28 ? 0.3983 0.7758 1.0291 0.0369  -0.1111 -0.1685 28 LYS A CB  
129 C  CG  . LYS A 28 ? 0.3981 0.8342 1.0768 0.0045  -0.0577 -0.1754 28 LYS A CG  
130 C  CD  . LYS A 28 ? 0.4571 0.9874 1.2540 -0.0199 -0.0557 -0.2088 28 LYS A CD  
131 C  CE  . LYS A 28 ? 0.4953 1.0821 1.3210 -0.0768 0.0070  -0.2092 28 LYS A CE  
132 N  NZ  . LYS A 28 ? 0.5188 1.2362 1.4689 -0.0759 0.0283  -0.2605 28 LYS A NZ  
133 N  N   . LEU A 29 ? 0.3535 0.5911 0.8050 0.0056  -0.0890 -0.1075 29 LEU A N   
134 C  CA  . LEU A 29 ? 0.3550 0.5485 0.7577 -0.0208 -0.0698 -0.0860 29 LEU A CA  
135 C  C   . LEU A 29 ? 0.3658 0.5180 0.6933 0.0006  -0.0686 -0.0736 29 LEU A C   
136 O  O   . LEU A 29 ? 0.3707 0.4989 0.6617 -0.0115 -0.0457 -0.0579 29 LEU A O   
137 C  CB  . LEU A 29 ? 0.4032 0.5678 0.8138 -0.0431 -0.0958 -0.0872 29 LEU A CB  
138 C  CG  . LEU A 29 ? 0.4496 0.6517 0.9318 -0.0818 -0.0921 -0.0946 29 LEU A CG  
139 C  CD1 . LEU A 29 ? 0.5248 0.6771 1.0046 -0.1034 -0.1294 -0.0948 29 LEU A CD1 
140 C  CD2 . LEU A 29 ? 0.4825 0.7037 0.9668 -0.1239 -0.0436 -0.0796 29 LEU A CD2 
141 N  N   . SER A 30 ? 0.3407 0.4871 0.6423 0.0270  -0.0931 -0.0819 30 SER A N   
142 C  CA  . SER A 30 ? 0.3513 0.4756 0.5890 0.0382  -0.0870 -0.0738 30 SER A CA  
143 C  C   . SER A 30 ? 0.3499 0.4699 0.5660 0.0418  -0.0650 -0.0603 30 SER A C   
144 O  O   . SER A 30 ? 0.3446 0.4456 0.5217 0.0359  -0.0480 -0.0490 30 SER A O   
145 C  CB  . SER A 30 ? 0.3653 0.4914 0.5702 0.0553  -0.1113 -0.0863 30 SER A CB  
146 O  OG  . SER A 30 ? 0.3978 0.5290 0.6042 0.0691  -0.1297 -0.0884 30 SER A OG  
147 N  N   . LYS A 31 ? 0.3498 0.4861 0.5960 0.0542  -0.0703 -0.0663 31 LYS A N   
148 C  CA  . LYS A 31 ? 0.3612 0.4846 0.5889 0.0640  -0.0577 -0.0600 31 LYS A CA  
149 C  C   . LYS A 31 ? 0.3471 0.4768 0.5831 0.0461  -0.0214 -0.0555 31 LYS A C   
150 O  O   . LYS A 31 ? 0.3288 0.4310 0.5210 0.0449  -0.0073 -0.0447 31 LYS A O   
151 C  CB  . LYS A 31 ? 0.3930 0.5343 0.6647 0.0898  -0.0809 -0.0780 31 LYS A CB  
152 C  CG  . LYS A 31 ? 0.4386 0.5550 0.6917 0.1088  -0.0810 -0.0788 31 LYS A CG  
153 C  CD  . LYS A 31 ? 0.5030 0.6231 0.7939 0.1448  -0.1224 -0.1011 31 LYS A CD  
154 C  CE  . LYS A 31 ? 0.5844 0.6953 0.8867 0.1683  -0.1197 -0.1165 31 LYS A CE  
155 N  NZ  . LYS A 31 ? 0.7084 0.7740 1.0029 0.2091  -0.1798 -0.1286 31 LYS A NZ  
156 N  N   . LYS A 32 ? 0.3229 0.4853 0.6077 0.0264  -0.0067 -0.0627 32 LYS A N   
157 C  CA  . LYS A 32 ? 0.3386 0.5033 0.6154 0.0010  0.0290  -0.0565 32 LYS A CA  
158 C  C   . LYS A 32 ? 0.3467 0.4567 0.5560 -0.0117 0.0291  -0.0345 32 LYS A C   
159 O  O   . LYS A 32 ? 0.3505 0.4391 0.5204 -0.0194 0.0486  -0.0259 32 LYS A O   
160 C  CB  . LYS A 32 ? 0.3806 0.5876 0.7131 -0.0319 0.0436  -0.0645 32 LYS A CB  
161 C  CG  . LYS A 32 ? 0.4552 0.6502 0.7551 -0.0749 0.0788  -0.0499 32 LYS A CG  
162 C  CD  . LYS A 32 ? 0.5141 0.7414 0.8581 -0.1219 0.0900  -0.0517 32 LYS A CD  
163 C  CE  . LYS A 32 ? 0.5917 0.8146 0.8936 -0.1745 0.1331  -0.0379 32 LYS A CE  
164 N  NZ  . LYS A 32 ? 0.6808 0.9065 0.9976 -0.2375 0.1392  -0.0268 32 LYS A NZ  
165 N  N   . GLU A 33 ? 0.3386 0.4281 0.5371 -0.0100 0.0032  -0.0316 33 GLU A N   
166 C  CA  . GLU A 33 ? 0.3368 0.3840 0.4892 -0.0163 -0.0044 -0.0213 33 GLU A CA  
167 C  C   . GLU A 33 ? 0.3380 0.3786 0.4543 -0.0006 -0.0017 -0.0196 33 GLU A C   
168 O  O   . GLU A 33 ? 0.3646 0.3791 0.4470 -0.0068 0.0035  -0.0120 33 GLU A O   
169 C  CB  . GLU A 33 ? 0.3458 0.3805 0.5082 -0.0125 -0.0369 -0.0308 33 GLU A CB  
170 C  CG  . GLU A 33 ? 0.3424 0.3436 0.4726 -0.0053 -0.0561 -0.0337 33 GLU A CG  
171 C  CD  . GLU A 33 ? 0.3961 0.3451 0.4896 -0.0246 -0.0562 -0.0162 33 GLU A CD  
172 O  OE1 . GLU A 33 ? 0.4271 0.3587 0.5109 -0.0548 -0.0387 0.0013  33 GLU A OE1 
173 O  OE2 . GLU A 33 ? 0.4164 0.3417 0.4869 -0.0112 -0.0766 -0.0228 33 GLU A OE2 
174 N  N   . LEU A 34 ? 0.3257 0.3839 0.4427 0.0151  -0.0089 -0.0256 34 LEU A N   
175 C  CA  . LEU A 34 ? 0.3286 0.3770 0.4063 0.0181  -0.0055 -0.0205 34 LEU A CA  
176 C  C   . LEU A 34 ? 0.3378 0.3650 0.3985 0.0167  0.0112  -0.0121 34 LEU A C   
177 O  O   . LEU A 34 ? 0.3466 0.3546 0.3745 0.0103  0.0156  -0.0064 34 LEU A O   
178 C  CB  . LEU A 34 ? 0.3475 0.4041 0.4112 0.0258  -0.0190 -0.0227 34 LEU A CB  
179 C  CG  . LEU A 34 ? 0.3470 0.4289 0.4136 0.0278  -0.0328 -0.0375 34 LEU A CG  
180 C  CD1 . LEU A 34 ? 0.4042 0.4853 0.4348 0.0291  -0.0451 -0.0359 34 LEU A CD1 
181 C  CD2 . LEU A 34 ? 0.3688 0.4662 0.4254 0.0213  -0.0271 -0.0477 34 LEU A CD2 
182 N  N   . GLU A 35 ? 0.3516 0.3890 0.4402 0.0243  0.0186  -0.0180 35 GLU A N   
183 C  CA  . GLU A 35 ? 0.3846 0.4098 0.4619 0.0274  0.0360  -0.0210 35 GLU A CA  
184 C  C   . GLU A 35 ? 0.4044 0.4162 0.4558 0.0074  0.0558  -0.0144 35 GLU A C   
185 O  O   . GLU A 35 ? 0.4179 0.4034 0.4319 0.0070  0.0641  -0.0133 35 GLU A O   
186 C  CB  . GLU A 35 ? 0.4250 0.4846 0.5539 0.0448  0.0399  -0.0419 35 GLU A CB  
187 C  CG  . GLU A 35 ? 0.4514 0.4953 0.5829 0.0709  0.0062  -0.0463 35 GLU A CG  
188 C  CD  . GLU A 35 ? 0.5193 0.5993 0.7147 0.0990  -0.0041 -0.0760 35 GLU A CD  
189 O  OE1 . GLU A 35 ? 0.5310 0.6685 0.7799 0.0932  0.0244  -0.0964 35 GLU A OE1 
190 O  OE2 . GLU A 35 ? 0.5197 0.5709 0.7098 0.1251  -0.0430 -0.0802 35 GLU A OE2 
191 N  N   . ARG A 36 ? 0.3854 0.4022 0.4463 -0.0105 0.0569  -0.0092 36 ARG A N   
192 C  CA  . ARG A 36 ? 0.3952 0.3784 0.4130 -0.0329 0.0651  0.0023  36 ARG A CA  
193 C  C   . ARG A 36 ? 0.4124 0.3615 0.3921 -0.0262 0.0455  0.0078  36 ARG A C   
194 O  O   . ARG A 36 ? 0.4401 0.3581 0.3756 -0.0326 0.0497  0.0123  36 ARG A O   
195 C  CB  . ARG A 36 ? 0.4332 0.4049 0.4580 -0.0558 0.0550  0.0110  36 ARG A CB  
196 C  CG  . ARG A 36 ? 0.5016 0.4137 0.4613 -0.0814 0.0510  0.0286  36 ARG A CG  
197 C  CD  . ARG A 36 ? 0.5536 0.4280 0.5076 -0.1035 0.0265  0.0401  36 ARG A CD  
198 N  NE  . ARG A 36 ? 0.5383 0.3959 0.5104 -0.0770 -0.0181 0.0306  36 ARG A NE  
199 C  CZ  . ARG A 36 ? 0.5694 0.3793 0.5074 -0.0648 -0.0523 0.0302  36 ARG A CZ  
200 N  NH1 . ARG A 36 ? 0.6385 0.4018 0.5145 -0.0767 -0.0518 0.0440  36 ARG A NH1 
201 N  NH2 . ARG A 36 ? 0.5570 0.3683 0.5244 -0.0383 -0.0901 0.0105  36 ARG A NH2 
202 N  N   . LEU A 37 ? 0.3582 0.3206 0.3576 -0.0148 0.0240  0.0026  37 LEU A N   
203 C  CA  . LEU A 37 ? 0.3823 0.3367 0.3643 -0.0110 0.0078  -0.0012 37 LEU A CA  
204 C  C   . LEU A 37 ? 0.3855 0.3339 0.3445 -0.0115 0.0175  0.0006  37 LEU A C   
205 O  O   . LEU A 37 ? 0.4000 0.3302 0.3352 -0.0161 0.0099  -0.0002 37 LEU A O   
206 C  CB  . LEU A 37 ? 0.3630 0.3544 0.3760 -0.0015 -0.0082 -0.0161 37 LEU A CB  
207 C  CG  . LEU A 37 ? 0.3518 0.3377 0.3865 0.0036  -0.0296 -0.0242 37 LEU A CG  
208 C  CD1 . LEU A 37 ? 0.3378 0.3677 0.4026 0.0171  -0.0409 -0.0462 37 LEU A CD1 
209 C  CD2 . LEU A 37 ? 0.4152 0.3619 0.4317 0.0053  -0.0558 -0.0272 37 LEU A CD2 
210 N  N   . LEU A 38 ? 0.3665 0.3224 0.3316 -0.0060 0.0265  0.0018  38 LEU A N   
211 C  CA  . LEU A 38 ? 0.4009 0.3323 0.3381 -0.0068 0.0269  0.0047  38 LEU A CA  
212 C  C   . LEU A 38 ? 0.4436 0.3447 0.3541 -0.0060 0.0367  0.0024  38 LEU A C   
213 O  O   . LEU A 38 ? 0.4536 0.3262 0.3330 -0.0121 0.0303  0.0028  38 LEU A O   
214 C  CB  . LEU A 38 ? 0.4381 0.3659 0.3836 0.0059  0.0224  0.0044  38 LEU A CB  
215 C  CG  . LEU A 38 ? 0.5501 0.4304 0.4625 0.0099  0.0113  0.0068  38 LEU A CG  
216 C  CD1 . LEU A 38 ? 0.6037 0.4641 0.4787 -0.0173 0.0015  0.0196  38 LEU A CD1 
217 C  CD2 . LEU A 38 ? 0.5582 0.4251 0.4809 0.0308  -0.0069 0.0032  38 LEU A CD2 
218 N  N   . GLU A 39 ? 0.4358 0.3459 0.3553 -0.0027 0.0537  -0.0022 39 GLU A N   
219 C  CA  . GLU A 39 ? 0.4800 0.3680 0.3629 -0.0055 0.0699  -0.0084 39 GLU A CA  
220 C  C   . GLU A 39 ? 0.5281 0.3822 0.3654 -0.0209 0.0591  0.0012  39 GLU A C   
221 O  O   . GLU A 39 ? 0.5587 0.3794 0.3511 -0.0219 0.0580  -0.0030 39 GLU A O   
222 C  CB  . GLU A 39 ? 0.5338 0.4539 0.4350 -0.0102 0.0976  -0.0172 39 GLU A CB  
223 C  CG  . GLU A 39 ? 0.6374 0.5480 0.4968 -0.0135 0.1224  -0.0316 39 GLU A CG  
224 C  CD  . GLU A 39 ? 0.7047 0.6748 0.6011 -0.0162 0.1578  -0.0535 39 GLU A CD  
225 O  OE1 . GLU A 39 ? 0.7460 0.7502 0.6925 0.0134  0.1584  -0.0808 39 GLU A OE1 
226 O  OE2 . GLU A 39 ? 0.7648 0.7472 0.6408 -0.0500 0.1819  -0.0447 39 GLU A OE2 
227 N  N   . LEU A 40 ? 0.5003 0.3566 0.3474 -0.0290 0.0440  0.0103  40 LEU A N   
228 C  CA  . LEU A 40 ? 0.5526 0.3694 0.3604 -0.0365 0.0196  0.0156  40 LEU A CA  
229 C  C   . LEU A 40 ? 0.5325 0.3491 0.3432 -0.0303 -0.0001 0.0070  40 LEU A C   
230 O  O   . LEU A 40 ? 0.5772 0.3575 0.3468 -0.0334 -0.0152 0.0055  40 LEU A O   
231 C  CB  . LEU A 40 ? 0.5712 0.3858 0.3987 -0.0377 -0.0046 0.0198  40 LEU A CB  
232 C  CG  . LEU A 40 ? 0.6428 0.4037 0.4303 -0.0388 -0.0443 0.0223  40 LEU A CG  
233 C  CD1 . LEU A 40 ? 0.7357 0.4321 0.4367 -0.0597 -0.0389 0.0389  40 LEU A CD1 
234 C  CD2 . LEU A 40 ? 0.6821 0.4300 0.4911 -0.0346 -0.0753 0.0221  40 LEU A CD2 
235 N  N   . LEU A 41 ? 0.4941 0.3514 0.3491 -0.0265 -0.0011 0.0012  41 LEU A N   
236 C  CA  . LEU A 41 ? 0.4976 0.3664 0.3596 -0.0335 -0.0134 -0.0068 41 LEU A CA  
237 C  C   . LEU A 41 ? 0.5442 0.3709 0.3654 -0.0381 -0.0095 -0.0050 41 LEU A C   
238 O  O   . LEU A 41 ? 0.5587 0.3679 0.3633 -0.0455 -0.0269 -0.0112 41 LEU A O   
239 C  CB  . LEU A 41 ? 0.5018 0.4156 0.3982 -0.0399 -0.0057 -0.0079 41 LEU A CB  
240 C  CG  . LEU A 41 ? 0.6118 0.5669 0.5305 -0.0576 -0.0150 -0.0206 41 LEU A CG  
241 C  CD1 . LEU A 41 ? 0.6130 0.6108 0.5734 -0.0445 -0.0335 -0.0432 41 LEU A CD1 
242 C  CD2 . LEU A 41 ? 0.5846 0.5719 0.5089 -0.0764 -0.0009 -0.0156 41 LEU A CD2 
243 N  N   . ALA A 42 ? 0.5096 0.3210 0.3195 -0.0299 0.0084  -0.0021 42 ALA A N   
244 C  CA  . ALA A 42 ? 0.5521 0.3195 0.3246 -0.0256 0.0084  -0.0086 42 ALA A CA  
245 C  C   . ALA A 42 ? 0.6105 0.3455 0.3341 -0.0251 0.0081  -0.0151 42 ALA A C   
246 O  O   . ALA A 42 ? 0.6714 0.3697 0.3621 -0.0277 -0.0061 -0.0227 42 ALA A O   
247 C  CB  . ALA A 42 ? 0.5727 0.3394 0.3549 -0.0071 0.0227  -0.0150 42 ALA A CB  
248 N  N   . LEU A 43 ? 0.6162 0.3575 0.3265 -0.0264 0.0207  -0.0106 43 LEU A N   
249 C  CA  . LEU A 43 ? 0.7045 0.4040 0.3467 -0.0334 0.0180  -0.0115 43 LEU A CA  
250 C  C   . LEU A 43 ? 0.7185 0.3908 0.3448 -0.0384 -0.0220 -0.0102 43 LEU A C   
251 O  O   . LEU A 43 ? 0.7806 0.4114 0.3555 -0.0398 -0.0363 -0.0177 43 LEU A O   
252 C  CB  . LEU A 43 ? 0.7417 0.4433 0.3615 -0.0461 0.0366  0.0001  43 LEU A CB  
253 C  CG  . LEU A 43 ? 0.7787 0.5117 0.3996 -0.0476 0.0815  -0.0106 43 LEU A CG  
254 C  CD1 . LEU A 43 ? 0.8039 0.5538 0.4279 -0.0704 0.0986  0.0049  43 LEU A CD1 
255 C  CD2 . LEU A 43 ? 0.8429 0.5510 0.3935 -0.0489 0.0998  -0.0286 43 LEU A CD2 
256 N  N   . LEU A 44 ? 0.6848 0.3870 0.3615 -0.0383 -0.0426 -0.0070 44 LEU A N   
257 C  CA  . LEU A 44 ? 0.7171 0.4119 0.4000 -0.0378 -0.0845 -0.0159 44 LEU A CA  
258 C  C   . LEU A 44 ? 0.7233 0.4255 0.4208 -0.0447 -0.0952 -0.0292 44 LEU A C   
259 O  O   . LEU A 44 ? 0.7586 0.4318 0.4305 -0.0459 -0.1261 -0.0390 44 LEU A O   
260 C  CB  . LEU A 44 ? 0.6741 0.4182 0.4244 -0.0307 -0.1015 -0.0222 44 LEU A CB  
261 C  CG  . LEU A 44 ? 0.7105 0.4260 0.4418 -0.0248 -0.1137 -0.0113 44 LEU A CG  
262 C  CD1 . LEU A 44 ? 0.6615 0.4297 0.4660 -0.0119 -0.1272 -0.0244 44 LEU A CD1 
263 C  CD2 . LEU A 44 ? 0.8108 0.4518 0.4743 -0.0231 -0.1572 -0.0081 44 LEU A CD2 
264 N  N   . GLU A 45 ? 0.6778 0.4119 0.4117 -0.0526 -0.0745 -0.0281 45 GLU A N   
265 C  CA  . GLU A 45 ? 0.6875 0.4184 0.4288 -0.0700 -0.0855 -0.0355 45 GLU A CA  
266 C  C   . GLU A 45 ? 0.7619 0.4230 0.4377 -0.0660 -0.0924 -0.0403 45 GLU A C   
267 O  O   . GLU A 45 ? 0.7921 0.4318 0.4562 -0.0763 -0.1189 -0.0512 45 GLU A O   
268 C  CB  . GLU A 45 ? 0.6708 0.4281 0.4417 -0.0844 -0.0658 -0.0261 45 GLU A CB  
269 C  CG  . GLU A 45 ? 0.6461 0.4818 0.4786 -0.0967 -0.0617 -0.0299 45 GLU A CG  
270 C  CD  . GLU A 45 ? 0.6680 0.5208 0.5083 -0.1202 -0.0448 -0.0176 45 GLU A CD  
271 O  OE1 . GLU A 45 ? 0.7585 0.5525 0.5589 -0.1269 -0.0457 -0.0049 45 GLU A OE1 
272 O  OE2 . GLU A 45 ? 0.6274 0.5462 0.5069 -0.1310 -0.0346 -0.0223 45 GLU A OE2 
273 N  N   . THR A 46 ? 0.7882 0.4217 0.4257 -0.0498 -0.0679 -0.0377 46 THR A N   
274 C  CA  . THR A 46 ? 0.8522 0.4286 0.4260 -0.0401 -0.0683 -0.0515 46 THR A CA  
275 C  C   . THR A 46 ? 0.9306 0.4717 0.4446 -0.0409 -0.0889 -0.0573 46 THR A C   
276 O  O   . THR A 46 ? 0.9613 0.4557 0.4298 -0.0406 -0.1090 -0.0721 46 THR A O   
277 C  CB  . THR A 46 ? 0.8557 0.4357 0.4155 -0.0209 -0.0324 -0.0577 46 THR A CB  
278 O  OG1 . THR A 46 ? 0.7990 0.3946 0.4059 -0.0150 -0.0272 -0.0551 46 THR A OG1 
279 C  CG2 . THR A 46 ? 0.9581 0.4923 0.4540 -0.0070 -0.0295 -0.0828 46 THR A CG2 
280 N  N   . PHE A 47 ? 0.9284 0.4804 0.4347 -0.0418 -0.0904 -0.0452 47 PHE A N   
281 C  CA  . PHE A 47 ? 1.0186 0.5213 0.4561 -0.0437 -0.1213 -0.0458 47 PHE A CA  
282 C  C   . PHE A 47 ? 1.0298 0.5279 0.4935 -0.0468 -0.1718 -0.0592 47 PHE A C   
283 O  O   . PHE A 47 ? 1.1040 0.5504 0.5075 -0.0464 -0.1996 -0.0703 47 PHE A O   
284 C  CB  . PHE A 47 ? 1.0227 0.5243 0.4499 -0.0461 -0.1258 -0.0270 47 PHE A CB  
285 C  CG  . PHE A 47 ? 1.1400 0.5722 0.4861 -0.0483 -0.1714 -0.0231 47 PHE A CG  
286 C  CD1 . PHE A 47 ? 1.2470 0.6150 0.4759 -0.0586 -0.1613 -0.0192 47 PHE A CD1 
287 C  CD2 . PHE A 47 ? 1.1416 0.5735 0.5260 -0.0388 -0.2272 -0.0278 47 PHE A CD2 
288 C  CE1 . PHE A 47 ? 1.3657 0.6539 0.5004 -0.0634 -0.2099 -0.0116 47 PHE A CE1 
289 C  CE2 . PHE A 47 ? 1.2510 0.6055 0.5562 -0.0359 -0.2828 -0.0254 47 PHE A CE2 
290 C  CZ  . PHE A 47 ? 1.3625 0.6372 0.5347 -0.0503 -0.2758 -0.0133 47 PHE A CZ  
291 N  N   . ILE A 48 ? 1.7059 0.5069 1.7436 -0.2439 -1.1494 0.1021  48 ILE A N   
292 C  CA  . ILE A 48 ? 1.7058 0.4712 1.7942 -0.2141 -1.2325 0.1544  48 ILE A CA  
293 C  C   . ILE A 48 ? 1.7064 0.4702 1.7582 -0.2109 -1.2352 0.1638  48 ILE A C   
294 O  O   . ILE A 48 ? 1.7767 0.4813 1.8259 -0.2223 -1.3057 0.1745  48 ILE A O   
295 C  CB  . ILE A 48 ? 1.5796 0.4700 1.8552 -0.1602 -1.2316 0.1346  48 ILE A CB  
296 C  CG1 . ILE A 48 ? 1.6415 0.4993 1.9744 -0.1806 -1.2294 0.1162  48 ILE A CG1 
297 C  CG2 . ILE A 48 ? 1.5627 0.4500 1.9456 -0.1335 -1.2815 0.1562  48 ILE A CG2 
298 C  CD1 . ILE A 48 ? 1.5946 0.4988 2.1048 -0.1450 -1.2649 0.1136  48 ILE A CD1 
299 N  N   . GLU A 49 ? 1.6542 0.4971 1.6979 -0.1839 -1.1541 0.1443  49 GLU A N   
300 C  CA  . GLU A 49 ? 1.6906 0.4980 1.7002 -0.1883 -1.1159 0.1488  49 GLU A CA  
301 C  C   . GLU A 49 ? 1.8055 0.5071 1.6633 -0.2659 -1.1391 0.1395  49 GLU A C   
302 O  O   . GLU A 49 ? 1.8390 0.4959 1.6942 -0.2952 -1.1630 0.1249  49 GLU A O   
303 C  CB  . GLU A 49 ? 1.6609 0.5529 1.6661 -0.1097 -1.0143 0.1456  49 GLU A CB  
304 C  CG  . GLU A 49 ? 1.6505 0.5831 1.7484 -0.0162 -0.9590 0.1746  49 GLU A CG  
305 C  CD  . GLU A 49 ? 1.6894 0.7250 1.7229 0.1161  -0.8825 0.1820  49 GLU A CD  
306 O  OE1 . GLU A 49 ? 1.7308 0.8115 1.6869 0.1297  -0.8684 0.1537  49 GLU A OE1 
307 O  OE2 . GLU A 49 ? 1.7295 0.8061 1.7823 0.2172  -0.8389 0.2093  49 GLU A OE2 
308 N  N   . LYS A 50 ? 1.8547 0.5212 1.5959 -0.3029 -1.1192 0.1290  50 LYS A N   
309 C  CA  . LYS A 50 ? 2.0093 0.5553 1.5694 -0.3736 -1.1106 0.1219  50 LYS A CA  
310 C  C   . LYS A 50 ? 2.1614 0.5936 1.6157 -0.3871 -1.2176 0.1543  50 LYS A C   
311 O  O   . LYS A 50 ? 2.3177 0.6693 1.6138 -0.4234 -1.2393 0.1437  50 LYS A O   
312 C  CB  . LYS A 50 ? 2.0829 0.5864 1.5612 -0.4180 -1.0386 0.0944  50 LYS A CB  
313 C  CG  . LYS A 50 ? 2.2558 0.6405 1.5497 -0.4922 -0.9812 0.0739  50 LYS A CG  
314 C  CD  . LYS A 50 ? 2.4548 0.6778 1.6060 -0.5570 -0.9053 0.0690  50 LYS A CD  
315 C  CE  . LYS A 50 ? 2.5886 0.7344 1.6101 -0.6360 -0.7967 0.0152  50 LYS A CE  
316 N  NZ  . LYS A 50 ? 2.7429 0.7685 1.7183 -0.7115 -0.6510 -0.0363 50 LYS A NZ  
317 N  N   . GLU A 51 ? 2.1477 0.5819 1.6765 -0.3449 -1.2887 0.1855  51 GLU A N   
318 C  CA  . GLU A 51 ? 2.3177 0.6660 1.7508 -0.3162 -1.4125 0.2146  51 GLU A CA  
319 C  C   . GLU A 51 ? 2.2173 0.6970 1.8639 -0.2788 -1.5001 0.1678  51 GLU A C   
320 O  O   . GLU A 51 ? 2.2998 0.7752 1.9458 -0.2297 -1.6241 0.1656  51 GLU A O   
321 C  CB  . GLU A 51 ? 2.4155 0.6506 1.7972 -0.2862 -1.4171 0.2762  51 GLU A CB  
322 C  CG  . GLU A 51 ? 2.7697 0.7770 1.8405 -0.2606 -1.4557 0.3455  51 GLU A CG  
323 C  CD  . GLU A 51 ? 2.9355 0.7796 1.7764 -0.3321 -1.3182 0.3573  51 GLU A CD  
324 O  OE1 . GLU A 51 ? 3.2682 0.9151 1.7960 -0.3119 -1.3316 0.4113  51 GLU A OE1 
325 O  OE2 . GLU A 51 ? 2.7692 0.6849 1.7332 -0.3991 -1.1942 0.3034  51 GLU A OE2 
326 N  N   . ASP A 52 ? 2.0506 0.6403 1.8881 -0.2910 -1.4208 0.1249  52 ASP A N   
327 C  CA  . ASP A 52 ? 2.0011 0.6909 2.0721 -0.2788 -1.4459 0.0563  52 ASP A CA  
328 C  C   . ASP A 52 ? 1.9430 0.6883 2.1891 -0.2300 -1.5251 0.0518  52 ASP A C   
329 O  O   . ASP A 52 ? 1.9639 0.7885 2.3721 -0.2198 -1.6039 -0.0308 52 ASP A O   
330 C  CB  . ASP A 52 ? 2.1821 0.8955 2.2238 -0.3099 -1.5169 -0.0339 52 ASP A CB  
331 C  CG  . ASP A 52 ? 2.2306 0.9133 2.2005 -0.3695 -1.4032 -0.0616 52 ASP A CG  
332 O  OD1 . ASP A 52 ? 2.1516 0.8593 2.2928 -0.3826 -1.2700 -0.0887 52 ASP A OD1 
333 O  OD2 . ASP A 52 ? 2.4276 1.0380 2.1575 -0.3963 -1.4296 -0.0506 52 ASP A OD2 
334 N  N   . LEU A 53 ? 1.8718 0.6006 2.1246 -0.2022 -1.4975 0.1141  53 LEU A N   
335 C  CA  . LEU A 53 ? 1.8381 0.6067 2.2543 -0.1582 -1.5648 0.1108  53 LEU A CA  
336 C  C   . LEU A 53 ? 1.6922 0.5499 2.3377 -0.1462 -1.4726 0.0855  53 LEU A C   
337 O  O   . LEU A 53 ? 1.6913 0.5821 2.4734 -0.1166 -1.5034 0.0827  53 LEU A O   
338 C  CB  . LEU A 53 ? 1.9254 0.5950 2.2082 -0.1368 -1.5888 0.1829  53 LEU A CB  
339 C  CG  . LEU A 53 ? 2.1819 0.7131 2.2152 -0.1159 -1.6847 0.2239  53 LEU A CG  
340 C  CD1 . LEU A 53 ? 2.3385 0.6900 2.1722 -0.1190 -1.6243 0.3048  53 LEU A CD1 
341 C  CD2 . LEU A 53 ? 2.2873 0.8643 2.4147 -0.0382 -1.8433 0.1929  53 LEU A CD2 
342 N  N   . GLU A 54 ? 1.6477 0.5230 2.3185 -0.1583 -1.3440 0.0734  54 GLU A N   
343 C  CA  . GLU A 54 ? 1.5560 0.4713 2.3422 -0.1198 -1.2239 0.0816  54 GLU A CA  
344 C  C   . GLU A 54 ? 1.5291 0.4877 2.5746 -0.1173 -1.2250 0.0215  54 GLU A C   
345 O  O   . GLU A 54 ? 1.4769 0.4687 2.5971 -0.0830 -1.1831 0.0334  54 GLU A O   
346 C  CB  . GLU A 54 ? 1.5872 0.4636 2.3116 -0.1016 -1.0667 0.0993  54 GLU A CB  
347 C  CG  . GLU A 54 ? 1.6206 0.4717 2.1301 -0.1033 -1.0582 0.1353  54 GLU A CG  
348 C  CD  . GLU A 54 ? 1.6900 0.4844 2.1718 -0.1697 -1.0704 0.0956  54 GLU A CD  
349 O  OE1 . GLU A 54 ? 1.7424 0.4954 2.1244 -0.1624 -0.9778 0.1129  54 GLU A OE1 
350 O  OE2 . GLU A 54 ? 1.7156 0.5224 2.2730 -0.2169 -1.1785 0.0367  54 GLU A OE2 
351 N  N   . GLU A 55 ? 1.5509 0.5315 2.7581 -0.1554 -1.2669 -0.0689 55 GLU A N   
352 C  CA  . GLU A 55 ? 1.5385 0.5854 3.0535 -0.1619 -1.2548 -0.1657 55 GLU A CA  
353 C  C   . GLU A 55 ? 1.5191 0.6240 3.1097 -0.1237 -1.4049 -0.1634 55 GLU A C   
354 O  O   . GLU A 55 ? 1.5041 0.6462 3.2838 -0.1106 -1.3604 -0.1909 55 GLU A O   
355 C  CB  . GLU A 55 ? 1.5800 0.6884 3.3020 -0.2156 -1.2716 -0.3162 55 GLU A CB  
356 N  N   . LYS A 56 ? 1.5916 0.6766 3.0108 -0.1001 -1.5644 -0.1231 56 LYS A N   
357 C  CA  . LYS A 56 ? 1.6155 0.6996 3.0496 -0.0443 -1.6973 -0.0958 56 LYS A CA  
358 C  C   . LYS A 56 ? 1.5360 0.5858 2.9491 -0.0378 -1.6056 -0.0254 56 LYS A C   
359 O  O   . LYS A 56 ? 1.5364 0.6248 3.1353 -0.0116 -1.6262 -0.0505 56 LYS A O   
360 C  CB  . LYS A 56 ? 1.7833 0.7733 2.9301 -0.0108 -1.8228 -0.0278 56 LYS A CB  
361 C  CG  . LYS A 56 ? 1.9346 0.8942 3.0789 0.0824  -1.9792 -0.0054 56 LYS A CG  
362 N  N   . PHE A 57 ? 1.4650 0.4730 2.6843 -0.0582 -1.5034 0.0361  57 PHE A N   
363 C  CA  . PHE A 57 ? 1.3949 0.4280 2.6151 -0.0460 -1.4263 0.0587  57 PHE A CA  
364 C  C   . PHE A 57 ? 1.3180 0.4300 2.7426 -0.0329 -1.3348 0.0090  57 PHE A C   
365 O  O   . PHE A 57 ? 1.3051 0.4603 2.8529 -0.0186 -1.3248 -0.0124 57 PHE A O   
366 C  CB  . PHE A 57 ? 1.3610 0.3955 2.3723 -0.0525 -1.3445 0.0923  57 PHE A CB  
367 C  CG  . PHE A 57 ? 1.2688 0.3983 2.3116 -0.0284 -1.2716 0.0673  57 PHE A CG  
368 C  CD1 . PHE A 57 ? 1.2812 0.4037 2.3708 -0.0437 -1.2947 0.0492  57 PHE A CD1 
369 C  CD2 . PHE A 57 ? 1.2149 0.4353 2.2371 0.0212  -1.1711 0.0534  57 PHE A CD2 
370 C  CE1 . PHE A 57 ? 1.2159 0.4656 2.3737 -0.0294 -1.2278 -0.0150 57 PHE A CE1 
371 C  CE2 . PHE A 57 ? 1.1796 0.5298 2.2179 0.0625  -1.1230 0.0057  57 PHE A CE2 
372 C  CZ  . PHE A 57 ? 1.1569 0.5447 2.2858 0.0274  -1.1566 -0.0454 57 PHE A CZ  
373 N  N   . GLU A 58 ? 1.3378 0.4466 2.8018 -0.0415 -1.2448 -0.0143 58 GLU A N   
374 C  CA  . GLU A 58 ? 1.3204 0.4501 2.9208 -0.0250 -1.1018 -0.0463 58 GLU A CA  
375 C  C   . GLU A 58 ? 1.2981 0.4786 3.1992 -0.0402 -1.1453 -0.1283 58 GLU A C   
376 O  O   . GLU A 58 ? 1.2755 0.4856 3.2691 -0.0234 -1.0596 -0.1475 58 GLU A O   
377 C  CB  . GLU A 58 ? 1.3895 0.4439 2.9719 -0.0331 -0.9505 -0.0508 58 GLU A CB  
378 N  N   . SER A 59 ? 1.3263 0.5328 3.3787 -0.0598 -1.2819 -0.1893 59 SER A N   
379 C  CA  . SER A 59 ? 1.3272 0.6109 3.6919 -0.0540 -1.3505 -0.2845 59 SER A CA  
380 C  C   . SER A 59 ? 1.3054 0.5928 3.6642 -0.0163 -1.4155 -0.2394 59 SER A C   
381 O  O   . SER A 59 ? 1.2835 0.6151 3.8393 -0.0157 -1.3550 -0.2881 59 SER A O   
382 C  CB  . SER A 59 ? 1.3961 0.7413 3.8694 -0.0420 -1.5304 -0.3625 59 SER A CB  
383 N  N   . PHE A 60 ? 1.3402 0.5616 3.4641 0.0059  -1.5061 -0.1509 60 PHE A N   
384 C  CA  . PHE A 60 ? 1.3510 0.5323 3.4614 0.0353  -1.5527 -0.1102 60 PHE A CA  
385 C  C   . PHE A 60 ? 1.2456 0.4856 3.4033 0.0138  -1.4075 -0.1324 60 PHE A C   
386 O  O   . PHE A 60 ? 1.2221 0.4916 3.5567 0.0224  -1.3978 -0.1707 60 PHE A O   
387 C  CB  . PHE A 60 ? 1.4477 0.5095 3.2572 0.0416  -1.6015 -0.0156 60 PHE A CB  
388 C  CG  . PHE A 60 ? 1.4556 0.4527 3.1962 0.0352  -1.5451 0.0204  60 PHE A CG  
389 C  CD1 . PHE A 60 ? 1.5732 0.4620 3.3668 0.0795  -1.5996 0.0505  60 PHE A CD1 
390 C  CD2 . PHE A 60 ? 1.3669 0.4118 2.9937 -0.0063 -1.4304 0.0112  60 PHE A CD2 
391 C  CE1 . PHE A 60 ? 1.6238 0.4299 3.3875 0.0569  -1.5077 0.0637  60 PHE A CE1 
392 C  CE2 . PHE A 60 ? 1.3817 0.4010 3.0003 -0.0276 -1.3649 -0.0043 60 PHE A CE2 
393 C  CZ  . PHE A 60 ? 1.5129 0.4003 3.2117 -0.0090 -1.3877 0.0191  60 PHE A CZ  
394 N  N   . ALA A 61 ? 1.1951 0.4615 3.1951 0.0013  -1.2942 -0.1170 61 ALA A N   
395 C  CA  . ALA A 61 ? 1.1427 0.4913 3.1281 0.0152  -1.1664 -0.1449 61 ALA A CA  
396 C  C   . ALA A 61 ? 1.1169 0.5117 3.3152 0.0187  -1.0697 -0.2121 61 ALA A C   
397 O  O   . ALA A 61 ? 1.0725 0.5434 3.3004 0.0337  -1.0008 -0.2530 61 ALA A O   
398 C  CB  . ALA A 61 ? 1.1619 0.5310 2.8807 0.0450  -1.0858 -0.1042 61 ALA A CB  
399 N  N   . LYS A 62 ? 1.1250 0.4819 3.4723 0.0002  -1.0407 -0.2432 62 LYS A N   
400 C  CA  . LYS A 62 ? 1.1492 0.5230 3.7053 -0.0094 -0.9065 -0.3181 62 LYS A CA  
401 C  C   . LYS A 62 ? 1.0997 0.5418 3.9308 -0.0196 -0.9687 -0.3920 62 LYS A C   
402 O  O   . LYS A 62 ? 1.1197 0.5947 4.0735 -0.0242 -0.8490 -0.4512 62 LYS A O   
403 C  CB  . LYS A 62 ? 1.1904 0.5115 3.9147 -0.0477 -0.8368 -0.3750 62 LYS A CB  
404 N  N   . ALA A 63 ? 0.5902 0.6318 2.0491 0.1287  -0.2062 -0.0392 63 ALA A N   
405 C  CA  . ALA A 63 ? 0.6016 0.6337 1.8241 0.1504  -0.2344 -0.0679 63 ALA A CA  
406 C  C   . ALA A 63 ? 0.6280 0.6687 1.6658 0.1451  -0.2201 0.0249  63 ALA A C   
407 O  O   . ALA A 63 ? 0.6239 0.6905 1.5774 0.1554  -0.2216 0.0179  63 ALA A O   
408 C  CB  . ALA A 63 ? 0.6424 0.6338 1.6898 0.1628  -0.2797 -0.1720 63 ALA A CB  
409 N  N   . LEU A 64 ? 0.6562 0.6900 1.6608 0.1275  -0.2076 0.0918  64 LEU A N   
410 C  CA  . LEU A 64 ? 0.6968 0.7492 1.5139 0.1209  -0.2058 0.1426  64 LEU A CA  
411 C  C   . LEU A 64 ? 0.7342 0.9001 1.5439 0.1051  -0.1783 0.2058  64 LEU A C   
412 O  O   . LEU A 64 ? 0.7694 0.9752 1.4299 0.1053  -0.1750 0.1743  64 LEU A O   
413 C  CB  . LEU A 64 ? 0.6815 0.7258 1.5205 0.1025  -0.2052 0.2056  64 LEU A CB  
414 C  CG  . LEU A 64 ? 0.7044 0.7890 1.3858 0.0908  -0.2121 0.2518  64 LEU A CG  
415 C  CD1 . LEU A 64 ? 0.7285 0.7439 1.2287 0.1084  -0.2241 0.1593  64 LEU A CD1 
416 C  CD2 . LEU A 64 ? 0.6986 0.7857 1.4857 0.0737  -0.2224 0.3240  64 LEU A CD2 
417 N  N   . ARG A 65 ? 0.7403 0.9764 1.7327 0.0843  -0.1508 0.2904  65 ARG A N   
418 C  CA  . ARG A 65 ? 0.7903 1.1716 1.7576 0.0539  -0.1086 0.3616  65 ARG A CA  
419 C  C   . ARG A 65 ? 0.7840 1.1798 1.6901 0.0725  -0.0937 0.2361  65 ARG A C   
420 O  O   . ARG A 65 ? 0.8285 1.3411 1.6269 0.0521  -0.0600 0.2171  65 ARG A O   
421 C  CB  . ARG A 65 ? 0.8080 1.2599 2.0204 0.0228  -0.0767 0.4994  65 ARG A CB  
422 N  N   . ILE A 66 ? 0.7510 1.0489 1.7512 0.1080  -0.1217 0.1408  66 ILE A N   
423 C  CA  . ILE A 66 ? 0.7704 1.0779 1.7771 0.1303  -0.1241 0.0324  66 ILE A CA  
424 C  C   . ILE A 66 ? 0.7950 1.0068 1.6793 0.1688  -0.1842 -0.0651 66 ILE A C   
425 O  O   . ILE A 66 ? 0.8491 1.0969 1.7301 0.1781  -0.1787 -0.1347 66 ILE A O   
426 C  CB  . ILE A 66 ? 0.7320 1.0293 1.9638 0.1427  -0.1275 -0.0042 66 ILE A CB  
427 N  N   . ASP A 67 ? 0.7818 0.8856 1.5929 0.1854  -0.2358 -0.0667 67 ASP A N   
428 C  CA  . ASP A 67 ? 0.8081 0.8233 1.5321 0.2165  -0.3010 -0.1219 67 ASP A CA  
429 C  C   . ASP A 67 ? 0.8099 0.8069 1.4134 0.2135  -0.2962 -0.1177 67 ASP A C   
430 O  O   . ASP A 67 ? 0.7447 0.7249 1.2546 0.1954  -0.2810 -0.0746 67 ASP A O   
431 C  CB  . ASP A 67 ? 0.8366 0.7870 1.5246 0.2210  -0.3457 -0.1285 67 ASP A CB  
432 C  CG  . ASP A 67 ? 0.9000 0.7802 1.4601 0.2390  -0.4151 -0.1384 67 ASP A CG  
433 O  OD1 . ASP A 67 ? 0.9200 0.7652 1.4340 0.2491  -0.4279 -0.1221 67 ASP A OD1 
434 O  OD2 . ASP A 67 ? 0.9396 0.8147 1.4554 0.2362  -0.4556 -0.1599 67 ASP A OD2 
435 N  N   . GLU A 68 ? 0.7985 0.8029 1.4558 0.2323  -0.3115 -0.1780 68 GLU A N   
436 C  CA  . GLU A 68 ? 0.8399 0.8377 1.4618 0.2307  -0.3064 -0.2077 68 GLU A CA  
437 C  C   . GLU A 68 ? 0.8481 0.7234 1.3804 0.2396  -0.3546 -0.1608 68 GLU A C   
438 O  O   . GLU A 68 ? 0.8207 0.6883 1.2993 0.2251  -0.3350 -0.1577 68 GLU A O   
439 C  CB  . GLU A 68 ? 0.8852 0.9198 1.6729 0.2502  -0.3120 -0.3061 68 GLU A CB  
440 C  CG  . GLU A 68 ? 0.9007 1.1091 1.7478 0.2202  -0.2277 -0.3857 68 GLU A CG  
441 C  CD  . GLU A 68 ? 0.9505 1.2047 2.0133 0.2373  -0.2238 -0.5242 68 GLU A CD  
442 O  OE1 . GLU A 68 ? 0.9954 1.4175 2.1275 0.2079  -0.1448 -0.6166 68 GLU A OE1 
443 O  OE2 . GLU A 68 ? 0.9861 1.1208 2.1711 0.2755  -0.2975 -0.5367 68 GLU A OE2 
444 N  N   . GLU A 69 ? 0.8424 0.6426 1.3630 0.2583  -0.4180 -0.1262 69 GLU A N   
445 C  CA  . GLU A 69 ? 0.9070 0.6180 1.3276 0.2551  -0.4558 -0.0636 69 GLU A CA  
446 C  C   . GLU A 69 ? 0.8884 0.5920 1.1756 0.2233  -0.4105 -0.0310 69 GLU A C   
447 O  O   . GLU A 69 ? 0.8975 0.5528 1.1322 0.2100  -0.3999 -0.0003 69 GLU A O   
448 C  CB  . GLU A 69 ? 1.0149 0.6985 1.4165 0.2698  -0.5369 -0.0254 69 GLU A CB  
449 C  CG  . GLU A 69 ? 1.1590 0.7785 1.4473 0.2562  -0.5760 0.0660  69 GLU A CG  
450 C  CD  . GLU A 69 ? 1.3054 0.9384 1.5520 0.2639  -0.6745 0.1246  69 GLU A CD  
451 O  OE1 . GLU A 69 ? 1.4031 1.0824 1.4789 0.2338  -0.6769 0.1389  69 GLU A OE1 
452 O  OE2 . GLU A 69 ? 1.3627 0.9794 1.7619 0.2967  -0.7519 0.1469  69 GLU A OE2 
453 N  N   . LEU A 70 ? 0.8399 0.5917 1.1206 0.2106  -0.3830 -0.0423 70 LEU A N   
454 C  CA  . LEU A 70 ? 0.7987 0.5532 1.0297 0.1818  -0.3389 -0.0252 70 LEU A CA  
455 C  C   . LEU A 70 ? 0.7726 0.5567 1.0172 0.1695  -0.2995 -0.0093 70 LEU A C   
456 O  O   . LEU A 70 ? 0.8020 0.5588 1.0030 0.1520  -0.2814 0.0089  70 LEU A O   
457 C  CB  . LEU A 70 ? 0.7658 0.5722 1.0879 0.1739  -0.3224 -0.0498 70 LEU A CB  
458 C  CG  . LEU A 70 ? 0.7308 0.5463 1.0964 0.1461  -0.2795 -0.0463 70 LEU A CG  
459 C  CD1 . LEU A 70 ? 0.8027 0.5883 1.0572 0.1264  -0.2770 -0.0773 70 LEU A CD1 
460 C  CD2 . LEU A 70 ? 0.6864 0.5556 1.2489 0.1407  -0.2622 -0.0675 70 LEU A CD2 
461 N  N   . GLN A 71 ? 0.7420 0.6068 1.0475 0.1723  -0.2843 -0.0206 71 GLN A N   
462 C  CA  . GLN A 71 ? 0.7432 0.6846 1.0312 0.1529  -0.2573 -0.0137 71 GLN A CA  
463 C  C   . GLN A 71 ? 0.7668 0.6495 1.0169 0.1555  -0.2690 -0.0453 71 GLN A C   
464 O  O   . GLN A 71 ? 0.7264 0.6249 0.9505 0.1369  -0.2582 -0.0304 71 GLN A O   
465 C  CB  . GLN A 71 ? 0.7692 0.8427 1.0968 0.1461  -0.2327 -0.0462 71 GLN A CB  
466 C  CG  . GLN A 71 ? 0.7596 0.9082 1.1545 0.1329  -0.2081 0.0106  71 GLN A CG  
467 C  CD  . GLN A 71 ? 0.7805 1.0696 1.2162 0.1195  -0.1683 -0.0293 71 GLN A CD  
468 O  OE1 . GLN A 71 ? 0.8081 1.1448 1.2407 0.1230  -0.1591 -0.1289 71 GLN A OE1 
469 N  NE2 . GLN A 71 ? 0.7827 1.1488 1.2938 0.0993  -0.1367 0.0405  71 GLN A NE2 
470 N  N   . GLN A 72 ? 0.7922 0.6082 1.0802 0.1782  -0.2969 -0.0799 72 GLN A N   
471 C  CA  . GLN A 72 ? 0.8541 0.6009 1.1731 0.1799  -0.3087 -0.0941 72 GLN A CA  
472 C  C   . GLN A 72 ? 0.8733 0.5376 1.1117 0.1617  -0.3017 -0.0288 72 GLN A C   
473 O  O   . GLN A 72 ? 0.8598 0.5188 1.1141 0.1456  -0.2827 -0.0392 72 GLN A O   
474 C  CB  . GLN A 72 ? 0.9302 0.6087 1.3595 0.2081  -0.3539 -0.1025 72 GLN A CB  
475 C  CG  . GLN A 72 ? 1.0235 0.6083 1.5342 0.2072  -0.3710 -0.0761 72 GLN A CG  
476 C  CD  . GLN A 72 ? 1.0277 0.6695 1.6205 0.1920  -0.3339 -0.1670 72 GLN A CD  
477 O  OE1 . GLN A 72 ? 1.0548 0.6862 1.5796 0.1685  -0.3091 -0.1446 72 GLN A OE1 
478 N  NE2 . GLN A 72 ? 1.0242 0.7531 1.7771 0.2015  -0.3275 -0.2923 72 GLN A NE2 
479 N  N   . LYS A 73 ? 0.8786 0.5012 1.0425 0.1594  -0.3126 0.0200  73 LYS A N   
480 C  CA  . LYS A 73 ? 0.9064 0.4846 0.9906 0.1313  -0.2887 0.0602  73 LYS A CA  
481 C  C   . LYS A 73 ? 0.8366 0.4513 0.9358 0.1081  -0.2429 0.0442  73 LYS A C   
482 O  O   . LYS A 73 ? 0.8261 0.4085 0.9220 0.0848  -0.2132 0.0538  73 LYS A O   
483 C  CB  . LYS A 73 ? 0.9703 0.5557 0.9715 0.1255  -0.3056 0.0762  73 LYS A CB  
484 C  CG  . LYS A 73 ? 1.0907 0.6536 0.9825 0.0890  -0.2859 0.1189  73 LYS A CG  
485 C  CD  . LYS A 73 ? 1.2057 0.8036 0.9927 0.0846  -0.3351 0.1457  73 LYS A CD  
486 C  CE  . LYS A 73 ? 1.3819 0.9637 1.0502 0.0485  -0.3399 0.2468  73 LYS A CE  
487 N  NZ  . LYS A 73 ? 1.5068 1.1967 1.0070 0.0017  -0.3224 0.2235  73 LYS A NZ  
488 N  N   . ILE A 74 ? 0.7529 0.4382 0.8986 0.1125  -0.2398 0.0326  74 ILE A N   
489 C  CA  . ILE A 74 ? 0.6925 0.4224 0.9042 0.0946  -0.2184 0.0444  74 ILE A CA  
490 C  C   . ILE A 74 ? 0.6854 0.4542 0.9129 0.0900  -0.2261 0.0399  74 ILE A C   
491 O  O   . ILE A 74 ? 0.6543 0.4336 0.9338 0.0728  -0.2176 0.0489  74 ILE A O   
492 C  CB  . ILE A 74 ? 0.6429 0.4466 0.9409 0.0977  -0.2231 0.0701  74 ILE A CB  
493 C  CG1 . ILE A 74 ? 0.6462 0.4250 0.9821 0.0975  -0.2129 0.0391  74 ILE A CG1 
494 C  CG2 . ILE A 74 ? 0.6050 0.4724 1.0122 0.0809  -0.2239 0.1232  74 ILE A CG2 
495 C  CD1 . ILE A 74 ? 0.6792 0.4262 1.0264 0.0733  -0.1793 -0.0032 74 ILE A CD1 
496 N  N   . GLU A 75 ? 0.6949 0.5058 0.9062 0.1031  -0.2433 0.0071  75 GLU A N   
497 C  CA  . GLU A 75 ? 0.7315 0.6246 0.9658 0.0936  -0.2517 -0.0348 75 GLU A CA  
498 C  C   . GLU A 75 ? 0.7497 0.5500 1.0273 0.0883  -0.2430 -0.0628 75 GLU A C   
499 O  O   . GLU A 75 ? 0.7063 0.5496 1.0300 0.0724  -0.2460 -0.0841 75 GLU A O   
500 C  CB  . GLU A 75 ? 0.7779 0.7727 1.0153 0.1010  -0.2569 -0.1037 75 GLU A CB  
501 C  CG  . GLU A 75 ? 0.8480 1.0425 1.0595 0.0746  -0.2629 -0.1317 75 GLU A CG  
502 C  CD  . GLU A 75 ? 0.8663 1.1477 1.0420 0.0542  -0.2753 -0.0093 75 GLU A CD  
503 O  OE1 . GLU A 75 ? 0.9004 1.1150 1.1003 0.0632  -0.2663 0.0683  75 GLU A OE1 
504 O  OE2 . GLU A 75 ? 0.9358 1.3644 1.0890 0.0275  -0.3019 0.0121  75 GLU A OE2 
505 N  N   . SER A 76 ? 0.4764 0.3847 0.9593 0.0047  -0.1377 0.0253  76 SER A N   
506 C  CA  A SER A 76 ? 0.5020 0.3684 0.9098 -0.0206 -0.1822 0.0227  76 SER A CA  
507 C  CA  B SER A 76 ? 0.5135 0.3792 0.9215 -0.0210 -0.1829 0.0228  76 SER A CA  
508 C  C   . SER A 76 ? 0.5055 0.3696 0.8306 -0.0470 -0.1637 0.0322  76 SER A C   
509 O  O   . SER A 76 ? 0.4830 0.3427 0.7563 -0.0549 -0.1642 0.0368  76 SER A O   
510 C  CB  A SER A 76 ? 0.5392 0.3644 0.9730 -0.0439 -0.2496 0.0302  76 SER A CB  
511 C  CB  B SER A 76 ? 0.5625 0.3870 0.9956 -0.0451 -0.2505 0.0307  76 SER A CB  
512 O  OG  A SER A 76 ? 0.5137 0.3425 1.0392 -0.0167 -0.2700 0.0120  76 SER A OG  
513 O  OG  B SER A 76 ? 0.6076 0.4073 0.9716 -0.0775 -0.2860 0.0582  76 SER A OG  
514 N  N   . ARG A 77 ? 0.4890 0.3622 0.8256 -0.0565 -0.1500 0.0274  77 ARG A N   
515 C  CA  . ARG A 77 ? 0.5117 0.3972 0.7878 -0.0730 -0.1330 0.0185  77 ARG A CA  
516 C  C   . ARG A 77 ? 0.4615 0.3680 0.7279 -0.0568 -0.0822 0.0221  77 ARG A C   
517 O  O   . ARG A 77 ? 0.4652 0.3768 0.6688 -0.0689 -0.0730 0.0184  77 ARG A O   
518 C  CB  . ARG A 77 ? 0.5549 0.4497 0.8853 -0.0754 -0.1445 -0.0095 77 ARG A CB  
519 C  CG  . ARG A 77 ? 0.6203 0.5408 0.8862 -0.0871 -0.1482 -0.0423 77 ARG A CG  
520 C  CD  . ARG A 77 ? 0.7139 0.6458 0.8570 -0.1065 -0.1575 -0.0187 77 ARG A CD  
521 N  NE  . ARG A 77 ? 0.7847 0.7700 0.8538 -0.1118 -0.1598 -0.0484 77 ARG A NE  
522 C  CZ  . ARG A 77 ? 0.8316 0.8542 0.8572 -0.1066 -0.2017 -0.0762 77 ARG A CZ  
523 N  NH1 . ARG A 77 ? 0.8837 0.9828 0.8303 -0.1002 -0.1966 -0.1121 77 ARG A NH1 
524 N  NH2 . ARG A 77 ? 0.9016 0.8974 0.9635 -0.1012 -0.2504 -0.0759 77 ARG A NH2 
525 N  N   . LYS A 78 ? 0.4066 0.3366 0.7377 -0.0265 -0.0484 0.0360  78 LYS A N   
526 C  CA  . LYS A 78 ? 0.3932 0.3541 0.7062 -0.0029 -0.0060 0.0480  78 LYS A CA  
527 C  C   . LYS A 78 ? 0.4002 0.3559 0.6407 0.0074  -0.0199 0.0321  78 LYS A C   
528 O  O   . LYS A 78 ? 0.3979 0.3580 0.5985 0.0077  -0.0083 0.0259  78 LYS A O   
529 C  CB  . LYS A 78 ? 0.3816 0.3950 0.7650 0.0360  0.0346  0.0839  78 LYS A CB  
530 C  CG  . LYS A 78 ? 0.3715 0.3922 0.8733 0.0243  0.0503  0.1128  78 LYS A CG  
531 C  CD  . LYS A 78 ? 0.3816 0.4591 0.9871 0.0526  0.0855  0.1644  78 LYS A CD  
532 C  CE  . LYS A 78 ? 0.3879 0.5428 0.9906 0.0920  0.1435  0.2249  78 LYS A CE  
533 N  NZ  . LYS A 78 ? 0.4073 0.6467 1.1065 0.1241  0.1887  0.2876  78 LYS A NZ  
534 N  N   . THR A 79 ? 0.4158 0.3607 0.6636 0.0169  -0.0529 0.0200  79 THR A N   
535 C  CA  . THR A 79 ? 0.4537 0.3895 0.6794 0.0286  -0.0825 -0.0037 79 THR A CA  
536 C  C   . THR A 79 ? 0.4479 0.3486 0.6451 -0.0172 -0.1034 0.0076  79 THR A C   
537 O  O   . THR A 79 ? 0.4528 0.3533 0.6458 -0.0128 -0.1107 -0.0038 79 THR A O   
538 C  CB  . THR A 79 ? 0.5110 0.4448 0.7889 0.0543  -0.1254 -0.0297 79 THR A CB  
539 O  OG1 . THR A 79 ? 0.5811 0.4752 0.8917 0.0185  -0.1584 -0.0097 79 THR A OG1 
540 C  CG2 . THR A 79 ? 0.5216 0.5237 0.8184 0.1124  -0.0931 -0.0457 79 THR A CG2 
541 N  N   . ASP A 80 ? 0.4593 0.3431 0.6427 -0.0568 -0.1147 0.0311  80 ASP A N   
542 C  CA  . ASP A 80 ? 0.4817 0.3653 0.6268 -0.0957 -0.1207 0.0546  80 ASP A CA  
543 C  C   . ASP A 80 ? 0.4479 0.3586 0.5598 -0.0964 -0.0780 0.0402  80 ASP A C   
544 O  O   . ASP A 80 ? 0.4360 0.3567 0.5397 -0.1135 -0.0746 0.0514  80 ASP A O   
545 C  CB  . ASP A 80 ? 0.5381 0.4270 0.6517 -0.1223 -0.1379 0.0752  80 ASP A CB  
546 C  CG  . ASP A 80 ? 0.6088 0.4687 0.7583 -0.1312 -0.1914 0.1047  80 ASP A CG  
547 O  OD1 . ASP A 80 ? 0.5870 0.4199 0.8038 -0.1167 -0.2187 0.1011  80 ASP A OD1 
548 O  OD2 . ASP A 80 ? 0.7044 0.5736 0.8207 -0.1476 -0.2134 0.1243  80 ASP A OD2 
549 N  N   . ILE A 81 ? 0.4105 0.3352 0.5273 -0.0798 -0.0484 0.0203  81 ILE A N   
550 C  CA  . ILE A 81 ? 0.3935 0.3405 0.5052 -0.0763 -0.0151 0.0036  81 ILE A CA  
551 C  C   . ILE A 81 ? 0.3690 0.3170 0.4846 -0.0510 -0.0066 -0.0007 81 ILE A C   
552 O  O   . ILE A 81 ? 0.3786 0.3369 0.4873 -0.0580 0.0042  -0.0104 81 ILE A O   
553 C  CB  . ILE A 81 ? 0.3765 0.3333 0.5405 -0.0630 0.0027  -0.0066 81 ILE A CB  
554 C  CG1 . ILE A 81 ? 0.4086 0.3704 0.5793 -0.0816 -0.0199 -0.0272 81 ILE A CG1 
555 C  CG2 . ILE A 81 ? 0.3645 0.3387 0.5526 -0.0544 0.0288  -0.0187 81 ILE A CG2 
556 C  CD1 . ILE A 81 ? 0.4074 0.3682 0.6809 -0.0688 -0.0225 -0.0373 81 ILE A CD1 
557 N  N   . VAL A 82 ? 0.3790 0.3274 0.5088 -0.0146 -0.0140 -0.0005 82 VAL A N   
558 C  CA  . VAL A 82 ? 0.3934 0.3583 0.5178 0.0260  -0.0187 -0.0198 82 VAL A CA  
559 C  C   . VAL A 82 ? 0.3976 0.3398 0.5401 0.0095  -0.0556 -0.0362 82 VAL A C   
560 O  O   . VAL A 82 ? 0.3929 0.3415 0.5429 0.0200  -0.0589 -0.0546 82 VAL A O   
561 C  CB  . VAL A 82 ? 0.4249 0.4218 0.5542 0.0791  -0.0221 -0.0274 82 VAL A CB  
562 C  CG1 . VAL A 82 ? 0.4719 0.4924 0.5947 0.1302  -0.0536 -0.0736 82 VAL A CG1 
563 C  CG2 . VAL A 82 ? 0.4206 0.4623 0.5545 0.1016  0.0267  0.0102  82 VAL A CG2 
564 N  N   . ILE A 83 ? 0.4070 0.3232 0.5773 -0.0192 -0.0874 -0.0210 83 ILE A N   
565 C  CA  . ILE A 83 ? 0.4298 0.3263 0.6626 -0.0383 -0.1282 -0.0168 83 ILE A CA  
566 C  C   . ILE A 83 ? 0.4171 0.3284 0.6441 -0.0783 -0.1007 0.0089  83 ILE A C   
567 O  O   . ILE A 83 ? 0.4206 0.3321 0.7055 -0.0763 -0.1155 -0.0027 83 ILE A O   
568 C  CB  . ILE A 83 ? 0.4667 0.3345 0.7540 -0.0602 -0.1740 0.0116  83 ILE A CB  
569 C  CG1 . ILE A 83 ? 0.4958 0.3595 0.8290 -0.0049 -0.2139 -0.0424 83 ILE A CG1 
570 C  CG2 . ILE A 83 ? 0.4940 0.3458 0.8795 -0.0945 -0.2126 0.0478  83 ILE A CG2 
571 C  CD1 . ILE A 83 ? 0.5332 0.3682 0.9280 -0.0177 -0.2603 -0.0250 83 ILE A CD1 
572 N  N   . GLN A 84 ? 0.4276 0.3611 0.5943 -0.1073 -0.0634 0.0328  84 GLN A N   
573 C  CA  . GLN A 84 ? 0.4456 0.4190 0.5989 -0.1353 -0.0294 0.0442  84 GLN A CA  
574 C  C   . GLN A 84 ? 0.4234 0.4042 0.5870 -0.1108 -0.0091 0.0019  84 GLN A C   
575 O  O   . GLN A 84 ? 0.4240 0.4244 0.6285 -0.1234 -0.0008 0.0019  84 GLN A O   
576 C  CB  . GLN A 84 ? 0.4836 0.4951 0.5675 -0.1521 -0.0024 0.0482  84 GLN A CB  
577 C  CG  . GLN A 84 ? 0.5142 0.5951 0.5789 -0.1722 0.0354  0.0474  84 GLN A CG  
578 C  CD  . GLN A 84 ? 0.5662 0.6860 0.6554 -0.2066 0.0360  0.1172  84 GLN A CD  
579 O  OE1 . GLN A 84 ? 0.6359 0.7722 0.6961 -0.2245 0.0204  0.1714  84 GLN A OE1 
580 N  NE2 . GLN A 84 ? 0.5468 0.6852 0.7070 -0.2165 0.0509  0.1266  84 GLN A NE2 
581 N  N   . SER A 85 ? 0.4017 0.3727 0.5418 -0.0747 -0.0015 -0.0248 85 SER A N   
582 C  CA  . SER A 85 ? 0.3870 0.3672 0.5374 -0.0460 0.0116  -0.0515 85 SER A CA  
583 C  C   . SER A 85 ? 0.4116 0.3824 0.6010 -0.0214 -0.0215 -0.0723 85 SER A C   
584 O  O   . SER A 85 ? 0.4181 0.3986 0.6421 -0.0221 -0.0196 -0.0896 85 SER A O   
585 C  CB  . SER A 85 ? 0.3866 0.3691 0.5186 -0.0101 0.0232  -0.0462 85 SER A CB  
586 O  OG  . SER A 85 ? 0.3736 0.3713 0.5214 0.0105  0.0393  -0.0505 85 SER A OG  
587 N  N   . MSE A 86 ? 0.4305 0.3851 0.6335 0.0032  -0.0608 -0.0811 86 MSE A N   
588 C  CA  . MSE A 86 ? 0.4711 0.4220 0.7261 0.0424  -0.1095 -0.1241 86 MSE A CA  
589 C  C   . MSE A 86 ? 0.4767 0.4135 0.8304 -0.0007 -0.1288 -0.1125 86 MSE A C   
590 O  O   . MSE A 86 ? 0.4782 0.4174 0.8950 0.0156  -0.1527 -0.1453 86 MSE A O   
591 C  CB  . MSE A 86 ? 0.5199 0.4682 0.7873 0.0845  -0.1546 -0.1535 86 MSE A CB  
592 C  CG  . MSE A 86 ? 0.5459 0.5385 0.7246 0.1419  -0.1290 -0.1614 86 MSE A CG  
593 SE SE  . MSE A 86 ? 0.6155 0.6354 0.8170 0.2085  -0.1835 -0.2195 86 MSE A SE  
594 C  CE  . MSE A 86 ? 0.5779 0.5612 0.9093 0.2106  -0.2683 -0.2820 86 MSE A CE  
595 N  N   . ALA A 87 ? 0.4740 0.4050 0.8518 -0.0547 -0.1193 -0.0578 87 ALA A N   
596 C  CA  . ALA A 87 ? 0.4739 0.4145 0.9566 -0.1018 -0.1233 -0.0154 87 ALA A CA  
597 C  C   . ALA A 87 ? 0.4605 0.4398 0.9403 -0.1162 -0.0772 -0.0199 87 ALA A C   
598 O  O   . ALA A 87 ? 0.4527 0.4391 1.0499 -0.1257 -0.0937 -0.0206 87 ALA A O   
599 C  CB  . ALA A 87 ? 0.4967 0.4517 0.9739 -0.1538 -0.1077 0.0651  87 ALA A CB  
600 N  N   . ASN A 88 ? 0.4422 0.4480 0.8169 -0.1171 -0.0260 -0.0273 88 ASN A N   
601 C  CA  . ASN A 88 ? 0.4483 0.4954 0.8294 -0.1254 0.0141  -0.0450 88 ASN A CA  
602 C  C   . ASN A 88 ? 0.4589 0.4855 0.8990 -0.0886 -0.0157 -0.0945 88 ASN A C   
603 O  O   . ASN A 88 ? 0.5140 0.5659 1.0307 -0.1020 -0.0063 -0.1015 88 ASN A O   
604 C  CB  . ASN A 88 ? 0.4301 0.4990 0.7213 -0.1197 0.0530  -0.0647 88 ASN A CB  
605 C  CG  . ASN A 88 ? 0.4570 0.5741 0.6952 -0.1525 0.0835  -0.0342 88 ASN A CG  
606 O  OD1 . ASN A 88 ? 0.4732 0.6182 0.7303 -0.1828 0.0860  0.0183  88 ASN A OD1 
607 N  ND2 . ASN A 88 ? 0.4422 0.5749 0.6263 -0.1429 0.1001  -0.0642 88 ASN A ND2 
608 N  N   . ILE A 89 ? 0.4808 0.4755 0.8801 -0.0371 -0.0496 -0.1282 89 ILE A N   
609 C  CA  . ILE A 89 ? 0.5006 0.4883 0.9343 0.0111  -0.0873 -0.1773 89 ILE A CA  
610 C  C   . ILE A 89 ? 0.5466 0.5184 1.1094 0.0178  -0.1482 -0.2034 89 ILE A C   
611 O  O   . ILE A 89 ? 0.5511 0.5274 1.1941 0.0286  -0.1694 -0.2351 89 ILE A O   
612 C  CB  . ILE A 89 ? 0.5289 0.5171 0.8672 0.0733  -0.1006 -0.1941 89 ILE A CB  
613 C  CG1 . ILE A 89 ? 0.5279 0.5318 0.8079 0.0671  -0.0498 -0.1667 89 ILE A CG1 
614 C  CG2 . ILE A 89 ? 0.5849 0.5821 0.9382 0.1405  -0.1565 -0.2478 89 ILE A CG2 
615 C  CD1 . ILE A 89 ? 0.5637 0.5794 0.7661 0.1028  -0.0391 -0.1408 89 ILE A CD1 
616 N  N   . LEU A 90 ? 0.5798 0.5307 1.1843 0.0143  -0.1850 -0.1943 90 LEU A N   
617 C  CA  . LEU A 90 ? 0.6371 0.5671 1.4121 0.0193  -0.2574 -0.2195 90 LEU A CA  
618 C  C   . LEU A 90 ? 0.6282 0.5753 1.5393 -0.0479 -0.2302 -0.1593 90 LEU A C   
619 O  O   . LEU A 90 ? 0.7172 0.6591 1.7930 -0.0456 -0.2754 -0.1818 90 LEU A O   
620 C  CB  . LEU A 90 ? 0.6358 0.5393 1.4493 0.0329  -0.3108 -0.2255 90 LEU A CB  
621 N  N   . SER A 91 ? 0.6402 0.6209 1.4863 -0.1034 -0.1565 -0.0828 91 SER A N   
622 C  CA  . SER A 91 ? 0.6530 0.6876 1.5937 -0.1633 -0.1087 -0.0114 91 SER A CA  
623 C  C   . SER A 91 ? 0.6606 0.7282 1.6412 -0.1576 -0.0830 -0.0495 91 SER A C   
624 O  O   . SER A 91 ? 0.6509 0.7576 1.7841 -0.1902 -0.0711 -0.0140 91 SER A O   
625 C  CB  . SER A 91 ? 0.6615 0.7503 1.4746 -0.2032 -0.0345 0.0567  91 SER A CB  
626 N  N   . GLY A 92 ? 0.6881 0.7472 1.5465 -0.1189 -0.0710 -0.1114 92 GLY A N   
627 C  CA  . GLY A 92 ? 0.7328 0.8202 1.6329 -0.1113 -0.0518 -0.1503 92 GLY A CA  
628 C  C   . GLY A 92 ? 0.7600 0.9281 1.6231 -0.1524 0.0343  -0.1176 92 GLY A C   
629 O  O   . GLY A 92 ? 0.8240 1.0376 1.6485 -0.1892 0.0758  -0.0549 92 GLY A O   
# 
